data_9E2M
#
_entry.id   9E2M
#
loop_
_entity.id
_entity.type
_entity.pdbx_description
1 polymer 'Variediene synthase'
2 non-polymer 'PYROPHOSPHATE 2-'
#
_entity_poly.entity_id   1
_entity_poly.type   'polypeptide(L)'
_entity_poly.pdbx_seq_one_letter_code
;MGSSHHHHHHSSGLVPRGSHMSQSSDFILNSTLSSVVERSTPDIAGFCSGYELRRHHHEHLANEGSLRCRTDWEQFIGPI
ERWGSCNPWEGHFGAVVLPFCKPERLAVICYIFEYAFLYDNVVESAAKSTLNLNTDNIALDETEYRTVRSILGTKQIQSK
MLLELLSIDAPRAEVVINSWKEMISTTAKKDKTRAFNNLEEYVDYRIIDTGAPFVDMLMRFGMGIMLTQEEQKRIEPIVK
PCYAALGLANDYFSFDIEWEEFQAESDKTTMTNAVWLFMQWENLNAEQAKRRVQEVTKQYEQQYLRNIADFAAGEGKENI
KLQTYLKAQGYQVPGNVAWSLRCPRYHPWLCKEAASLLHQDTIQELEAGRKPQALEEYRSRSHSESDLSDASPTFWSGSC
RSSARSSVSSAFGPPDKDISITPAILGDEHLLGPAEYISSLPSKGVREAFIDGLNVWLVLPDHRVNQLKSIAQTLHNASL
MLDDIEDHSPLRRGRPSTHMIFGTEQTINSANFLLIDVMEKVRQLDDPRCMDIYLEEMRNLFIGQSFDLYWTRNGECPSE
EQYLDMIRQKTGGLFRLLTRMMVQIAPVQQKGLETQLASLSDVLGEFFQVRDDYKNLTEEYTGQKGFCEDLDECKFSYPL
IHALTSQPKNVQLRGILQQSRSAGGLDVPLKETVLSHLRQAGSIEYTEAKMGELMEKITDSVVSLEGETGSPNWVVRLLI
HRLKV
;
_entity_poly.pdbx_strand_id   A,B,C,D,E,F
#
loop_
_chem_comp.id
_chem_comp.type
_chem_comp.name
_chem_comp.formula
POP non-polymer 'PYROPHOSPHATE 2-' 'H2 O7 P2 -2'
#
# COMPACT_ATOMS: atom_id res chain seq x y z
N LEU A 426 -28.09 0.04 -21.99
CA LEU A 426 -27.37 1.02 -21.18
C LEU A 426 -28.30 1.81 -20.28
N GLY A 427 -28.42 1.38 -19.03
CA GLY A 427 -29.23 2.11 -18.08
C GLY A 427 -28.68 2.07 -16.67
N ASP A 428 -28.40 3.24 -16.09
CA ASP A 428 -27.89 3.39 -14.73
C ASP A 428 -26.72 2.45 -14.46
N GLU A 429 -26.52 2.12 -13.18
CA GLU A 429 -25.39 1.36 -12.61
C GLU A 429 -24.03 1.78 -13.15
N HIS A 430 -22.97 1.46 -12.40
CA HIS A 430 -21.61 1.92 -12.69
C HIS A 430 -21.52 3.43 -12.51
N LEU A 431 -22.66 4.06 -12.23
CA LEU A 431 -22.77 5.49 -11.98
C LEU A 431 -23.30 5.77 -10.58
N LEU A 432 -24.43 5.17 -10.22
CA LEU A 432 -25.00 5.30 -8.90
C LEU A 432 -24.38 4.33 -7.89
N GLY A 433 -23.64 3.33 -8.35
CA GLY A 433 -23.05 2.34 -7.48
C GLY A 433 -22.11 2.93 -6.45
N PRO A 434 -21.12 3.70 -6.90
CA PRO A 434 -20.29 4.44 -5.94
C PRO A 434 -21.10 5.39 -5.08
N ALA A 435 -22.20 5.93 -5.61
CA ALA A 435 -23.06 6.80 -4.83
C ALA A 435 -23.85 6.02 -3.78
N GLU A 436 -24.32 4.83 -4.11
CA GLU A 436 -25.05 4.02 -3.12
C GLU A 436 -24.12 3.42 -2.07
N TYR A 437 -22.88 3.12 -2.42
CA TYR A 437 -21.98 2.51 -1.44
C TYR A 437 -21.70 3.46 -0.29
N ILE A 438 -21.48 4.75 -0.58
CA ILE A 438 -21.19 5.70 0.47
C ILE A 438 -22.44 6.10 1.25
N SER A 439 -23.63 5.91 0.66
CA SER A 439 -24.85 6.22 1.37
C SER A 439 -25.16 5.16 2.42
N SER A 440 -24.90 3.89 2.10
CA SER A 440 -25.11 2.79 3.05
C SER A 440 -23.85 2.65 3.90
N LEU A 441 -23.60 3.65 4.72
CA LEU A 441 -22.45 3.69 5.60
C LEU A 441 -22.84 4.40 6.89
N PRO A 442 -22.22 4.08 8.02
CA PRO A 442 -22.56 4.77 9.27
C PRO A 442 -22.25 6.26 9.19
N SER A 443 -23.14 7.06 9.78
CA SER A 443 -22.99 8.51 9.75
C SER A 443 -23.58 9.09 11.03
N LYS A 444 -22.95 10.15 11.54
CA LYS A 444 -23.43 10.79 12.76
C LYS A 444 -24.73 11.53 12.52
N GLY A 445 -24.79 12.31 11.44
CA GLY A 445 -25.99 13.05 11.11
C GLY A 445 -25.99 14.47 11.67
N VAL A 446 -24.90 15.19 11.43
CA VAL A 446 -24.79 16.55 11.94
C VAL A 446 -25.66 17.51 11.13
N ARG A 447 -25.61 17.42 9.80
CA ARG A 447 -26.30 18.40 8.96
C ARG A 447 -27.82 18.22 9.02
N GLU A 448 -28.29 16.98 9.06
CA GLU A 448 -29.73 16.74 9.19
C GLU A 448 -30.26 17.28 10.50
N ALA A 449 -29.52 17.07 11.59
CA ALA A 449 -29.93 17.61 12.89
C ALA A 449 -29.87 19.13 12.89
N PHE A 450 -28.89 19.72 12.17
CA PHE A 450 -28.82 21.16 12.05
C PHE A 450 -30.05 21.70 11.34
N ILE A 451 -30.47 21.04 10.26
CA ILE A 451 -31.69 21.45 9.57
C ILE A 451 -32.89 21.34 10.48
N ASP A 452 -33.02 20.22 11.21
CA ASP A 452 -34.17 20.02 12.07
C ASP A 452 -34.19 21.00 13.24
N GLY A 453 -33.04 21.44 13.72
CA GLY A 453 -32.95 22.44 14.75
C GLY A 453 -33.18 23.86 14.27
N LEU A 454 -32.86 24.15 13.01
CA LEU A 454 -33.21 25.43 12.41
C LEU A 454 -34.69 25.52 12.06
N ASN A 455 -35.33 24.39 11.79
CA ASN A 455 -36.76 24.36 11.52
C ASN A 455 -37.59 24.84 12.70
N VAL A 456 -37.11 24.68 13.93
CA VAL A 456 -37.85 25.18 15.09
C VAL A 456 -38.02 26.68 15.02
N TRP A 457 -36.99 27.41 14.60
CA TRP A 457 -37.08 28.84 14.38
C TRP A 457 -37.79 29.22 13.10
N LEU A 458 -37.63 28.44 12.02
CA LEU A 458 -38.15 28.84 10.72
C LEU A 458 -39.51 28.25 10.36
N VAL A 459 -39.89 27.09 10.91
CA VAL A 459 -41.21 26.49 10.73
C VAL A 459 -41.52 26.24 9.26
N LEU A 460 -41.14 25.07 8.76
CA LEU A 460 -41.36 24.65 7.38
C LEU A 460 -42.12 23.33 7.33
N PRO A 461 -42.84 23.06 6.24
CA PRO A 461 -43.51 21.76 6.11
C PRO A 461 -42.52 20.62 6.04
N ASP A 462 -42.97 19.44 6.49
CA ASP A 462 -42.09 18.28 6.53
C ASP A 462 -41.61 17.89 5.14
N HIS A 463 -42.42 18.16 4.12
CA HIS A 463 -42.03 17.85 2.74
C HIS A 463 -40.78 18.62 2.34
N ARG A 464 -40.81 19.94 2.55
CA ARG A 464 -39.67 20.78 2.20
C ARG A 464 -38.46 20.46 3.05
N VAL A 465 -38.67 20.15 4.33
CA VAL A 465 -37.57 19.77 5.21
C VAL A 465 -36.91 18.48 4.72
N ASN A 466 -37.70 17.49 4.31
CA ASN A 466 -37.14 16.26 3.76
C ASN A 466 -36.39 16.50 2.46
N GLN A 467 -36.91 17.36 1.59
CA GLN A 467 -36.20 17.70 0.35
C GLN A 467 -34.85 18.32 0.65
N LEU A 468 -34.82 19.29 1.57
CA LEU A 468 -33.56 19.94 1.94
C LEU A 468 -32.60 18.96 2.57
N LYS A 469 -33.12 18.04 3.39
CA LYS A 469 -32.27 17.02 3.99
C LYS A 469 -31.65 16.11 2.93
N SER A 470 -32.43 15.74 1.92
CA SER A 470 -31.88 14.93 0.83
C SER A 470 -30.79 15.69 0.08
N ILE A 471 -31.00 16.98 -0.18
CA ILE A 471 -30.01 17.81 -0.85
C ILE A 471 -28.71 17.80 -0.06
N ALA A 472 -28.82 18.06 1.25
CA ALA A 472 -27.65 18.11 2.12
C ALA A 472 -26.92 16.77 2.15
N GLN A 473 -27.68 15.68 2.26
CA GLN A 473 -27.08 14.35 2.29
C GLN A 473 -26.29 14.06 1.02
N THR A 474 -26.89 14.35 -0.13
CA THR A 474 -26.21 14.10 -1.40
C THR A 474 -24.94 14.94 -1.51
N LEU A 475 -25.02 16.21 -1.12
CA LEU A 475 -23.86 17.09 -1.20
C LEU A 475 -22.73 16.57 -0.32
N HIS A 476 -23.06 16.17 0.91
CA HIS A 476 -22.04 15.67 1.83
C HIS A 476 -21.41 14.38 1.29
N ASN A 477 -22.23 13.50 0.73
CA ASN A 477 -21.71 12.25 0.19
C ASN A 477 -20.74 12.51 -0.97
N ALA A 478 -21.10 13.42 -1.87
CA ALA A 478 -20.20 13.76 -2.97
C ALA A 478 -18.91 14.37 -2.45
N SER A 479 -19.00 15.24 -1.44
CA SER A 479 -17.82 15.85 -0.86
C SER A 479 -16.89 14.80 -0.27
N LEU A 480 -17.44 13.84 0.47
CA LEU A 480 -16.62 12.78 1.04
C LEU A 480 -15.99 11.92 -0.03
N MET A 481 -16.77 11.56 -1.07
CA MET A 481 -16.21 10.82 -2.19
C MET A 481 -15.00 11.50 -2.77
N LEU A 482 -15.12 12.79 -3.10
CA LEU A 482 -14.00 13.51 -3.68
C LEU A 482 -12.83 13.68 -2.71
N ASP A 483 -13.09 13.96 -1.44
CA ASP A 483 -12.05 14.21 -0.46
C ASP A 483 -11.27 12.95 -0.10
N ASP A 484 -11.87 11.76 -0.23
CA ASP A 484 -11.14 10.53 0.00
C ASP A 484 -10.15 10.21 -1.11
N ILE A 485 -10.47 10.54 -2.37
CA ILE A 485 -9.52 10.37 -3.46
C ILE A 485 -8.33 11.30 -3.28
N GLU A 486 -8.60 12.56 -2.95
CA GLU A 486 -7.51 13.51 -2.76
C GLU A 486 -7.04 13.52 -1.31
N ASP A 487 -6.89 12.35 -0.71
CA ASP A 487 -6.18 12.21 0.55
C ASP A 487 -5.44 10.88 0.59
N HIS A 488 -5.55 10.11 -0.49
CA HIS A 488 -5.02 8.74 -0.56
C HIS A 488 -5.42 7.92 0.66
N SER A 489 -6.67 8.08 1.10
CA SER A 489 -7.12 7.39 2.31
C SER A 489 -7.73 6.04 1.94
N PRO A 490 -7.14 4.92 2.40
CA PRO A 490 -7.68 3.61 2.06
C PRO A 490 -8.95 3.21 2.80
N LEU A 491 -9.28 3.88 3.90
CA LEU A 491 -10.41 3.46 4.72
C LEU A 491 -11.24 4.68 5.11
N ARG A 492 -12.51 4.42 5.41
CA ARG A 492 -13.44 5.47 5.85
C ARG A 492 -14.46 4.82 6.76
N ARG A 493 -14.61 5.36 7.98
CA ARG A 493 -15.43 4.79 9.03
C ARG A 493 -15.04 3.36 9.37
N GLY A 494 -13.78 3.00 9.17
CA GLY A 494 -13.35 1.63 9.39
C GLY A 494 -13.70 0.68 8.27
N ARG A 495 -14.32 1.14 7.21
CA ARG A 495 -14.70 0.34 6.06
C ARG A 495 -14.01 0.85 4.80
N PRO A 496 -13.83 -0.01 3.80
CA PRO A 496 -13.08 0.41 2.61
C PRO A 496 -13.74 1.60 1.91
N SER A 497 -12.89 2.48 1.37
CA SER A 497 -13.37 3.68 0.71
C SER A 497 -13.99 3.33 -0.64
N THR A 498 -14.61 4.34 -1.26
CA THR A 498 -15.29 4.12 -2.52
C THR A 498 -14.32 3.86 -3.66
N HIS A 499 -13.17 4.54 -3.65
CA HIS A 499 -12.21 4.36 -4.73
C HIS A 499 -11.41 3.07 -4.61
N MET A 500 -11.52 2.34 -3.50
CA MET A 500 -10.91 1.03 -3.34
C MET A 500 -11.87 -0.09 -3.70
N ILE A 501 -13.09 0.25 -4.14
CA ILE A 501 -14.04 -0.74 -4.61
C ILE A 501 -14.50 -0.48 -6.04
N PHE A 502 -14.52 0.78 -6.50
CA PHE A 502 -15.02 1.08 -7.83
C PHE A 502 -13.98 1.73 -8.74
N GLY A 503 -12.79 2.01 -8.24
CA GLY A 503 -11.81 2.72 -9.03
C GLY A 503 -11.93 4.22 -8.87
N THR A 504 -10.81 4.92 -9.09
CA THR A 504 -10.82 6.37 -8.93
C THR A 504 -11.64 7.06 -10.00
N GLU A 505 -11.51 6.63 -11.26
CA GLU A 505 -12.23 7.27 -12.35
C GLU A 505 -13.75 7.10 -12.21
N GLN A 506 -14.21 5.90 -11.86
CA GLN A 506 -15.63 5.69 -11.66
C GLN A 506 -16.17 6.54 -10.52
N THR A 507 -15.42 6.64 -9.42
CA THR A 507 -15.86 7.47 -8.30
C THR A 507 -15.90 8.94 -8.69
N ILE A 508 -14.91 9.40 -9.46
CA ILE A 508 -14.92 10.78 -9.92
C ILE A 508 -16.15 11.04 -10.80
N ASN A 509 -16.46 10.10 -11.68
CA ASN A 509 -17.63 10.24 -12.54
C ASN A 509 -18.92 10.30 -11.72
N SER A 510 -19.04 9.42 -10.72
CA SER A 510 -20.24 9.41 -9.89
C SER A 510 -20.38 10.71 -9.10
N ALA A 511 -19.28 11.19 -8.52
CA ALA A 511 -19.29 12.44 -7.79
C ALA A 511 -19.57 13.65 -8.70
N ASN A 512 -19.15 13.58 -9.96
CA ASN A 512 -19.51 14.61 -10.93
C ASN A 512 -20.99 14.59 -11.26
N PHE A 513 -21.56 13.40 -11.42
CA PHE A 513 -23.00 13.30 -11.67
C PHE A 513 -23.81 13.80 -10.48
N LEU A 514 -23.36 13.53 -9.25
CA LEU A 514 -24.15 13.89 -8.08
C LEU A 514 -24.39 15.39 -7.98
N LEU A 515 -23.52 16.22 -8.56
CA LEU A 515 -23.77 17.66 -8.58
C LEU A 515 -24.87 18.03 -9.57
N ILE A 516 -24.93 17.35 -10.71
CA ILE A 516 -26.04 17.53 -11.63
C ILE A 516 -27.34 17.05 -11.00
N ASP A 517 -27.29 15.94 -10.26
CA ASP A 517 -28.48 15.41 -9.62
C ASP A 517 -28.99 16.35 -8.53
N VAL A 518 -28.10 17.05 -7.82
CA VAL A 518 -28.52 17.98 -6.81
C VAL A 518 -29.25 19.17 -7.43
N MET A 519 -28.78 19.68 -8.56
CA MET A 519 -29.45 20.78 -9.24
C MET A 519 -30.81 20.39 -9.81
N GLU A 520 -31.10 19.10 -9.93
CA GLU A 520 -32.45 18.65 -10.22
C GLU A 520 -33.37 18.73 -9.01
N LYS A 521 -32.80 18.76 -7.80
CA LYS A 521 -33.60 18.85 -6.58
C LYS A 521 -33.86 20.30 -6.21
N VAL A 522 -32.86 21.15 -6.37
CA VAL A 522 -33.01 22.57 -6.05
C VAL A 522 -34.11 23.20 -6.88
N ARG A 523 -34.21 22.80 -8.15
CA ARG A 523 -35.28 23.27 -9.03
C ARG A 523 -36.66 22.81 -8.60
N GLN A 524 -36.75 21.71 -7.86
CA GLN A 524 -38.03 21.19 -7.38
C GLN A 524 -38.45 21.83 -6.07
N LEU A 525 -37.66 22.76 -5.55
CA LEU A 525 -38.06 23.56 -4.40
C LEU A 525 -39.00 24.70 -4.79
N ASP A 526 -39.23 24.89 -6.09
CA ASP A 526 -40.19 25.87 -6.61
C ASP A 526 -39.80 27.30 -6.20
N ASP A 527 -38.58 27.68 -6.56
CA ASP A 527 -38.15 29.06 -6.36
C ASP A 527 -36.96 29.38 -7.26
N PRO A 528 -37.06 30.42 -8.09
CA PRO A 528 -35.91 30.79 -8.92
C PRO A 528 -34.73 31.31 -8.13
N ARG A 529 -34.94 31.80 -6.91
CA ARG A 529 -33.88 32.39 -6.11
C ARG A 529 -33.09 31.34 -5.32
N CYS A 530 -33.52 30.09 -5.35
CA CYS A 530 -32.76 29.01 -4.72
C CYS A 530 -31.64 28.50 -5.59
N MET A 531 -31.68 28.74 -6.90
CA MET A 531 -30.59 28.39 -7.80
C MET A 531 -29.42 29.36 -7.68
N ASP A 532 -29.70 30.65 -7.52
CA ASP A 532 -28.63 31.63 -7.36
C ASP A 532 -27.81 31.37 -6.10
N ILE A 533 -28.49 31.03 -4.99
CA ILE A 533 -27.78 30.70 -3.76
C ILE A 533 -26.89 29.49 -3.96
N TYR A 534 -27.41 28.44 -4.60
CA TYR A 534 -26.62 27.24 -4.87
C TYR A 534 -25.39 27.57 -5.70
N LEU A 535 -25.57 28.31 -6.79
CA LEU A 535 -24.50 28.61 -7.72
C LEU A 535 -23.51 29.65 -7.17
N GLU A 536 -23.90 30.40 -6.15
CA GLU A 536 -23.00 31.36 -5.53
C GLU A 536 -22.27 30.85 -4.29
N GLU A 537 -22.77 29.79 -3.63
CA GLU A 537 -22.00 29.21 -2.54
C GLU A 537 -21.23 27.95 -2.94
N MET A 538 -21.61 27.27 -4.01
CA MET A 538 -20.71 26.27 -4.58
C MET A 538 -19.41 26.89 -5.04
N ARG A 539 -19.46 28.12 -5.56
CA ARG A 539 -18.26 28.86 -5.90
C ARG A 539 -17.34 29.00 -4.69
N ASN A 540 -17.91 29.40 -3.54
CA ASN A 540 -17.11 29.59 -2.35
C ASN A 540 -16.54 28.27 -1.83
N LEU A 541 -17.34 27.20 -1.88
CA LEU A 541 -16.85 25.89 -1.50
C LEU A 541 -15.64 25.49 -2.33
N PHE A 542 -15.73 25.65 -3.65
CA PHE A 542 -14.63 25.29 -4.52
C PHE A 542 -13.42 26.19 -4.33
N ILE A 543 -13.64 27.48 -4.07
CA ILE A 543 -12.51 28.38 -3.80
C ILE A 543 -11.76 27.96 -2.55
N GLY A 544 -12.50 27.61 -1.48
CA GLY A 544 -11.83 27.14 -0.28
C GLY A 544 -11.06 25.85 -0.48
N GLN A 545 -11.69 24.89 -1.15
CA GLN A 545 -11.00 23.62 -1.40
C GLN A 545 -9.79 23.80 -2.30
N SER A 546 -9.82 24.78 -3.22
CA SER A 546 -8.68 25.04 -4.08
C SER A 546 -7.46 25.47 -3.27
N PHE A 547 -7.65 26.40 -2.32
CA PHE A 547 -6.54 26.82 -1.47
C PHE A 547 -6.06 25.67 -0.59
N ASP A 548 -6.98 24.87 -0.07
CA ASP A 548 -6.57 23.72 0.72
C ASP A 548 -5.67 22.80 -0.09
N LEU A 549 -6.09 22.46 -1.31
CA LEU A 549 -5.29 21.57 -2.16
C LEU A 549 -3.96 22.20 -2.54
N TYR A 550 -3.95 23.50 -2.84
CA TYR A 550 -2.72 24.18 -3.20
C TYR A 550 -1.71 24.15 -2.05
N TRP A 551 -2.16 24.45 -0.83
CA TRP A 551 -1.27 24.41 0.31
C TRP A 551 -0.76 22.99 0.56
N THR A 552 -1.64 22.00 0.43
CA THR A 552 -1.23 20.62 0.66
C THR A 552 -0.17 20.17 -0.35
N ARG A 553 -0.38 20.47 -1.63
CA ARG A 553 0.53 19.98 -2.65
C ARG A 553 1.89 20.68 -2.58
N ASN A 554 1.88 22.00 -2.49
CA ASN A 554 3.11 22.78 -2.53
C ASN A 554 3.82 22.85 -1.19
N GLY A 555 3.19 22.38 -0.11
CA GLY A 555 3.82 22.44 1.20
C GLY A 555 4.08 23.84 1.71
N GLU A 556 3.18 24.77 1.45
CA GLU A 556 3.33 26.15 1.88
C GLU A 556 2.42 26.42 3.06
N CYS A 557 3.01 26.86 4.17
CA CYS A 557 2.25 27.08 5.38
C CYS A 557 1.46 28.38 5.29
N PRO A 558 0.13 28.35 5.43
CA PRO A 558 -0.63 29.59 5.44
C PRO A 558 -0.56 30.30 6.79
N SER A 559 -1.03 31.53 6.84
CA SER A 559 -1.15 32.27 8.09
C SER A 559 -2.44 31.88 8.79
N GLU A 560 -2.59 32.36 10.03
CA GLU A 560 -3.80 32.06 10.78
C GLU A 560 -5.03 32.66 10.11
N GLU A 561 -4.92 33.90 9.62
CA GLU A 561 -6.04 34.52 8.92
C GLU A 561 -6.36 33.75 7.64
N GLN A 562 -5.35 33.40 6.86
CA GLN A 562 -5.55 32.66 5.62
C GLN A 562 -6.11 31.26 5.85
N TYR A 563 -5.78 30.63 6.96
CA TYR A 563 -6.32 29.32 7.29
C TYR A 563 -7.74 29.39 7.82
N LEU A 564 -8.04 30.39 8.65
CA LEU A 564 -9.38 30.53 9.20
C LEU A 564 -10.39 31.03 8.17
N ASP A 565 -9.97 31.81 7.18
CA ASP A 565 -10.88 32.23 6.13
C ASP A 565 -11.16 31.11 5.13
N MET A 566 -10.23 30.16 4.97
CA MET A 566 -10.47 29.02 4.11
C MET A 566 -11.46 28.04 4.70
N ILE A 567 -11.31 27.69 5.98
CA ILE A 567 -12.21 26.73 6.61
C ILE A 567 -13.57 27.30 6.89
N ARG A 568 -13.72 28.62 6.85
CA ARG A 568 -15.01 29.28 6.90
C ARG A 568 -15.72 29.22 5.56
N GLN A 569 -14.97 29.05 4.47
CA GLN A 569 -15.53 28.95 3.14
C GLN A 569 -15.57 27.52 2.61
N LYS A 570 -15.02 26.55 3.35
CA LYS A 570 -14.99 25.16 2.93
C LYS A 570 -15.85 24.27 3.81
N THR A 571 -15.62 24.25 5.12
CA THR A 571 -16.43 23.46 6.03
C THR A 571 -17.69 24.19 6.48
N GLY A 572 -17.76 25.51 6.26
CA GLY A 572 -18.93 26.27 6.62
C GLY A 572 -19.71 26.73 5.41
N GLY A 573 -19.57 26.03 4.30
CA GLY A 573 -20.28 26.38 3.08
C GLY A 573 -21.58 25.63 2.92
N LEU A 574 -21.58 24.35 3.31
CA LEU A 574 -22.81 23.58 3.28
C LEU A 574 -23.83 24.14 4.27
N PHE A 575 -23.38 24.50 5.47
CA PHE A 575 -24.26 25.10 6.46
C PHE A 575 -24.88 26.39 5.94
N ARG A 576 -24.07 27.22 5.28
CA ARG A 576 -24.60 28.47 4.73
C ARG A 576 -25.60 28.20 3.61
N LEU A 577 -25.33 27.20 2.77
CA LEU A 577 -26.31 26.79 1.76
C LEU A 577 -27.64 26.43 2.40
N LEU A 578 -27.60 25.53 3.39
CA LEU A 578 -28.83 25.06 4.01
C LEU A 578 -29.57 26.21 4.68
N THR A 579 -28.83 27.06 5.40
CA THR A 579 -29.44 28.22 6.05
C THR A 579 -30.13 29.11 5.03
N ARG A 580 -29.35 29.65 4.08
CA ARG A 580 -29.89 30.64 3.15
C ARG A 580 -31.00 30.08 2.28
N MET A 581 -31.03 28.75 2.06
CA MET A 581 -32.17 28.18 1.36
C MET A 581 -33.38 28.06 2.28
N MET A 582 -33.16 27.73 3.55
CA MET A 582 -34.26 27.60 4.49
C MET A 582 -34.94 28.93 4.75
N VAL A 583 -34.17 30.01 4.84
CA VAL A 583 -34.71 31.33 5.14
C VAL A 583 -35.27 31.95 3.87
N GLN A 584 -35.26 31.18 2.77
CA GLN A 584 -35.91 31.60 1.54
C GLN A 584 -37.24 30.90 1.28
N ILE A 585 -37.39 29.62 1.67
CA ILE A 585 -38.65 28.92 1.63
C ILE A 585 -39.49 29.17 2.87
N ALA A 586 -38.91 29.77 3.92
CA ALA A 586 -39.62 30.03 5.16
C ALA A 586 -40.76 31.01 4.91
N PRO A 587 -41.97 30.72 5.40
CA PRO A 587 -43.12 31.59 5.10
C PRO A 587 -42.92 33.03 5.54
N VAL A 588 -42.77 33.91 4.54
CA VAL A 588 -42.51 35.35 4.64
C VAL A 588 -41.88 35.70 5.98
N GLN A 589 -42.40 36.74 6.64
CA GLN A 589 -41.97 37.24 7.96
C GLN A 589 -40.49 37.04 8.28
N GLN A 590 -40.11 35.79 8.56
CA GLN A 590 -38.76 35.54 9.06
C GLN A 590 -37.74 35.58 7.94
N LYS A 591 -37.33 36.79 7.55
CA LYS A 591 -36.27 36.96 6.56
C LYS A 591 -35.17 37.86 7.12
N GLY A 592 -35.49 38.61 8.18
CA GLY A 592 -34.49 39.41 8.87
C GLY A 592 -33.56 38.61 9.75
N LEU A 593 -33.83 37.32 9.92
CA LEU A 593 -32.99 36.45 10.73
C LEU A 593 -31.77 35.94 9.97
N GLU A 594 -31.63 36.28 8.70
CA GLU A 594 -30.62 35.65 7.86
C GLU A 594 -29.20 35.97 8.32
N THR A 595 -28.97 37.22 8.73
CA THR A 595 -27.62 37.63 9.09
C THR A 595 -27.09 36.86 10.29
N GLN A 596 -27.86 36.82 11.38
CA GLN A 596 -27.45 36.08 12.55
C GLN A 596 -27.37 34.59 12.27
N LEU A 597 -28.34 34.08 11.49
CA LEU A 597 -28.34 32.66 11.15
C LEU A 597 -27.18 32.28 10.23
N ALA A 598 -26.59 33.25 9.53
CA ALA A 598 -25.43 32.97 8.71
C ALA A 598 -24.12 33.10 9.49
N SER A 599 -24.05 34.07 10.40
CA SER A 599 -22.91 34.14 11.30
C SER A 599 -22.82 32.89 12.16
N LEU A 600 -23.96 32.36 12.59
CA LEU A 600 -23.99 31.11 13.33
C LEU A 600 -23.45 29.97 12.49
N SER A 601 -23.83 29.89 11.21
CA SER A 601 -23.34 28.85 10.33
C SER A 601 -21.83 28.93 10.15
N ASP A 602 -21.31 30.14 9.95
CA ASP A 602 -19.86 30.31 9.81
C ASP A 602 -19.10 29.92 11.07
N VAL A 603 -19.55 30.36 12.24
CA VAL A 603 -18.85 30.00 13.47
C VAL A 603 -18.96 28.51 13.74
N LEU A 604 -20.10 27.88 13.39
CA LEU A 604 -20.22 26.44 13.53
C LEU A 604 -19.26 25.69 12.61
N GLY A 605 -19.09 26.14 11.38
CA GLY A 605 -18.13 25.52 10.48
C GLY A 605 -16.71 25.61 11.00
N GLU A 606 -16.34 26.80 11.49
CA GLU A 606 -15.01 26.95 12.08
C GLU A 606 -14.83 26.03 13.28
N PHE A 607 -15.84 25.95 14.15
CA PHE A 607 -15.75 25.08 15.32
C PHE A 607 -15.60 23.63 14.92
N PHE A 608 -16.38 23.17 13.95
CA PHE A 608 -16.28 21.79 13.50
C PHE A 608 -14.93 21.47 12.86
N GLN A 609 -14.32 22.41 12.16
CA GLN A 609 -12.98 22.12 11.63
C GLN A 609 -11.92 22.07 12.72
N VAL A 610 -11.94 23.03 13.65
CA VAL A 610 -10.92 23.06 14.70
C VAL A 610 -11.07 21.85 15.61
N ARG A 611 -12.31 21.41 15.87
CA ARG A 611 -12.54 20.25 16.71
C ARG A 611 -11.91 19.00 16.10
N ASP A 612 -12.10 18.81 14.79
CA ASP A 612 -11.49 17.66 14.12
C ASP A 612 -9.97 17.77 14.13
N ASP A 613 -9.45 18.98 13.94
CA ASP A 613 -8.02 19.21 13.96
C ASP A 613 -7.43 18.77 15.29
N TYR A 614 -8.09 19.15 16.38
CA TYR A 614 -7.68 18.70 17.71
C TYR A 614 -7.81 17.19 17.87
N LYS A 615 -8.94 16.62 17.44
CA LYS A 615 -9.20 15.22 17.71
C LYS A 615 -8.21 14.31 17.00
N ASN A 616 -7.85 14.64 15.76
CA ASN A 616 -6.89 13.82 15.02
C ASN A 616 -5.53 13.81 15.72
N LEU A 617 -5.11 14.96 16.23
CA LEU A 617 -3.78 15.09 16.81
C LEU A 617 -3.73 14.55 18.23
N THR A 618 -4.47 15.17 19.15
CA THR A 618 -4.28 14.92 20.57
C THR A 618 -4.58 13.47 20.94
N GLU A 619 -5.74 12.96 20.54
CA GLU A 619 -5.98 11.53 20.68
C GLU A 619 -5.84 10.86 19.32
N LEU A 631 -1.35 14.20 9.28
CA LEU A 631 -0.12 14.80 8.79
C LEU A 631 0.63 13.84 7.87
N ASP A 632 0.11 12.62 7.75
CA ASP A 632 0.68 11.66 6.81
C ASP A 632 0.53 12.14 5.39
N GLU A 633 -0.62 12.75 5.07
CA GLU A 633 -0.87 13.35 3.77
C GLU A 633 -0.39 14.80 3.70
N CYS A 634 0.27 15.28 4.74
CA CYS A 634 0.74 16.66 4.85
C CYS A 634 -0.41 17.65 4.75
N LYS A 635 -1.33 17.51 5.70
CA LYS A 635 -2.45 18.42 5.88
C LYS A 635 -2.15 19.37 7.02
N PHE A 636 -2.21 20.66 6.74
CA PHE A 636 -2.01 21.66 7.78
C PHE A 636 -3.23 21.75 8.68
N SER A 637 -2.98 22.21 9.91
CA SER A 637 -4.03 22.31 10.91
C SER A 637 -3.74 23.48 11.81
N TYR A 638 -4.73 23.87 12.61
CA TYR A 638 -4.55 24.98 13.55
C TYR A 638 -3.40 24.75 14.53
N PRO A 639 -3.23 23.57 15.15
CA PRO A 639 -2.06 23.38 16.02
C PRO A 639 -0.73 23.57 15.30
N LEU A 640 -0.66 23.17 14.03
CA LEU A 640 0.60 23.18 13.31
C LEU A 640 1.04 24.59 12.93
N ILE A 641 0.11 25.46 12.58
CA ILE A 641 0.46 26.82 12.17
C ILE A 641 1.04 27.59 13.34
N HIS A 642 0.48 27.40 14.54
CA HIS A 642 1.03 28.06 15.72
C HIS A 642 2.46 27.61 15.98
N ALA A 643 2.72 26.30 15.83
CA ALA A 643 4.07 25.80 16.02
C ALA A 643 5.04 26.37 15.00
N LEU A 644 4.60 26.45 13.74
CA LEU A 644 5.51 26.89 12.68
C LEU A 644 5.62 28.41 12.64
N THR A 645 4.78 29.11 13.40
CA THR A 645 4.86 30.57 13.45
C THR A 645 5.64 31.03 14.68
N SER A 646 5.32 30.45 15.84
CA SER A 646 5.98 30.84 17.09
C SER A 646 7.47 30.52 17.03
N GLN A 647 7.83 29.42 16.38
CA GLN A 647 9.22 29.00 16.30
C GLN A 647 9.68 29.10 14.84
N PRO A 648 10.20 30.25 14.40
CA PRO A 648 10.65 30.35 13.01
C PRO A 648 11.99 29.70 12.77
N LYS A 649 12.55 29.05 13.79
CA LYS A 649 13.86 28.42 13.65
C LYS A 649 13.84 26.93 14.00
N ASN A 650 12.68 26.33 14.21
CA ASN A 650 12.61 24.90 14.52
C ASN A 650 12.85 24.11 13.25
N VAL A 651 14.11 23.76 12.99
CA VAL A 651 14.46 23.01 11.79
C VAL A 651 14.08 21.54 11.89
N GLN A 652 13.71 21.07 13.07
CA GLN A 652 13.38 19.66 13.24
C GLN A 652 11.96 19.35 12.78
N LEU A 653 10.99 20.19 13.14
CA LEU A 653 9.62 19.98 12.73
C LEU A 653 9.47 20.11 11.21
N ARG A 654 10.11 21.13 10.63
CA ARG A 654 10.05 21.32 9.19
C ARG A 654 10.71 20.19 8.43
N GLY A 655 11.61 19.46 9.07
CA GLY A 655 12.24 18.33 8.42
C GLY A 655 11.33 17.12 8.39
N ILE A 656 10.59 16.89 9.47
CA ILE A 656 9.62 15.81 9.48
C ILE A 656 8.44 16.10 8.56
N LEU A 657 7.98 17.35 8.52
CA LEU A 657 6.91 17.74 7.61
C LEU A 657 7.31 17.62 6.15
N GLN A 658 8.61 17.56 5.86
CA GLN A 658 9.11 17.30 4.51
C GLN A 658 9.35 15.82 4.25
N GLN A 659 9.80 15.08 5.26
CA GLN A 659 9.90 13.63 5.14
C GLN A 659 8.54 13.02 4.85
N SER A 660 7.51 13.52 5.52
CA SER A 660 6.15 13.07 5.23
C SER A 660 5.75 13.40 3.80
N ARG A 661 6.11 14.60 3.33
CA ARG A 661 5.76 15.02 1.98
C ARG A 661 6.45 14.17 0.93
N SER A 662 7.69 13.75 1.19
CA SER A 662 8.47 13.00 0.19
C SER A 662 8.16 11.51 0.27
N ALA A 663 8.32 10.91 1.45
CA ALA A 663 8.13 9.47 1.59
C ALA A 663 6.67 9.09 1.39
N GLY A 664 5.76 10.03 1.57
CA GLY A 664 4.33 9.78 1.43
C GLY A 664 3.60 9.52 2.73
N GLY A 665 4.29 9.47 3.87
CA GLY A 665 3.63 9.24 5.14
C GLY A 665 4.60 9.17 6.30
N LEU A 666 4.08 9.37 7.51
CA LEU A 666 4.89 9.32 8.72
C LEU A 666 4.61 8.03 9.47
N ASP A 667 5.67 7.28 9.76
CA ASP A 667 5.52 6.13 10.65
C ASP A 667 5.37 6.61 12.09
N VAL A 668 5.04 5.64 12.97
CA VAL A 668 4.58 5.99 14.31
C VAL A 668 5.60 6.77 15.12
N PRO A 669 6.89 6.38 15.16
CA PRO A 669 7.85 7.20 15.92
C PRO A 669 7.96 8.65 15.47
N LEU A 670 7.93 8.90 14.16
CA LEU A 670 7.97 10.28 13.69
C LEU A 670 6.70 11.02 14.05
N LYS A 671 5.55 10.36 14.01
CA LYS A 671 4.31 10.98 14.47
C LYS A 671 4.38 11.34 15.95
N GLU A 672 4.96 10.46 16.77
CA GLU A 672 5.16 10.80 18.18
C GLU A 672 6.07 12.00 18.34
N THR A 673 7.13 12.07 17.54
CA THR A 673 8.03 13.22 17.61
C THR A 673 7.32 14.51 17.25
N VAL A 674 6.50 14.49 16.19
CA VAL A 674 5.75 15.67 15.80
C VAL A 674 4.76 16.06 16.91
N LEU A 675 4.04 15.08 17.45
CA LEU A 675 3.10 15.36 18.53
C LEU A 675 3.79 15.90 19.77
N SER A 676 5.05 15.52 20.00
CA SER A 676 5.83 16.08 21.09
C SER A 676 6.33 17.49 20.83
N HIS A 677 6.70 17.82 19.59
CA HIS A 677 7.07 19.20 19.28
C HIS A 677 5.92 20.17 19.42
N LEU A 678 4.68 19.70 19.31
CA LEU A 678 3.49 20.53 19.47
C LEU A 678 3.09 20.70 20.92
N ARG A 679 3.68 19.92 21.84
CA ARG A 679 3.40 20.05 23.26
C ARG A 679 4.48 20.89 23.96
N GLN A 680 5.42 21.43 23.17
CA GLN A 680 6.41 22.35 23.70
C GLN A 680 6.23 23.78 23.22
N ALA A 681 5.53 24.03 22.12
CA ALA A 681 5.21 25.38 21.69
C ALA A 681 3.87 25.86 22.20
N GLY A 682 3.18 25.06 23.01
CA GLY A 682 1.87 25.41 23.51
C GLY A 682 0.83 25.46 22.42
N SER A 683 0.88 24.50 21.50
CA SER A 683 -0.05 24.43 20.39
C SER A 683 -1.26 23.56 20.66
N ILE A 684 -1.34 22.93 21.83
CA ILE A 684 -2.48 22.10 22.19
C ILE A 684 -3.31 22.84 23.23
N GLU A 685 -2.88 24.05 23.58
CA GLU A 685 -3.60 24.88 24.53
C GLU A 685 -4.14 26.11 23.83
N TYR A 686 -3.39 26.57 22.82
CA TYR A 686 -3.87 27.62 21.93
C TYR A 686 -5.12 27.16 21.19
N THR A 687 -5.15 25.90 20.77
CA THR A 687 -6.35 25.32 20.18
C THR A 687 -7.51 25.30 21.17
N GLU A 688 -7.22 25.00 22.44
CA GLU A 688 -8.28 25.00 23.45
C GLU A 688 -8.85 26.40 23.66
N ALA A 689 -7.98 27.40 23.68
CA ALA A 689 -8.46 28.78 23.79
C ALA A 689 -9.36 29.14 22.61
N LYS A 690 -8.95 28.77 21.40
CA LYS A 690 -9.78 29.05 20.23
C LYS A 690 -11.11 28.33 20.30
N MET A 691 -11.09 27.06 20.74
CA MET A 691 -12.31 26.28 20.85
C MET A 691 -13.27 26.90 21.85
N GLY A 692 -12.76 27.32 23.00
CA GLY A 692 -13.59 27.97 24.00
C GLY A 692 -14.19 29.28 23.52
N GLU A 693 -13.39 30.08 22.82
CA GLU A 693 -13.91 31.33 22.28
C GLU A 693 -15.01 31.07 21.26
N LEU A 694 -14.81 30.09 20.38
CA LEU A 694 -15.82 29.77 19.38
C LEU A 694 -17.11 29.29 20.03
N MET A 695 -16.99 28.45 21.06
CA MET A 695 -18.19 27.96 21.73
C MET A 695 -18.92 29.07 22.47
N GLU A 696 -18.17 30.01 23.04
CA GLU A 696 -18.79 31.19 23.63
C GLU A 696 -19.59 31.97 22.59
N LYS A 697 -19.00 32.14 21.40
CA LYS A 697 -19.72 32.84 20.33
C LYS A 697 -20.99 32.09 19.93
N ILE A 698 -20.92 30.77 19.80
CA ILE A 698 -22.11 30.00 19.44
C ILE A 698 -23.19 30.13 20.49
N THR A 699 -22.84 30.00 21.77
CA THR A 699 -23.83 30.15 22.83
C THR A 699 -24.45 31.54 22.86
N ASP A 700 -23.64 32.59 22.69
CA ASP A 700 -24.18 33.95 22.65
C ASP A 700 -25.11 34.18 21.47
N SER A 701 -24.75 33.69 20.27
CA SER A 701 -25.63 33.85 19.13
C SER A 701 -26.95 33.10 19.31
N VAL A 702 -26.87 31.88 19.86
CA VAL A 702 -28.10 31.12 20.12
C VAL A 702 -28.98 31.86 21.13
N VAL A 703 -28.38 32.42 22.18
CA VAL A 703 -29.17 33.15 23.17
C VAL A 703 -29.81 34.39 22.55
N SER A 704 -29.07 35.11 21.70
CA SER A 704 -29.64 36.28 21.05
C SER A 704 -30.83 35.91 20.17
N LEU A 705 -30.68 34.86 19.35
CA LEU A 705 -31.78 34.40 18.52
C LEU A 705 -32.97 33.90 19.34
N GLU A 706 -32.72 33.24 20.46
CA GLU A 706 -33.77 32.72 21.33
C GLU A 706 -34.47 33.83 22.09
N GLY A 707 -33.80 34.96 22.31
CA GLY A 707 -34.44 36.11 22.92
C GLY A 707 -35.19 36.94 21.90
N GLU A 708 -34.79 36.82 20.63
CA GLU A 708 -35.47 37.51 19.56
C GLU A 708 -36.69 36.74 19.04
N THR A 709 -36.72 35.42 19.19
CA THR A 709 -37.80 34.61 18.63
C THR A 709 -38.81 34.20 19.70
N GLY A 710 -38.37 33.64 20.82
CA GLY A 710 -39.31 33.18 21.82
C GLY A 710 -38.81 32.05 22.69
N SER A 711 -39.56 30.95 22.73
CA SER A 711 -39.31 29.84 23.64
C SER A 711 -38.01 29.14 23.29
N PRO A 712 -37.39 28.45 24.25
CA PRO A 712 -36.10 27.80 23.98
C PRO A 712 -36.14 26.82 22.82
N ASN A 713 -35.04 26.76 22.06
CA ASN A 713 -34.96 25.83 20.95
C ASN A 713 -34.99 24.38 21.42
N TRP A 714 -34.11 24.03 22.36
CA TRP A 714 -33.97 22.70 22.93
C TRP A 714 -33.48 21.67 21.91
N VAL A 715 -33.38 22.07 20.65
CA VAL A 715 -32.88 21.19 19.59
C VAL A 715 -31.51 21.63 19.09
N VAL A 716 -31.20 22.92 19.14
CA VAL A 716 -29.86 23.42 18.90
C VAL A 716 -29.02 23.41 20.16
N ARG A 717 -29.64 23.19 21.33
CA ARG A 717 -28.93 23.05 22.59
C ARG A 717 -28.47 21.63 22.85
N LEU A 718 -28.93 20.66 22.06
CA LEU A 718 -28.46 19.29 22.18
C LEU A 718 -27.33 18.96 21.23
N LEU A 719 -27.35 19.51 20.02
CA LEU A 719 -26.22 19.40 19.10
C LEU A 719 -25.01 20.20 19.57
N ILE A 720 -25.20 21.06 20.57
CA ILE A 720 -24.09 21.75 21.21
C ILE A 720 -23.49 20.93 22.34
N HIS A 721 -24.32 20.30 23.18
CA HIS A 721 -23.81 19.47 24.25
C HIS A 721 -23.06 18.24 23.73
N ARG A 722 -23.35 17.83 22.50
CA ARG A 722 -22.58 16.78 21.82
C ARG A 722 -21.39 17.34 21.07
N LEU A 723 -21.21 18.67 21.10
CA LEU A 723 -20.11 19.34 20.40
C LEU A 723 -20.09 18.98 18.92
N ASP B 26 -18.55 -0.10 46.66
CA ASP B 26 -19.37 0.69 45.76
C ASP B 26 -20.46 -0.18 45.12
N PHE B 27 -20.44 -1.47 45.44
CA PHE B 27 -21.37 -2.44 44.85
C PHE B 27 -22.31 -3.03 45.89
N ILE B 28 -22.78 -2.22 46.84
CA ILE B 28 -23.74 -2.66 47.85
C ILE B 28 -24.94 -1.73 47.83
N LEU B 29 -26.13 -2.31 47.76
CA LEU B 29 -27.35 -1.51 47.75
C LEU B 29 -27.52 -0.77 49.06
N ASN B 30 -27.84 0.52 48.99
CA ASN B 30 -27.98 1.37 50.16
C ASN B 30 -29.41 1.26 50.68
N SER B 31 -29.59 0.55 51.79
CA SER B 31 -30.92 0.31 52.33
C SER B 31 -31.52 1.54 53.00
N THR B 32 -30.73 2.59 53.26
CA THR B 32 -31.27 3.78 53.89
C THR B 32 -32.09 4.65 52.95
N LEU B 33 -31.97 4.45 51.64
CA LEU B 33 -32.73 5.27 50.70
C LEU B 33 -34.21 4.92 50.67
N SER B 34 -34.59 3.71 51.11
CA SER B 34 -35.97 3.30 51.10
C SER B 34 -36.23 2.40 52.30
N SER B 35 -37.49 2.36 52.71
CA SER B 35 -37.90 1.54 53.85
C SER B 35 -38.86 0.45 53.39
N VAL B 36 -38.78 -0.70 54.06
CA VAL B 36 -39.62 -1.84 53.71
C VAL B 36 -41.07 -1.50 54.01
N VAL B 37 -41.98 -1.98 53.17
CA VAL B 37 -43.41 -1.81 53.39
C VAL B 37 -43.94 -3.13 53.94
N GLU B 38 -44.58 -3.07 55.10
CA GLU B 38 -45.09 -4.28 55.73
C GLU B 38 -46.40 -4.71 55.07
N ARG B 39 -46.57 -6.03 54.93
CA ARG B 39 -47.81 -6.59 54.41
C ARG B 39 -48.23 -7.76 55.29
N SER B 40 -49.55 -7.86 55.52
CA SER B 40 -50.08 -8.89 56.39
C SER B 40 -50.11 -10.27 55.74
N THR B 41 -50.27 -10.34 54.43
CA THR B 41 -50.40 -11.61 53.73
C THR B 41 -49.10 -11.98 53.04
N PRO B 42 -48.81 -13.27 52.90
CA PRO B 42 -47.60 -13.68 52.17
C PRO B 42 -47.59 -13.22 50.71
N ASP B 43 -48.75 -13.18 50.07
CA ASP B 43 -48.86 -12.74 48.68
C ASP B 43 -49.53 -11.37 48.63
N ILE B 44 -49.66 -10.85 47.41
CA ILE B 44 -50.34 -9.58 47.15
C ILE B 44 -51.43 -9.89 46.14
N ALA B 45 -52.68 -9.96 46.60
CA ALA B 45 -53.83 -10.31 45.76
C ALA B 45 -53.58 -11.60 44.98
N GLY B 46 -52.90 -12.55 45.62
CA GLY B 46 -52.56 -13.80 44.98
C GLY B 46 -51.26 -13.76 44.18
N PHE B 47 -50.53 -12.66 44.22
CA PHE B 47 -49.27 -12.53 43.50
C PHE B 47 -48.14 -12.14 44.45
N CYS B 48 -46.92 -12.50 44.05
CA CYS B 48 -45.69 -12.10 44.74
C CYS B 48 -45.63 -12.61 46.18
N SER B 49 -45.60 -13.93 46.36
CA SER B 49 -45.31 -14.50 47.66
C SER B 49 -43.81 -14.61 47.87
N GLY B 50 -43.32 -14.07 48.98
CA GLY B 50 -41.92 -14.08 49.28
C GLY B 50 -41.14 -12.86 48.84
N TYR B 51 -41.80 -11.88 48.22
CA TYR B 51 -41.17 -10.63 47.84
C TYR B 51 -41.40 -9.60 48.94
N GLU B 52 -40.43 -8.71 49.13
CA GLU B 52 -40.57 -7.65 50.12
C GLU B 52 -40.60 -6.30 49.43
N LEU B 53 -41.62 -5.50 49.77
CA LEU B 53 -41.91 -4.25 49.08
C LEU B 53 -41.30 -3.07 49.83
N ARG B 54 -40.70 -2.15 49.09
CA ARG B 54 -40.11 -0.95 49.65
C ARG B 54 -40.65 0.28 48.94
N ARG B 55 -40.61 1.41 49.63
CA ARG B 55 -41.05 2.69 49.11
C ARG B 55 -39.96 3.70 49.40
N HIS B 56 -39.61 4.51 48.40
CA HIS B 56 -38.44 5.37 48.49
C HIS B 56 -38.67 6.46 49.53
N HIS B 57 -37.58 7.10 49.98
CA HIS B 57 -37.71 8.06 51.07
C HIS B 57 -37.92 9.48 50.58
N HIS B 58 -37.80 9.72 49.28
CA HIS B 58 -37.97 11.05 48.69
C HIS B 58 -39.05 11.10 47.62
N GLU B 59 -40.26 10.63 47.94
CA GLU B 59 -41.35 10.68 46.97
C GLU B 59 -41.67 12.10 46.52
N HIS B 60 -41.28 13.10 47.31
CA HIS B 60 -41.57 14.48 46.91
C HIS B 60 -40.83 14.85 45.64
N LEU B 61 -39.66 14.25 45.41
CA LEU B 61 -38.94 14.47 44.17
C LEU B 61 -39.60 13.79 42.98
N ALA B 62 -40.12 12.58 43.17
CA ALA B 62 -40.64 11.80 42.06
C ALA B 62 -41.83 12.47 41.41
N ASN B 63 -42.74 13.04 42.22
CA ASN B 63 -43.94 13.64 41.67
C ASN B 63 -43.60 14.90 40.87
N GLU B 64 -42.47 15.53 41.18
CA GLU B 64 -42.09 16.75 40.47
C GLU B 64 -41.81 16.48 39.00
N GLY B 65 -41.12 15.38 38.70
CA GLY B 65 -40.75 15.10 37.32
C GLY B 65 -41.96 14.81 36.45
N SER B 66 -42.91 14.03 36.97
CA SER B 66 -44.10 13.69 36.17
C SER B 66 -44.94 14.92 35.88
N LEU B 67 -45.06 15.83 36.86
CA LEU B 67 -45.86 17.04 36.65
C LEU B 67 -45.18 17.96 35.64
N ARG B 68 -43.86 17.94 35.58
CA ARG B 68 -43.15 18.73 34.58
C ARG B 68 -43.50 18.27 33.17
N CYS B 69 -43.53 16.95 32.97
CA CYS B 69 -43.87 16.43 31.65
C CYS B 69 -45.31 16.76 31.27
N ARG B 70 -46.22 16.71 32.25
CA ARG B 70 -47.60 17.07 31.98
C ARG B 70 -47.72 18.53 31.54
N THR B 71 -46.97 19.43 32.19
CA THR B 71 -46.99 20.83 31.79
C THR B 71 -46.39 21.00 30.40
N ASP B 72 -45.23 20.39 30.16
CA ASP B 72 -44.54 20.55 28.88
C ASP B 72 -45.33 19.91 27.73
N TRP B 73 -45.90 18.73 27.97
CA TRP B 73 -46.64 18.04 26.92
C TRP B 73 -47.83 18.88 26.46
N GLU B 74 -48.53 19.50 27.41
CA GLU B 74 -49.63 20.40 27.05
C GLU B 74 -49.12 21.59 26.25
N GLN B 75 -47.98 22.14 26.64
CA GLN B 75 -47.45 23.33 25.96
C GLN B 75 -47.03 23.00 24.54
N PHE B 76 -46.44 21.84 24.32
CA PHE B 76 -45.81 21.53 23.05
C PHE B 76 -46.62 20.59 22.15
N ILE B 77 -47.50 19.76 22.71
CA ILE B 77 -48.16 18.77 21.87
C ILE B 77 -49.68 18.90 21.93
N GLY B 78 -50.27 18.72 23.10
CA GLY B 78 -51.71 18.80 23.22
C GLY B 78 -52.24 18.41 24.58
N PRO B 79 -53.59 18.29 24.73
CA PRO B 79 -54.17 17.97 26.01
C PRO B 79 -54.20 16.46 26.30
N ILE B 80 -54.08 16.10 27.57
CA ILE B 80 -54.02 14.68 27.97
C ILE B 80 -55.33 14.30 28.66
N GLU B 81 -55.60 13.01 28.80
CA GLU B 81 -56.80 12.52 29.51
C GLU B 81 -56.36 11.27 30.26
N ARG B 82 -55.94 10.25 29.53
CA ARG B 82 -55.42 9.04 30.20
C ARG B 82 -54.42 9.54 31.25
N TRP B 83 -54.60 9.10 32.48
CA TRP B 83 -53.69 9.48 33.57
C TRP B 83 -52.40 8.72 33.38
N GLY B 84 -51.43 8.97 34.25
CA GLY B 84 -50.11 8.39 34.12
C GLY B 84 -49.59 7.63 35.33
N SER B 85 -48.38 7.98 35.78
CA SER B 85 -47.65 7.20 36.76
C SER B 85 -47.90 7.62 38.20
N CYS B 86 -48.65 8.69 38.44
CA CYS B 86 -48.91 9.13 39.80
C CYS B 86 -50.01 8.28 40.43
N ASN B 87 -49.78 7.87 41.68
CA ASN B 87 -50.75 7.09 42.45
C ASN B 87 -50.64 7.54 43.90
N PRO B 88 -51.65 8.24 44.42
CA PRO B 88 -51.51 8.87 45.74
C PRO B 88 -51.59 7.92 46.91
N TRP B 89 -52.22 6.76 46.76
CA TRP B 89 -52.44 5.85 47.89
C TRP B 89 -51.26 4.91 48.10
N GLU B 90 -50.80 4.22 47.05
CA GLU B 90 -49.64 3.35 47.22
C GLU B 90 -48.33 4.01 46.83
N GLY B 91 -48.33 5.00 45.96
CA GLY B 91 -47.09 5.67 45.66
C GLY B 91 -46.81 5.74 44.16
N HIS B 92 -45.68 6.37 43.82
CA HIS B 92 -45.32 6.58 42.43
C HIS B 92 -44.86 5.28 41.79
N PHE B 93 -44.97 5.20 40.47
CA PHE B 93 -44.56 4.00 39.74
C PHE B 93 -43.11 3.69 40.00
N GLY B 94 -42.20 4.59 39.64
CA GLY B 94 -40.80 4.36 39.87
C GLY B 94 -40.43 4.29 41.34
N ALA B 95 -41.30 4.84 42.20
CA ALA B 95 -41.04 4.75 43.63
C ALA B 95 -41.05 3.32 44.13
N VAL B 96 -42.03 2.53 43.72
CA VAL B 96 -42.20 1.18 44.22
C VAL B 96 -41.48 0.20 43.29
N VAL B 97 -41.26 0.61 42.04
CA VAL B 97 -40.62 -0.28 41.08
C VAL B 97 -39.11 -0.09 41.08
N LEU B 98 -38.66 1.13 41.38
CA LEU B 98 -37.23 1.44 41.46
C LEU B 98 -36.94 2.03 42.85
N PRO B 99 -36.83 1.19 43.87
CA PRO B 99 -36.74 1.70 45.25
C PRO B 99 -35.34 2.07 45.70
N PHE B 100 -34.31 1.83 44.90
CA PHE B 100 -32.94 2.07 45.34
C PHE B 100 -32.23 3.11 44.48
N CYS B 101 -32.97 3.91 43.71
CA CYS B 101 -32.35 4.91 42.86
C CYS B 101 -31.75 6.04 43.70
N LYS B 102 -30.66 6.62 43.21
CA LYS B 102 -30.01 7.71 43.92
C LYS B 102 -30.92 8.94 43.93
N PRO B 103 -30.89 9.74 44.99
CA PRO B 103 -31.78 10.92 45.05
C PRO B 103 -31.54 11.93 43.94
N GLU B 104 -30.28 12.11 43.52
CA GLU B 104 -29.98 13.13 42.53
C GLU B 104 -30.36 12.71 41.12
N ARG B 105 -30.59 11.43 40.88
CA ARG B 105 -30.96 10.94 39.55
C ARG B 105 -32.45 10.64 39.41
N LEU B 106 -33.27 10.94 40.42
CA LEU B 106 -34.62 10.38 40.45
C LEU B 106 -35.58 11.18 39.59
N ALA B 107 -35.52 12.52 39.67
CA ALA B 107 -36.50 13.34 38.95
C ALA B 107 -36.41 13.11 37.45
N VAL B 108 -35.20 13.00 36.91
CA VAL B 108 -35.04 12.71 35.49
C VAL B 108 -35.60 11.32 35.18
N ILE B 109 -35.39 10.36 36.08
CA ILE B 109 -35.86 9.00 35.83
C ILE B 109 -37.38 8.97 35.70
N CYS B 110 -38.08 9.67 36.60
CA CYS B 110 -39.54 9.66 36.57
C CYS B 110 -40.08 10.52 35.42
N TYR B 111 -39.29 11.49 34.95
CA TYR B 111 -39.69 12.28 33.79
C TYR B 111 -39.84 11.37 32.57
N ILE B 112 -38.88 10.46 32.38
CA ILE B 112 -38.92 9.58 31.22
C ILE B 112 -40.13 8.66 31.28
N PHE B 113 -40.50 8.21 32.48
CA PHE B 113 -41.61 7.28 32.63
C PHE B 113 -42.91 7.91 32.18
N GLU B 114 -43.13 9.17 32.55
CA GLU B 114 -44.35 9.86 32.15
C GLU B 114 -44.40 10.01 30.65
N TYR B 115 -43.26 10.31 30.03
CA TYR B 115 -43.18 10.38 28.57
C TYR B 115 -43.52 9.03 27.93
N ALA B 116 -43.00 7.94 28.48
CA ALA B 116 -43.21 6.63 27.90
C ALA B 116 -44.69 6.28 27.88
N PHE B 117 -45.42 6.67 28.93
CA PHE B 117 -46.84 6.38 29.01
C PHE B 117 -47.63 7.06 27.90
N LEU B 118 -47.45 8.37 27.74
CA LEU B 118 -48.23 9.11 26.75
C LEU B 118 -47.75 8.86 25.33
N TYR B 119 -46.45 8.61 25.14
CA TYR B 119 -45.98 8.32 23.80
C TYR B 119 -46.60 7.04 23.25
N ASP B 120 -46.72 6.02 24.10
CA ASP B 120 -47.35 4.77 23.72
C ASP B 120 -48.81 4.99 23.35
N ASN B 121 -49.47 5.94 24.01
CA ASN B 121 -50.86 6.25 23.74
C ASN B 121 -51.10 6.60 22.28
N VAL B 122 -50.45 7.66 21.81
CA VAL B 122 -50.66 8.15 20.44
C VAL B 122 -50.16 7.13 19.44
N VAL B 123 -49.06 6.45 19.75
CA VAL B 123 -48.50 5.44 18.87
C VAL B 123 -49.14 4.08 19.14
N ARG B 149 -47.13 21.79 14.04
CA ARG B 149 -46.64 22.08 15.38
C ARG B 149 -46.33 20.79 16.12
N SER B 150 -47.06 19.73 15.78
CA SER B 150 -46.90 18.43 16.43
C SER B 150 -45.48 17.91 16.29
N ILE B 151 -44.91 17.98 15.08
CA ILE B 151 -43.57 17.47 14.86
C ILE B 151 -42.54 18.35 15.58
N LEU B 152 -42.85 19.63 15.74
CA LEU B 152 -41.94 20.52 16.46
C LEU B 152 -41.95 20.22 17.95
N GLY B 153 -43.14 20.07 18.54
CA GLY B 153 -43.22 19.76 19.96
C GLY B 153 -42.68 18.38 20.28
N THR B 154 -42.91 17.41 19.40
CA THR B 154 -42.41 16.06 19.64
C THR B 154 -40.89 16.04 19.65
N LYS B 155 -40.25 16.75 18.73
CA LYS B 155 -38.80 16.77 18.69
C LYS B 155 -38.22 17.66 19.77
N GLN B 156 -38.90 18.76 20.09
CA GLN B 156 -38.44 19.63 21.17
C GLN B 156 -38.44 18.90 22.51
N ILE B 157 -39.50 18.15 22.79
CA ILE B 157 -39.58 17.42 24.05
C ILE B 157 -38.69 16.18 24.06
N GLN B 158 -38.56 15.48 22.94
CA GLN B 158 -37.61 14.39 22.86
C GLN B 158 -36.18 14.87 23.12
N SER B 159 -35.93 16.16 22.95
CA SER B 159 -34.60 16.72 23.14
C SER B 159 -34.43 17.43 24.47
N LYS B 160 -35.52 17.88 25.10
CA LYS B 160 -35.42 18.47 26.42
C LYS B 160 -34.99 17.45 27.47
N MET B 161 -35.54 16.23 27.38
CA MET B 161 -35.24 15.20 28.35
C MET B 161 -33.98 14.41 27.97
N LEU B 162 -33.69 14.32 26.68
CA LEU B 162 -32.50 13.61 26.22
C LEU B 162 -31.29 14.51 26.42
N LEU B 163 -31.52 15.75 26.84
CA LEU B 163 -30.46 16.62 27.31
C LEU B 163 -30.19 16.49 28.79
N GLU B 164 -31.24 16.29 29.58
CA GLU B 164 -31.09 16.06 31.02
C GLU B 164 -30.34 14.76 31.27
N LEU B 165 -30.65 13.72 30.51
CA LEU B 165 -29.96 12.43 30.66
C LEU B 165 -28.48 12.53 30.35
N LEU B 166 -28.14 13.14 29.22
CA LEU B 166 -26.74 13.18 28.81
C LEU B 166 -25.95 14.22 29.58
N SER B 167 -26.62 15.10 30.34
CA SER B 167 -25.89 16.03 31.17
C SER B 167 -25.59 15.46 32.55
N ILE B 168 -26.16 14.30 32.88
CA ILE B 168 -26.00 13.73 34.21
C ILE B 168 -24.91 12.67 34.21
N ASP B 169 -24.98 11.71 33.27
CA ASP B 169 -24.01 10.62 33.22
C ASP B 169 -23.88 10.20 31.77
N ALA B 170 -22.82 10.65 31.11
CA ALA B 170 -22.64 10.38 29.69
C ALA B 170 -22.51 8.90 29.33
N PRO B 171 -21.71 8.08 30.02
CA PRO B 171 -21.56 6.68 29.57
C PRO B 171 -22.82 5.86 29.70
N ARG B 172 -23.46 5.87 30.86
CA ARG B 172 -24.63 5.03 31.08
C ARG B 172 -25.84 5.51 30.28
N ALA B 173 -25.95 6.81 30.05
CA ALA B 173 -27.03 7.31 29.21
C ALA B 173 -26.84 6.89 27.76
N GLU B 174 -25.60 6.53 27.40
CA GLU B 174 -25.37 6.01 26.06
C GLU B 174 -26.00 4.65 25.87
N VAL B 175 -26.11 3.87 26.95
CA VAL B 175 -26.68 2.54 26.85
C VAL B 175 -28.21 2.61 26.71
N VAL B 176 -28.84 3.48 27.49
CA VAL B 176 -30.31 3.45 27.60
C VAL B 176 -30.97 3.79 26.28
N ILE B 177 -30.37 4.71 25.51
CA ILE B 177 -31.07 5.24 24.34
C ILE B 177 -31.19 4.17 23.25
N ASN B 178 -30.26 3.21 23.22
CA ASN B 178 -30.38 2.12 22.24
C ASN B 178 -31.53 1.19 22.61
N SER B 179 -31.63 0.81 23.88
CA SER B 179 -32.72 -0.06 24.31
C SER B 179 -34.07 0.60 24.04
N TRP B 180 -34.15 1.92 24.21
CA TRP B 180 -35.33 2.64 23.77
C TRP B 180 -35.50 2.52 22.26
N LYS B 181 -34.44 2.82 21.51
CA LYS B 181 -34.51 2.75 20.06
C LYS B 181 -34.85 1.35 19.60
N GLU B 182 -34.30 0.33 20.28
CA GLU B 182 -34.62 -1.05 19.95
C GLU B 182 -36.09 -1.33 20.19
N MET B 183 -36.66 -0.79 21.28
CA MET B 183 -38.05 -1.07 21.61
C MET B 183 -38.99 -0.42 20.60
N ILE B 184 -38.73 0.85 20.27
CA ILE B 184 -39.61 1.56 19.34
C ILE B 184 -39.49 0.98 17.94
N SER B 185 -38.30 0.50 17.59
CA SER B 185 -38.13 -0.15 16.29
C SER B 185 -38.83 -1.50 16.26
N THR B 186 -38.72 -2.28 17.33
CA THR B 186 -39.28 -3.62 17.33
C THR B 186 -40.81 -3.60 17.38
N THR B 187 -41.38 -2.68 18.16
CA THR B 187 -42.84 -2.59 18.24
C THR B 187 -43.44 -2.23 16.89
N ALA B 188 -42.85 -1.26 16.20
CA ALA B 188 -43.37 -0.85 14.89
C ALA B 188 -43.12 -1.88 13.81
N LYS B 189 -41.98 -2.59 13.86
CA LYS B 189 -41.62 -3.54 12.83
C LYS B 189 -42.27 -4.91 13.02
N LYS B 190 -43.05 -5.10 14.08
CA LYS B 190 -43.75 -6.35 14.32
C LYS B 190 -45.23 -6.17 14.01
N ASP B 191 -45.79 -7.11 13.25
CA ASP B 191 -47.20 -7.07 12.89
C ASP B 191 -48.06 -7.17 14.14
N LYS B 192 -48.91 -6.17 14.37
CA LYS B 192 -49.85 -6.22 15.48
C LYS B 192 -50.98 -7.22 15.24
N THR B 193 -51.14 -7.68 14.01
CA THR B 193 -52.16 -8.69 13.69
C THR B 193 -51.61 -10.11 13.72
N ARG B 194 -50.34 -10.27 14.09
CA ARG B 194 -49.73 -11.60 14.14
C ARG B 194 -50.43 -12.46 15.18
N ALA B 195 -50.73 -13.70 14.81
CA ALA B 195 -51.29 -14.67 15.74
C ALA B 195 -50.17 -15.47 16.40
N PHE B 196 -50.34 -15.73 17.69
CA PHE B 196 -49.35 -16.47 18.46
C PHE B 196 -49.85 -17.90 18.69
N ASN B 197 -49.05 -18.88 18.29
CA ASN B 197 -49.42 -20.28 18.41
C ASN B 197 -49.29 -20.82 19.83
N ASN B 198 -48.30 -20.37 20.58
CA ASN B 198 -48.07 -20.91 21.91
C ASN B 198 -47.63 -19.79 22.84
N LEU B 199 -47.64 -20.10 24.14
CA LEU B 199 -47.24 -19.12 25.15
C LEU B 199 -45.78 -18.71 24.97
N GLU B 200 -44.92 -19.68 24.65
CA GLU B 200 -43.49 -19.38 24.52
C GLU B 200 -43.26 -18.38 23.39
N GLU B 201 -43.95 -18.55 22.27
CA GLU B 201 -43.80 -17.62 21.15
C GLU B 201 -44.22 -16.21 21.55
N TYR B 202 -45.35 -16.09 22.27
CA TYR B 202 -45.83 -14.77 22.68
C TYR B 202 -44.87 -14.12 23.66
N VAL B 203 -44.31 -14.90 24.60
CA VAL B 203 -43.46 -14.35 25.64
C VAL B 203 -42.25 -13.65 25.03
N ASP B 204 -41.67 -14.24 23.98
CA ASP B 204 -40.53 -13.60 23.32
C ASP B 204 -40.92 -12.24 22.76
N TYR B 205 -42.11 -12.13 22.18
CA TYR B 205 -42.61 -10.83 21.75
C TYR B 205 -42.79 -9.89 22.93
N ARG B 206 -43.40 -10.40 24.01
CA ARG B 206 -43.80 -9.53 25.11
C ARG B 206 -42.61 -9.05 25.93
N ILE B 207 -41.48 -9.74 25.84
CA ILE B 207 -40.30 -9.32 26.60
C ILE B 207 -39.85 -7.94 26.16
N ILE B 208 -39.84 -7.70 24.85
CA ILE B 208 -39.38 -6.41 24.34
C ILE B 208 -40.53 -5.42 24.25
N ASP B 209 -41.76 -5.92 24.21
CA ASP B 209 -42.94 -5.02 24.04
C ASP B 209 -43.14 -4.19 25.30
N THR B 210 -43.16 -4.82 26.47
CA THR B 210 -43.40 -4.11 27.72
C THR B 210 -42.21 -3.31 28.20
N GLY B 211 -41.07 -3.42 27.53
CA GLY B 211 -39.93 -2.60 27.89
C GLY B 211 -39.27 -2.98 29.20
N ALA B 212 -39.43 -4.22 29.64
CA ALA B 212 -38.69 -4.67 30.82
C ALA B 212 -37.19 -4.50 30.68
N PRO B 213 -36.55 -4.84 29.55
CA PRO B 213 -35.13 -4.45 29.39
C PRO B 213 -34.93 -2.94 29.44
N PHE B 214 -35.86 -2.17 28.89
CA PHE B 214 -35.74 -0.72 28.91
C PHE B 214 -35.76 -0.23 30.35
N VAL B 215 -36.70 -0.74 31.15
CA VAL B 215 -36.73 -0.40 32.57
C VAL B 215 -35.49 -0.94 33.27
N ASP B 216 -35.01 -2.11 32.82
CA ASP B 216 -33.77 -2.64 33.40
C ASP B 216 -32.61 -1.70 33.15
N MET B 217 -32.49 -1.19 31.92
CA MET B 217 -31.44 -0.20 31.63
C MET B 217 -31.60 1.01 32.52
N LEU B 218 -32.84 1.41 32.80
CA LEU B 218 -33.10 2.58 33.63
C LEU B 218 -32.59 2.35 35.05
N MET B 219 -32.81 1.15 35.58
CA MET B 219 -32.39 0.84 36.94
C MET B 219 -30.87 0.93 37.09
N ARG B 220 -30.14 0.43 36.08
CA ARG B 220 -28.69 0.55 36.11
C ARG B 220 -28.25 2.00 36.16
N PHE B 221 -28.90 2.86 35.37
CA PHE B 221 -28.60 4.28 35.40
C PHE B 221 -28.90 4.88 36.77
N GLY B 222 -30.01 4.46 37.37
CA GLY B 222 -30.32 4.94 38.71
C GLY B 222 -29.43 4.32 39.77
N MET B 223 -28.77 3.22 39.45
CA MET B 223 -27.88 2.53 40.38
C MET B 223 -26.42 2.90 40.20
N GLY B 224 -26.05 3.50 39.07
CA GLY B 224 -24.66 3.69 38.76
C GLY B 224 -23.94 2.41 38.41
N ILE B 225 -24.68 1.35 38.08
CA ILE B 225 -24.11 0.05 37.80
C ILE B 225 -23.77 -0.04 36.32
N MET B 226 -22.49 -0.21 36.02
CA MET B 226 -22.03 -0.45 34.66
C MET B 226 -21.45 -1.84 34.58
N LEU B 227 -21.81 -2.56 33.52
CA LEU B 227 -21.39 -3.95 33.34
C LEU B 227 -20.95 -4.21 31.91
N THR B 228 -20.08 -5.20 31.75
CA THR B 228 -19.49 -5.50 30.45
C THR B 228 -20.40 -6.41 29.63
N GLN B 229 -19.98 -6.66 28.39
CA GLN B 229 -20.74 -7.51 27.48
C GLN B 229 -20.76 -8.95 27.95
N GLU B 230 -19.66 -9.44 28.53
CA GLU B 230 -19.55 -10.87 28.85
C GLU B 230 -20.63 -11.31 29.82
N GLU B 231 -20.87 -10.52 30.87
CA GLU B 231 -21.87 -10.91 31.86
C GLU B 231 -23.28 -10.87 31.26
N GLN B 232 -23.47 -10.06 30.23
CA GLN B 232 -24.79 -9.95 29.61
C GLN B 232 -25.20 -11.28 29.01
N LYS B 233 -24.28 -11.95 28.32
CA LYS B 233 -24.57 -13.26 27.75
C LYS B 233 -24.85 -14.29 28.85
N ARG B 234 -24.37 -14.03 30.07
CA ARG B 234 -24.62 -14.95 31.18
C ARG B 234 -26.04 -14.80 31.71
N ILE B 235 -26.62 -13.61 31.61
CA ILE B 235 -27.78 -13.30 32.44
C ILE B 235 -29.11 -13.29 31.69
N GLU B 236 -29.11 -13.31 30.35
CA GLU B 236 -30.38 -13.29 29.64
C GLU B 236 -31.28 -14.48 29.99
N PRO B 237 -30.81 -15.73 29.99
CA PRO B 237 -31.67 -16.81 30.48
C PRO B 237 -32.08 -16.63 31.93
N ILE B 238 -31.22 -16.03 32.75
CA ILE B 238 -31.57 -15.80 34.15
C ILE B 238 -32.70 -14.80 34.25
N VAL B 239 -32.60 -13.68 33.54
CA VAL B 239 -33.59 -12.61 33.65
C VAL B 239 -34.81 -12.83 32.77
N LYS B 240 -34.74 -13.74 31.80
CA LYS B 240 -35.86 -13.97 30.88
C LYS B 240 -37.17 -14.28 31.60
N PRO B 241 -37.23 -15.15 32.61
CA PRO B 241 -38.51 -15.33 33.32
C PRO B 241 -39.02 -14.08 33.98
N CYS B 242 -38.12 -13.22 34.47
CA CYS B 242 -38.56 -12.00 35.15
C CYS B 242 -39.34 -11.09 34.21
N TYR B 243 -38.84 -10.91 32.99
CA TYR B 243 -39.54 -10.06 32.03
C TYR B 243 -40.91 -10.63 31.69
N ALA B 244 -41.02 -11.95 31.59
CA ALA B 244 -42.32 -12.57 31.36
C ALA B 244 -43.27 -12.28 32.51
N ALA B 245 -42.77 -12.40 33.74
CA ALA B 245 -43.60 -12.13 34.91
C ALA B 245 -44.08 -10.69 34.91
N LEU B 246 -43.19 -9.75 34.59
CA LEU B 246 -43.57 -8.34 34.50
C LEU B 246 -44.61 -8.13 33.40
N GLY B 247 -44.37 -8.73 32.23
CA GLY B 247 -45.28 -8.51 31.12
C GLY B 247 -46.65 -9.12 31.35
N LEU B 248 -46.68 -10.36 31.84
CA LEU B 248 -47.97 -11.02 32.05
C LEU B 248 -48.79 -10.32 33.12
N ALA B 249 -48.15 -9.85 34.19
CA ALA B 249 -48.88 -9.08 35.19
C ALA B 249 -49.48 -7.82 34.58
N ASN B 250 -48.72 -7.13 33.74
CA ASN B 250 -49.26 -5.98 33.02
C ASN B 250 -50.42 -6.42 32.12
N ASP B 251 -50.28 -7.57 31.47
CA ASP B 251 -51.43 -8.06 30.67
C ASP B 251 -52.60 -8.30 31.62
N TYR B 252 -52.35 -9.00 32.73
CA TYR B 252 -53.47 -9.39 33.60
C TYR B 252 -54.17 -8.17 34.17
N PHE B 253 -53.41 -7.22 34.72
CA PHE B 253 -54.01 -6.10 35.42
C PHE B 253 -54.58 -5.05 34.48
N SER B 254 -53.90 -4.76 33.36
CA SER B 254 -54.40 -3.77 32.43
C SER B 254 -55.53 -4.31 31.56
N PHE B 255 -55.84 -5.60 31.66
CA PHE B 255 -56.80 -6.22 30.74
C PHE B 255 -58.15 -5.54 30.80
N ASP B 256 -58.63 -5.23 32.01
CA ASP B 256 -60.00 -4.73 32.17
C ASP B 256 -60.23 -3.47 31.35
N ILE B 257 -59.33 -2.48 31.48
CA ILE B 257 -59.47 -1.26 30.69
C ILE B 257 -59.17 -1.55 29.22
N GLU B 258 -58.14 -2.35 28.95
CA GLU B 258 -57.81 -2.70 27.57
C GLU B 258 -58.94 -3.49 26.91
N TRP B 259 -59.54 -4.43 27.64
CA TRP B 259 -60.72 -5.13 27.14
C TRP B 259 -61.87 -4.16 26.91
N GLU B 260 -62.01 -3.16 27.78
CA GLU B 260 -63.01 -2.12 27.55
C GLU B 260 -62.66 -1.32 26.30
N GLU B 261 -61.38 -1.06 26.08
CA GLU B 261 -60.95 -0.41 24.85
C GLU B 261 -61.14 -1.35 23.65
N PHE B 262 -60.87 -2.64 23.85
CA PHE B 262 -61.23 -3.64 22.84
C PHE B 262 -62.69 -3.50 22.43
N GLN B 263 -63.61 -3.70 23.37
CA GLN B 263 -65.02 -3.73 23.05
C GLN B 263 -65.52 -2.38 22.53
N ALA B 264 -64.80 -1.30 22.82
CA ALA B 264 -65.08 -0.02 22.21
C ALA B 264 -64.56 0.10 20.79
N GLU B 265 -63.42 -0.53 20.50
CA GLU B 265 -62.77 -0.41 19.19
C GLU B 265 -63.10 -1.64 18.35
N SER B 266 -64.01 -1.46 17.38
CA SER B 266 -64.48 -2.57 16.56
C SER B 266 -63.54 -2.93 15.42
N ASP B 267 -62.50 -2.14 15.18
CA ASP B 267 -61.54 -2.41 14.11
C ASP B 267 -60.39 -3.29 14.58
N LYS B 268 -60.61 -4.10 15.60
CA LYS B 268 -59.52 -4.79 16.29
C LYS B 268 -59.17 -6.10 15.58
N THR B 269 -57.89 -6.24 15.22
CA THR B 269 -57.30 -7.51 14.82
C THR B 269 -56.90 -8.29 16.07
N THR B 270 -56.06 -9.30 15.91
CA THR B 270 -55.54 -10.01 17.07
C THR B 270 -54.82 -9.04 18.01
N MET B 271 -55.17 -9.10 19.30
CA MET B 271 -54.61 -8.22 20.32
C MET B 271 -53.33 -8.83 20.88
N THR B 272 -52.41 -7.96 21.31
CA THR B 272 -51.32 -8.36 22.18
C THR B 272 -51.82 -8.39 23.63
N ASN B 273 -52.33 -9.54 24.07
CA ASN B 273 -52.85 -9.68 25.41
C ASN B 273 -52.94 -11.15 25.78
N ALA B 274 -52.38 -11.52 26.94
CA ALA B 274 -52.35 -12.91 27.37
C ALA B 274 -53.75 -13.48 27.48
N VAL B 275 -54.67 -12.73 28.10
CA VAL B 275 -56.04 -13.21 28.28
C VAL B 275 -56.70 -13.44 26.92
N TRP B 276 -56.55 -12.47 26.02
CA TRP B 276 -57.20 -12.58 24.71
C TRP B 276 -56.51 -13.61 23.83
N LEU B 277 -55.20 -13.75 23.98
CA LEU B 277 -54.48 -14.76 23.20
C LEU B 277 -54.63 -16.16 23.79
N PHE B 278 -54.94 -16.28 25.08
CA PHE B 278 -55.25 -17.59 25.63
C PHE B 278 -56.64 -18.05 25.20
N MET B 279 -57.46 -17.11 24.71
CA MET B 279 -58.74 -17.46 24.10
C MET B 279 -58.53 -18.45 22.96
N GLN B 280 -57.47 -18.27 22.18
CA GLN B 280 -57.26 -19.10 20.99
C GLN B 280 -56.83 -20.51 21.35
N TRP B 281 -56.25 -20.71 22.53
CA TRP B 281 -55.62 -21.98 22.87
C TRP B 281 -56.45 -22.82 23.84
N GLU B 282 -57.10 -22.20 24.82
CA GLU B 282 -57.90 -22.93 25.80
C GLU B 282 -59.25 -22.25 25.98
N ASN B 283 -59.99 -22.05 24.90
CA ASN B 283 -61.18 -21.20 24.88
C ASN B 283 -62.05 -21.41 26.12
N LEU B 284 -62.24 -20.33 26.89
CA LEU B 284 -62.97 -20.38 28.16
C LEU B 284 -63.33 -18.97 28.62
N ASN B 285 -63.88 -18.86 29.83
CA ASN B 285 -64.39 -17.59 30.35
C ASN B 285 -63.28 -16.72 30.91
N ALA B 286 -63.41 -15.41 30.69
CA ALA B 286 -62.34 -14.47 31.02
C ALA B 286 -61.97 -14.48 32.50
N GLU B 287 -62.96 -14.37 33.38
CA GLU B 287 -62.72 -14.39 34.82
C GLU B 287 -62.12 -15.73 35.25
N GLN B 288 -62.62 -16.83 34.68
CA GLN B 288 -61.96 -18.11 34.90
C GLN B 288 -60.57 -18.11 34.29
N ALA B 289 -60.43 -17.49 33.11
CA ALA B 289 -59.11 -17.35 32.50
C ALA B 289 -58.19 -16.51 33.37
N LYS B 290 -58.77 -15.52 34.07
CA LYS B 290 -57.98 -14.68 34.95
C LYS B 290 -57.26 -15.50 36.01
N ARG B 291 -57.96 -16.47 36.61
CA ARG B 291 -57.31 -17.39 37.53
C ARG B 291 -56.23 -18.20 36.82
N ARG B 292 -56.53 -18.67 35.60
CA ARG B 292 -55.54 -19.35 34.79
C ARG B 292 -54.36 -18.43 34.50
N VAL B 293 -54.66 -17.18 34.12
CA VAL B 293 -53.60 -16.19 33.93
C VAL B 293 -52.89 -15.93 35.25
N GLN B 294 -53.64 -15.94 36.35
CA GLN B 294 -53.03 -15.79 37.67
C GLN B 294 -51.98 -16.86 37.91
N GLU B 295 -52.32 -18.12 37.60
CA GLU B 295 -51.40 -19.22 37.86
C GLU B 295 -50.21 -19.22 36.91
N VAL B 296 -50.43 -19.04 35.60
CA VAL B 296 -49.32 -19.15 34.65
C VAL B 296 -48.28 -18.07 34.92
N THR B 297 -48.74 -16.86 35.23
CA THR B 297 -47.82 -15.82 35.69
C THR B 297 -47.19 -16.21 37.03
N LYS B 298 -48.00 -16.75 37.94
CA LYS B 298 -47.52 -17.09 39.27
C LYS B 298 -46.38 -18.09 39.20
N GLN B 299 -46.36 -18.90 38.14
CA GLN B 299 -45.19 -19.80 37.95
C GLN B 299 -43.96 -18.91 37.77
N TYR B 300 -44.08 -17.85 36.97
CA TYR B 300 -42.95 -16.93 36.73
C TYR B 300 -42.62 -16.16 38.00
N GLU B 301 -43.63 -15.88 38.84
CA GLU B 301 -43.37 -15.20 40.13
C GLU B 301 -42.27 -15.96 40.88
N GLN B 302 -42.34 -17.29 40.91
CA GLN B 302 -41.31 -18.11 41.58
C GLN B 302 -40.24 -18.55 40.58
N GLN B 303 -40.53 -18.46 39.28
CA GLN B 303 -39.51 -18.82 38.25
C GLN B 303 -38.25 -18.01 38.50
N TYR B 304 -38.31 -16.70 38.23
CA TYR B 304 -37.12 -15.83 38.41
C TYR B 304 -36.70 -15.86 39.88
N LEU B 305 -37.67 -15.78 40.80
CA LEU B 305 -37.34 -15.88 42.25
C LEU B 305 -36.35 -17.03 42.44
N ARG B 306 -36.73 -18.23 41.98
CA ARG B 306 -35.84 -19.41 42.08
C ARG B 306 -34.65 -19.20 41.13
N ASN B 307 -34.92 -18.91 39.85
CA ASN B 307 -33.83 -18.75 38.83
C ASN B 307 -32.52 -18.42 39.52
N ILE B 308 -32.39 -17.21 40.09
CA ILE B 308 -31.15 -16.77 40.80
C ILE B 308 -30.26 -17.97 41.14
N ALA B 309 -30.77 -18.96 41.88
CA ALA B 309 -30.00 -20.18 42.19
C ALA B 309 -28.94 -20.43 41.11
N ASP B 310 -29.35 -20.50 39.84
CA ASP B 310 -28.39 -20.75 38.73
C ASP B 310 -27.15 -19.88 38.92
N PHE B 311 -27.33 -18.55 38.98
CA PHE B 311 -26.18 -17.63 39.16
C PHE B 311 -25.59 -17.83 40.56
N ALA B 312 -26.43 -17.82 41.59
CA ALA B 312 -25.95 -18.02 42.97
C ALA B 312 -24.97 -19.21 42.99
N ALA B 313 -25.39 -20.35 42.44
CA ALA B 313 -24.49 -21.53 42.37
C ALA B 313 -23.19 -21.15 41.65
N GLY B 314 -23.31 -20.52 40.47
CA GLY B 314 -22.12 -20.16 39.68
C GLY B 314 -21.27 -19.12 40.39
N GLU B 315 -21.72 -17.86 40.41
CA GLU B 315 -20.91 -16.77 41.03
C GLU B 315 -21.76 -15.99 42.03
N GLY B 316 -22.93 -16.53 42.39
CA GLY B 316 -23.84 -15.85 43.34
C GLY B 316 -23.37 -15.99 44.78
N LYS B 317 -22.07 -16.20 45.00
CA LYS B 317 -21.51 -16.29 46.38
C LYS B 317 -20.24 -15.45 46.46
N GLU B 318 -19.77 -14.91 45.33
CA GLU B 318 -18.49 -14.15 45.32
C GLU B 318 -18.66 -12.88 44.46
N ASN B 319 -19.24 -13.02 43.27
CA ASN B 319 -19.49 -11.85 42.38
C ASN B 319 -20.48 -10.90 43.03
N ILE B 320 -20.01 -9.99 43.88
CA ILE B 320 -21.04 -9.20 44.53
C ILE B 320 -21.78 -8.32 43.53
N LYS B 321 -21.06 -7.79 42.54
CA LYS B 321 -21.66 -6.81 41.62
C LYS B 321 -22.88 -7.39 40.92
N LEU B 322 -22.76 -8.59 40.36
CA LEU B 322 -23.93 -9.20 39.72
C LEU B 322 -24.95 -9.68 40.74
N GLN B 323 -24.49 -10.13 41.91
CA GLN B 323 -25.43 -10.51 42.96
C GLN B 323 -26.35 -9.36 43.32
N THR B 324 -25.78 -8.19 43.59
CA THR B 324 -26.59 -7.02 43.91
C THR B 324 -27.44 -6.61 42.71
N TYR B 325 -26.87 -6.72 41.51
CA TYR B 325 -27.63 -6.40 40.30
C TYR B 325 -28.82 -7.35 40.12
N LEU B 326 -28.57 -8.66 40.26
CA LEU B 326 -29.64 -9.62 40.06
C LEU B 326 -30.56 -9.70 41.28
N LYS B 327 -30.11 -9.18 42.42
CA LYS B 327 -31.01 -9.09 43.56
C LYS B 327 -31.93 -7.88 43.43
N ALA B 328 -31.40 -6.77 42.92
CA ALA B 328 -32.24 -5.61 42.65
C ALA B 328 -33.25 -5.92 41.56
N GLN B 329 -32.83 -6.67 40.53
CA GLN B 329 -33.77 -7.08 39.49
C GLN B 329 -34.90 -7.90 40.07
N GLY B 330 -34.63 -8.61 41.18
CA GLY B 330 -35.70 -9.32 41.86
C GLY B 330 -36.69 -8.40 42.54
N TYR B 331 -36.26 -7.18 42.86
CA TYR B 331 -37.17 -6.23 43.51
C TYR B 331 -38.18 -5.65 42.55
N GLN B 332 -38.03 -5.86 41.25
CA GLN B 332 -38.90 -5.21 40.28
C GLN B 332 -40.31 -5.81 40.30
N VAL B 333 -40.41 -7.12 40.43
CA VAL B 333 -41.68 -7.85 40.33
C VAL B 333 -42.69 -7.35 41.35
N PRO B 334 -42.36 -7.21 42.64
CA PRO B 334 -43.39 -6.75 43.59
C PRO B 334 -43.84 -5.33 43.37
N GLY B 335 -42.95 -4.44 42.94
CA GLY B 335 -43.32 -3.04 42.78
C GLY B 335 -44.41 -2.86 41.74
N ASN B 336 -44.34 -3.63 40.65
CA ASN B 336 -45.29 -3.45 39.56
C ASN B 336 -46.71 -3.76 40.03
N VAL B 337 -46.88 -4.86 40.75
CA VAL B 337 -48.22 -5.26 41.17
C VAL B 337 -48.75 -4.31 42.24
N ALA B 338 -47.88 -3.89 43.16
CA ALA B 338 -48.32 -3.00 44.23
C ALA B 338 -48.82 -1.68 43.67
N TRP B 339 -48.08 -1.10 42.72
CA TRP B 339 -48.56 0.06 42.00
C TRP B 339 -49.80 -0.29 41.18
N SER B 340 -49.80 -1.46 40.55
CA SER B 340 -50.87 -1.78 39.61
C SER B 340 -52.13 -2.25 40.31
N LEU B 341 -52.10 -2.39 41.63
CA LEU B 341 -53.31 -2.71 42.37
C LEU B 341 -54.34 -1.61 42.24
N ARG B 342 -53.91 -0.34 42.30
CA ARG B 342 -54.84 0.77 42.37
C ARG B 342 -54.39 1.98 41.55
N CYS B 343 -53.64 1.76 40.47
CA CYS B 343 -53.17 2.89 39.68
C CYS B 343 -54.34 3.54 38.94
N PRO B 344 -54.33 4.87 38.79
CA PRO B 344 -55.32 5.50 37.90
C PRO B 344 -55.15 5.09 36.45
N ARG B 345 -54.03 4.46 36.11
CA ARG B 345 -53.76 4.15 34.68
C ARG B 345 -54.64 2.97 34.25
N TYR B 346 -55.24 2.28 35.22
CA TYR B 346 -56.19 1.22 34.89
C TYR B 346 -57.61 1.51 35.36
N HIS B 347 -57.81 2.29 36.40
CA HIS B 347 -59.13 2.53 36.99
C HIS B 347 -59.50 4.00 36.83
N PRO B 348 -60.22 4.35 35.77
CA PRO B 348 -60.60 5.76 35.55
C PRO B 348 -61.56 6.32 36.58
N TRP B 349 -62.28 5.48 37.32
CA TRP B 349 -63.35 6.00 38.17
C TRP B 349 -62.78 6.73 39.39
N LEU B 350 -61.62 6.30 39.89
CA LEU B 350 -61.02 7.02 41.01
C LEU B 350 -60.29 8.29 40.59
N CYS B 351 -60.19 8.55 39.29
CA CYS B 351 -59.36 9.64 38.79
C CYS B 351 -59.71 10.98 39.42
N LYS B 352 -61.00 11.29 39.51
CA LYS B 352 -61.43 12.52 40.18
C LYS B 352 -61.04 12.44 41.66
N GLU B 353 -61.30 11.30 42.30
CA GLU B 353 -60.94 11.11 43.70
C GLU B 353 -59.43 11.17 43.86
N ALA B 354 -58.68 10.57 42.93
CA ALA B 354 -57.23 10.53 43.02
C ALA B 354 -56.63 11.93 43.05
N ALA B 355 -57.16 12.82 42.20
CA ALA B 355 -56.64 14.18 42.12
C ALA B 355 -56.86 14.93 43.43
N SER B 356 -57.94 14.59 44.15
CA SER B 356 -58.31 15.30 45.37
C SER B 356 -57.16 15.38 46.36
N LEU B 357 -56.66 14.25 46.82
CA LEU B 357 -55.58 14.23 47.79
C LEU B 357 -54.28 14.69 47.14
N LEU B 358 -54.04 14.23 45.91
CA LEU B 358 -52.81 14.53 45.19
C LEU B 358 -52.69 16.02 44.95
N HIS B 359 -53.81 16.73 44.92
CA HIS B 359 -53.80 18.19 44.75
C HIS B 359 -53.01 18.84 45.88
N GLN B 360 -53.20 18.38 47.11
CA GLN B 360 -52.45 18.91 48.23
C GLN B 360 -50.98 18.48 48.16
N LEU B 426 -9.82 32.97 -0.55
CA LEU B 426 -9.39 34.32 -0.87
C LEU B 426 -9.83 34.71 -2.28
N GLY B 427 -9.10 34.22 -3.29
CA GLY B 427 -9.38 34.56 -4.67
C GLY B 427 -9.42 33.32 -5.55
N ASP B 428 -9.96 33.51 -6.75
CA ASP B 428 -10.11 32.42 -7.73
C ASP B 428 -8.88 32.41 -8.64
N GLU B 429 -7.72 32.05 -8.08
CA GLU B 429 -6.50 31.96 -8.87
C GLU B 429 -6.06 30.51 -8.98
N HIS B 430 -6.41 29.70 -7.98
CA HIS B 430 -6.15 28.27 -8.02
C HIS B 430 -7.34 27.48 -8.54
N LEU B 431 -8.54 28.06 -8.53
CA LEU B 431 -9.71 27.47 -9.17
C LEU B 431 -9.69 27.66 -10.67
N LEU B 432 -9.46 28.89 -11.12
CA LEU B 432 -9.34 29.18 -12.56
C LEU B 432 -7.88 29.12 -12.99
N GLY B 433 -7.18 28.06 -12.62
CA GLY B 433 -5.82 27.86 -13.06
C GLY B 433 -5.71 26.77 -14.11
N PRO B 434 -6.30 25.61 -13.86
CA PRO B 434 -6.38 24.59 -14.91
C PRO B 434 -7.43 24.90 -15.98
N ALA B 435 -8.39 25.76 -15.69
CA ALA B 435 -9.45 26.09 -16.64
C ALA B 435 -8.99 27.07 -17.72
N GLU B 436 -7.90 27.79 -17.50
CA GLU B 436 -7.36 28.67 -18.52
C GLU B 436 -6.18 28.05 -19.27
N TYR B 437 -5.50 27.07 -18.67
CA TYR B 437 -4.42 26.40 -19.38
C TYR B 437 -4.98 25.48 -20.47
N ILE B 438 -6.03 24.72 -20.16
CA ILE B 438 -6.65 23.86 -21.16
C ILE B 438 -7.40 24.65 -22.22
N SER B 439 -7.71 25.91 -21.96
CA SER B 439 -8.39 26.77 -22.92
C SER B 439 -7.41 27.61 -23.73
N SER B 440 -6.12 27.39 -23.55
CA SER B 440 -5.07 28.10 -24.28
C SER B 440 -4.32 27.18 -25.23
N LEU B 441 -4.39 25.87 -25.03
CA LEU B 441 -3.77 24.93 -25.93
C LEU B 441 -4.44 25.00 -27.30
N PRO B 442 -3.72 24.66 -28.37
CA PRO B 442 -4.31 24.77 -29.72
C PRO B 442 -5.54 23.88 -29.86
N SER B 443 -6.50 24.38 -30.62
CA SER B 443 -7.78 23.70 -30.79
C SER B 443 -8.11 23.55 -32.27
N LYS B 444 -8.90 22.53 -32.57
CA LYS B 444 -9.34 22.22 -33.92
C LYS B 444 -10.86 22.28 -33.96
N GLY B 445 -11.42 23.32 -33.35
CA GLY B 445 -12.83 23.35 -32.97
C GLY B 445 -13.82 22.87 -34.01
N VAL B 446 -14.46 21.74 -33.70
CA VAL B 446 -15.53 21.21 -34.54
C VAL B 446 -16.90 21.43 -33.92
N ARG B 447 -16.96 21.71 -32.62
CA ARG B 447 -18.20 21.99 -31.94
C ARG B 447 -18.69 23.42 -32.17
N GLU B 448 -17.76 24.37 -32.31
CA GLU B 448 -18.17 25.72 -32.68
C GLU B 448 -18.72 25.77 -34.09
N ALA B 449 -18.12 25.00 -35.01
CA ALA B 449 -18.64 24.93 -36.37
C ALA B 449 -20.03 24.33 -36.40
N PHE B 450 -20.28 23.34 -35.53
CA PHE B 450 -21.62 22.78 -35.39
C PHE B 450 -22.63 23.83 -34.95
N ILE B 451 -22.19 24.86 -34.25
CA ILE B 451 -23.07 25.92 -33.81
C ILE B 451 -23.14 27.02 -34.87
N LEU B 460 -30.55 32.54 -35.71
CA LEU B 460 -30.41 32.90 -34.31
C LEU B 460 -29.61 34.19 -34.16
N PRO B 461 -29.94 34.99 -33.16
CA PRO B 461 -29.17 36.22 -32.90
C PRO B 461 -27.70 35.95 -32.64
N ASP B 462 -26.88 36.98 -32.81
CA ASP B 462 -25.43 36.81 -32.72
C ASP B 462 -25.01 36.44 -31.30
N HIS B 463 -25.49 37.19 -30.30
CA HIS B 463 -25.03 36.97 -28.93
C HIS B 463 -25.47 35.61 -28.42
N ARG B 464 -26.62 35.12 -28.87
CA ARG B 464 -27.05 33.78 -28.49
C ARG B 464 -26.10 32.73 -29.02
N VAL B 465 -25.67 32.87 -30.27
CA VAL B 465 -24.71 31.93 -30.85
C VAL B 465 -23.38 31.99 -30.11
N ASN B 466 -22.94 33.20 -29.75
CA ASN B 466 -21.71 33.33 -28.97
C ASN B 466 -21.83 32.66 -27.61
N GLN B 467 -22.97 32.81 -26.94
CA GLN B 467 -23.19 32.16 -25.66
C GLN B 467 -23.15 30.65 -25.80
N LEU B 468 -23.81 30.11 -26.83
CA LEU B 468 -23.78 28.67 -27.07
C LEU B 468 -22.37 28.17 -27.37
N LYS B 469 -21.59 28.93 -28.14
CA LYS B 469 -20.20 28.57 -28.39
C LYS B 469 -19.38 28.56 -27.11
N SER B 470 -19.59 29.54 -26.23
CA SER B 470 -18.90 29.54 -24.94
C SER B 470 -19.26 28.31 -24.11
N ILE B 471 -20.56 27.95 -24.10
CA ILE B 471 -20.99 26.78 -23.35
C ILE B 471 -20.31 25.53 -23.90
N ALA B 472 -20.29 25.38 -25.23
CA ALA B 472 -19.68 24.22 -25.85
C ALA B 472 -18.20 24.15 -25.53
N GLN B 473 -17.51 25.28 -25.61
CA GLN B 473 -16.08 25.32 -25.31
C GLN B 473 -15.80 24.89 -23.88
N THR B 474 -16.57 25.44 -22.93
CA THR B 474 -16.33 25.11 -21.52
C THR B 474 -16.61 23.64 -21.24
N LEU B 475 -17.71 23.11 -21.80
CA LEU B 475 -18.03 21.70 -21.59
C LEU B 475 -16.96 20.79 -22.17
N HIS B 476 -16.48 21.11 -23.38
CA HIS B 476 -15.44 20.31 -23.99
C HIS B 476 -14.15 20.36 -23.20
N ASN B 477 -13.79 21.55 -22.69
CA ASN B 477 -12.59 21.66 -21.87
C ASN B 477 -12.68 20.85 -20.60
N ALA B 478 -13.83 20.86 -19.93
CA ALA B 478 -14.00 20.03 -18.75
C ALA B 478 -13.89 18.54 -19.09
N SER B 479 -14.52 18.13 -20.20
CA SER B 479 -14.44 16.73 -20.59
C SER B 479 -13.00 16.31 -20.89
N LEU B 480 -12.25 17.17 -21.58
CA LEU B 480 -10.86 16.85 -21.89
C LEU B 480 -10.01 16.78 -20.63
N MET B 481 -10.22 17.72 -19.70
CA MET B 481 -9.47 17.72 -18.45
C MET B 481 -9.71 16.42 -17.69
N LEU B 482 -10.96 15.97 -17.62
CA LEU B 482 -11.23 14.71 -16.94
C LEU B 482 -10.71 13.50 -17.71
N ASP B 483 -10.76 13.55 -19.05
CA ASP B 483 -10.33 12.41 -19.85
C ASP B 483 -8.83 12.17 -19.74
N ASP B 484 -8.05 13.25 -19.71
CA ASP B 484 -6.60 13.09 -19.62
C ASP B 484 -6.15 12.40 -18.34
N ILE B 485 -6.88 12.59 -17.23
CA ILE B 485 -6.51 11.96 -15.98
C ILE B 485 -6.77 10.46 -16.02
N GLU B 486 -7.90 10.06 -16.62
CA GLU B 486 -8.28 8.65 -16.65
C GLU B 486 -7.67 7.93 -17.85
N ASP B 487 -6.59 8.48 -18.38
CA ASP B 487 -5.85 7.84 -19.47
C ASP B 487 -4.35 7.86 -19.15
N HIS B 488 -3.98 8.61 -18.12
CA HIS B 488 -2.59 8.75 -17.70
C HIS B 488 -1.72 9.27 -18.85
N SER B 489 -2.30 10.14 -19.66
CA SER B 489 -1.57 10.71 -20.80
C SER B 489 -0.84 11.96 -20.38
N PRO B 490 0.49 11.97 -20.43
CA PRO B 490 1.25 13.17 -20.03
C PRO B 490 1.35 14.26 -21.08
N LEU B 491 0.72 14.08 -22.24
CA LEU B 491 0.85 15.05 -23.33
C LEU B 491 -0.50 15.26 -23.99
N ARG B 492 -0.73 16.51 -24.40
CA ARG B 492 -1.94 16.89 -25.12
C ARG B 492 -1.55 17.97 -26.12
N ARG B 493 -1.78 17.70 -27.41
CA ARG B 493 -1.37 18.59 -28.50
C ARG B 493 0.14 18.82 -28.51
N GLY B 494 0.91 17.82 -28.11
CA GLY B 494 2.35 17.96 -28.03
C GLY B 494 2.82 18.64 -26.77
N ARG B 495 1.95 19.46 -26.18
CA ARG B 495 2.24 20.20 -24.96
C ARG B 495 1.91 19.34 -23.73
N PRO B 496 2.49 19.66 -22.57
CA PRO B 496 2.21 18.87 -21.37
C PRO B 496 0.75 18.96 -20.95
N SER B 497 0.26 17.88 -20.35
CA SER B 497 -1.12 17.80 -19.92
C SER B 497 -1.38 18.71 -18.73
N THR B 498 -2.65 18.86 -18.38
CA THR B 498 -3.06 19.77 -17.32
C THR B 498 -2.67 19.28 -15.93
N HIS B 499 -2.73 17.97 -15.69
CA HIS B 499 -2.43 17.43 -14.37
C HIS B 499 -0.93 17.35 -14.10
N MET B 500 -0.10 17.68 -15.07
CA MET B 500 1.34 17.77 -14.87
C MET B 500 1.82 19.19 -14.61
N ILE B 501 0.91 20.16 -14.56
CA ILE B 501 1.26 21.55 -14.32
C ILE B 501 0.54 22.02 -13.07
N PHE B 502 -0.59 21.38 -12.75
CA PHE B 502 -1.43 21.82 -11.64
C PHE B 502 -1.79 20.67 -10.70
N GLY B 503 -1.30 19.47 -10.95
CA GLY B 503 -1.64 18.33 -10.13
C GLY B 503 -2.95 17.69 -10.54
N THR B 504 -3.20 16.51 -9.97
CA THR B 504 -4.41 15.76 -10.27
C THR B 504 -5.62 16.29 -9.51
N GLU B 505 -5.47 16.49 -8.20
CA GLU B 505 -6.59 16.92 -7.36
C GLU B 505 -7.10 18.31 -7.74
N GLN B 506 -6.20 19.25 -8.02
CA GLN B 506 -6.63 20.58 -8.42
C GLN B 506 -7.35 20.56 -9.76
N THR B 507 -6.87 19.76 -10.70
CA THR B 507 -7.56 19.62 -11.99
C THR B 507 -8.94 19.01 -11.80
N ILE B 508 -9.06 18.01 -10.92
CA ILE B 508 -10.37 17.44 -10.64
C ILE B 508 -11.29 18.48 -10.01
N ASN B 509 -10.77 19.29 -9.09
CA ASN B 509 -11.57 20.32 -8.46
C ASN B 509 -12.04 21.37 -9.46
N SER B 510 -11.18 21.78 -10.39
CA SER B 510 -11.58 22.74 -11.41
C SER B 510 -12.55 22.16 -12.43
N ALA B 511 -12.40 20.89 -12.81
CA ALA B 511 -13.34 20.22 -13.68
C ALA B 511 -14.72 20.05 -13.03
N ASN B 512 -14.79 20.13 -11.71
CA ASN B 512 -16.05 20.09 -10.99
C ASN B 512 -16.73 21.45 -10.90
N PHE B 513 -15.97 22.54 -10.88
CA PHE B 513 -16.54 23.88 -10.91
C PHE B 513 -16.85 24.35 -12.31
N LEU B 514 -16.22 23.77 -13.33
CA LEU B 514 -16.56 24.12 -14.71
C LEU B 514 -18.00 23.76 -15.03
N LEU B 515 -18.50 22.65 -14.47
CA LEU B 515 -19.91 22.30 -14.67
C LEU B 515 -20.82 23.35 -14.06
N ILE B 516 -20.51 23.81 -12.86
CA ILE B 516 -21.31 24.85 -12.21
C ILE B 516 -21.23 26.16 -12.99
N ASP B 517 -20.06 26.47 -13.54
CA ASP B 517 -19.91 27.68 -14.36
C ASP B 517 -20.76 27.59 -15.62
N VAL B 518 -20.74 26.43 -16.29
CA VAL B 518 -21.60 26.24 -17.46
C VAL B 518 -23.05 26.35 -17.06
N MET B 519 -23.38 25.90 -15.85
CA MET B 519 -24.75 25.87 -15.38
C MET B 519 -25.32 27.28 -15.33
N GLU B 520 -24.53 28.26 -14.89
CA GLU B 520 -24.98 29.64 -14.89
C GLU B 520 -25.11 30.20 -16.30
N LYS B 521 -24.18 29.84 -17.20
CA LYS B 521 -24.25 30.33 -18.58
C LYS B 521 -25.54 29.89 -19.25
N VAL B 522 -26.03 28.70 -18.91
CA VAL B 522 -27.28 28.21 -19.49
C VAL B 522 -28.43 29.12 -19.09
N ARG B 523 -28.45 29.56 -17.82
CA ARG B 523 -29.55 30.38 -17.33
C ARG B 523 -29.58 31.74 -18.01
N GLN B 524 -28.42 32.27 -18.39
CA GLN B 524 -28.38 33.54 -19.10
C GLN B 524 -29.04 33.45 -20.47
N LEU B 525 -29.02 32.28 -21.09
CA LEU B 525 -29.85 32.03 -22.27
C LEU B 525 -31.29 31.89 -21.82
N ASP B 526 -31.95 33.01 -21.51
CA ASP B 526 -33.19 32.97 -20.76
C ASP B 526 -34.24 32.13 -21.47
N ASP B 527 -34.55 30.98 -20.86
CA ASP B 527 -35.58 30.01 -21.20
C ASP B 527 -35.68 29.00 -20.07
N PRO B 528 -36.87 28.71 -19.57
CA PRO B 528 -36.98 27.67 -18.54
C PRO B 528 -36.60 26.28 -19.03
N ARG B 529 -36.82 25.96 -20.31
CA ARG B 529 -36.66 24.59 -20.79
C ARG B 529 -35.23 24.26 -21.21
N CYS B 530 -34.36 25.26 -21.33
CA CYS B 530 -32.95 24.98 -21.61
C CYS B 530 -32.28 24.34 -20.40
N MET B 531 -32.88 24.52 -19.23
CA MET B 531 -32.40 23.93 -17.97
C MET B 531 -32.52 22.40 -18.00
N ASP B 532 -33.72 21.90 -18.32
CA ASP B 532 -33.99 20.47 -18.31
C ASP B 532 -33.20 19.76 -19.40
N ILE B 533 -33.09 20.37 -20.58
CA ILE B 533 -32.32 19.77 -21.66
C ILE B 533 -30.89 19.55 -21.21
N TYR B 534 -30.30 20.57 -20.59
CA TYR B 534 -28.95 20.45 -20.06
C TYR B 534 -28.84 19.30 -19.07
N LEU B 535 -29.77 19.23 -18.12
CA LEU B 535 -29.67 18.20 -17.09
C LEU B 535 -29.79 16.78 -17.67
N GLU B 536 -30.77 16.56 -18.54
CA GLU B 536 -30.97 15.23 -19.12
C GLU B 536 -29.80 14.82 -20.00
N GLU B 537 -29.32 15.76 -20.83
CA GLU B 537 -28.19 15.44 -21.71
C GLU B 537 -26.95 15.11 -20.90
N MET B 538 -26.70 15.83 -19.82
CA MET B 538 -25.54 15.52 -18.99
C MET B 538 -25.69 14.19 -18.27
N ARG B 539 -26.92 13.82 -17.88
CA ARG B 539 -27.14 12.48 -17.33
C ARG B 539 -26.77 11.40 -18.34
N ASN B 540 -27.19 11.57 -19.60
CA ASN B 540 -26.83 10.59 -20.62
C ASN B 540 -25.32 10.53 -20.83
N LEU B 541 -24.66 11.70 -20.85
CA LEU B 541 -23.20 11.71 -21.00
C LEU B 541 -22.53 10.93 -19.88
N PHE B 542 -22.97 11.14 -18.64
CA PHE B 542 -22.34 10.44 -17.52
C PHE B 542 -22.61 8.94 -17.57
N ILE B 543 -23.80 8.52 -18.00
CA ILE B 543 -24.08 7.09 -18.12
C ILE B 543 -23.14 6.45 -19.14
N GLY B 544 -22.99 7.09 -20.29
CA GLY B 544 -22.09 6.59 -21.31
C GLY B 544 -20.66 6.47 -20.82
N GLN B 545 -20.20 7.54 -20.15
CA GLN B 545 -18.83 7.52 -19.64
C GLN B 545 -18.64 6.45 -18.57
N SER B 546 -19.66 6.21 -17.75
CA SER B 546 -19.56 5.17 -16.73
C SER B 546 -19.40 3.80 -17.37
N PHE B 547 -20.17 3.54 -18.43
CA PHE B 547 -20.01 2.25 -19.11
C PHE B 547 -18.63 2.13 -19.75
N ASP B 548 -18.14 3.22 -20.35
CA ASP B 548 -16.80 3.18 -20.95
C ASP B 548 -15.74 2.85 -19.89
N LEU B 549 -15.81 3.52 -18.74
CA LEU B 549 -14.87 3.29 -17.65
C LEU B 549 -14.97 1.89 -17.06
N TYR B 550 -16.20 1.35 -16.92
CA TYR B 550 -16.34 -0.01 -16.43
C TYR B 550 -15.72 -1.02 -17.39
N TRP B 551 -15.98 -0.87 -18.69
CA TRP B 551 -15.38 -1.80 -19.64
C TRP B 551 -13.86 -1.68 -19.69
N THR B 552 -13.31 -0.47 -19.59
CA THR B 552 -11.87 -0.30 -19.61
C THR B 552 -11.18 -0.95 -18.41
N ARG B 553 -11.77 -0.87 -17.23
CA ARG B 553 -11.12 -1.38 -16.02
C ARG B 553 -11.33 -2.88 -15.86
N ASN B 554 -12.57 -3.33 -15.81
CA ASN B 554 -12.83 -4.74 -15.54
C ASN B 554 -12.74 -5.58 -16.81
N GLY B 555 -11.68 -5.37 -17.59
CA GLY B 555 -11.29 -6.23 -18.69
C GLY B 555 -12.39 -6.91 -19.47
N GLU B 556 -13.48 -6.19 -19.75
CA GLU B 556 -14.67 -6.79 -20.34
C GLU B 556 -14.87 -6.28 -21.75
N CYS B 557 -14.96 -7.20 -22.70
CA CYS B 557 -15.18 -6.85 -24.09
C CYS B 557 -16.66 -6.64 -24.34
N PRO B 558 -17.09 -5.44 -24.71
CA PRO B 558 -18.49 -5.23 -25.05
C PRO B 558 -18.85 -5.85 -26.39
N SER B 559 -20.15 -5.92 -26.65
CA SER B 559 -20.63 -6.32 -27.96
C SER B 559 -20.55 -5.13 -28.90
N GLU B 560 -20.85 -5.34 -30.17
CA GLU B 560 -20.87 -4.24 -31.12
C GLU B 560 -22.03 -3.28 -30.86
N GLU B 561 -23.20 -3.82 -30.54
CA GLU B 561 -24.35 -2.97 -30.24
C GLU B 561 -24.11 -2.14 -28.98
N GLN B 562 -23.56 -2.77 -27.95
CA GLN B 562 -23.25 -2.06 -26.72
C GLN B 562 -22.21 -0.97 -26.94
N TYR B 563 -21.18 -1.27 -27.72
CA TYR B 563 -20.15 -0.27 -27.99
C TYR B 563 -20.72 0.90 -28.80
N LEU B 564 -21.53 0.59 -29.81
CA LEU B 564 -22.10 1.65 -30.64
C LEU B 564 -23.11 2.49 -29.87
N ASP B 565 -23.82 1.91 -28.91
CA ASP B 565 -24.78 2.68 -28.14
C ASP B 565 -24.07 3.52 -27.08
N MET B 566 -22.93 3.06 -26.57
CA MET B 566 -22.17 3.84 -25.61
C MET B 566 -21.61 5.10 -26.25
N ILE B 567 -21.10 5.00 -27.47
CA ILE B 567 -20.53 6.16 -28.15
C ILE B 567 -21.58 7.11 -28.70
N ARG B 568 -22.85 6.70 -28.70
CA ARG B 568 -23.94 7.61 -29.04
C ARG B 568 -24.26 8.57 -27.91
N GLN B 569 -23.82 8.28 -26.70
CA GLN B 569 -24.06 9.11 -25.53
C GLN B 569 -22.81 9.83 -25.05
N LYS B 570 -21.68 9.12 -24.97
CA LYS B 570 -20.43 9.74 -24.53
C LYS B 570 -19.91 10.75 -25.55
N THR B 571 -20.08 10.48 -26.85
CA THR B 571 -19.58 11.37 -27.89
C THR B 571 -20.65 12.20 -28.57
N GLY B 572 -21.87 11.69 -28.73
CA GLY B 572 -22.93 12.45 -29.35
C GLY B 572 -23.74 13.25 -28.36
N GLY B 573 -23.34 13.20 -27.08
CA GLY B 573 -24.08 13.92 -26.06
C GLY B 573 -23.97 15.43 -26.22
N LEU B 574 -22.77 15.93 -26.50
CA LEU B 574 -22.58 17.37 -26.64
C LEU B 574 -23.32 17.91 -27.85
N PHE B 575 -23.27 17.19 -28.97
CA PHE B 575 -23.96 17.63 -30.17
C PHE B 575 -25.47 17.66 -29.95
N ARG B 576 -26.01 16.62 -29.32
CA ARG B 576 -27.44 16.59 -29.01
C ARG B 576 -27.82 17.74 -28.07
N LEU B 577 -26.99 17.99 -27.05
CA LEU B 577 -27.24 19.09 -26.13
C LEU B 577 -27.33 20.42 -26.88
N LEU B 578 -26.32 20.71 -27.68
CA LEU B 578 -26.28 21.99 -28.39
C LEU B 578 -27.45 22.11 -29.35
N THR B 579 -27.76 21.04 -30.07
CA THR B 579 -28.86 21.08 -31.03
C THR B 579 -30.19 21.34 -30.32
N ARG B 580 -30.44 20.64 -29.22
CA ARG B 580 -31.70 20.80 -28.51
C ARG B 580 -31.81 22.16 -27.83
N MET B 581 -30.68 22.77 -27.47
CA MET B 581 -30.72 24.15 -27.01
C MET B 581 -31.00 25.15 -28.12
N MET B 582 -30.34 25.02 -29.28
CA MET B 582 -30.53 25.97 -30.36
C MET B 582 -31.90 25.86 -31.04
N VAL B 583 -32.52 24.67 -31.05
CA VAL B 583 -33.89 24.58 -31.53
C VAL B 583 -34.87 25.26 -30.60
N GLN B 584 -34.57 25.30 -29.30
CA GLN B 584 -35.38 26.02 -28.33
C GLN B 584 -35.17 27.53 -28.40
N ILE B 585 -33.92 27.98 -28.55
CA ILE B 585 -33.65 29.41 -28.61
C ILE B 585 -34.07 30.00 -29.95
N ALA B 586 -34.15 29.17 -30.99
CA ALA B 586 -34.37 29.67 -32.33
C ALA B 586 -35.74 30.34 -32.43
N PRO B 587 -35.86 31.43 -33.21
CA PRO B 587 -37.17 32.06 -33.40
C PRO B 587 -38.17 31.13 -34.07
N VAL B 588 -39.24 30.81 -33.34
CA VAL B 588 -40.33 29.89 -33.69
C VAL B 588 -40.06 29.13 -34.99
N GLN B 589 -40.50 29.70 -36.11
CA GLN B 589 -40.36 29.18 -37.48
C GLN B 589 -40.19 27.67 -37.54
N GLN B 590 -38.93 27.20 -37.48
CA GLN B 590 -38.60 25.79 -37.57
C GLN B 590 -39.39 24.96 -36.57
N LYS B 591 -40.23 24.06 -37.06
CA LYS B 591 -41.08 23.26 -36.18
C LYS B 591 -40.64 21.81 -36.09
N GLY B 592 -40.55 21.14 -37.23
CA GLY B 592 -40.28 19.71 -37.24
C GLY B 592 -38.82 19.33 -37.20
N LEU B 593 -37.93 20.31 -37.25
CA LEU B 593 -36.50 20.05 -37.31
C LEU B 593 -35.93 19.77 -35.92
N GLU B 594 -36.49 18.79 -35.23
CA GLU B 594 -35.96 18.36 -33.94
C GLU B 594 -35.49 16.92 -34.02
N THR B 595 -36.36 16.03 -34.50
CA THR B 595 -35.99 14.63 -34.65
C THR B 595 -34.88 14.44 -35.67
N GLN B 596 -35.00 15.11 -36.81
CA GLN B 596 -34.01 14.98 -37.87
C GLN B 596 -32.63 15.43 -37.39
N LEU B 597 -32.59 16.60 -36.75
CA LEU B 597 -31.32 17.15 -36.30
C LEU B 597 -30.69 16.29 -35.20
N ALA B 598 -31.53 15.77 -34.29
CA ALA B 598 -31.02 14.90 -33.24
C ALA B 598 -30.43 13.61 -33.80
N SER B 599 -31.13 13.00 -34.76
CA SER B 599 -30.61 11.79 -35.40
C SER B 599 -29.30 12.07 -36.12
N LEU B 600 -29.24 13.22 -36.80
CA LEU B 600 -28.00 13.61 -37.48
C LEU B 600 -26.86 13.78 -36.48
N SER B 601 -27.15 14.41 -35.33
CA SER B 601 -26.12 14.58 -34.31
C SER B 601 -25.63 13.25 -33.76
N ASP B 602 -26.53 12.31 -33.50
CA ASP B 602 -26.11 10.99 -33.03
C ASP B 602 -25.23 10.29 -34.05
N VAL B 603 -25.63 10.28 -35.32
CA VAL B 603 -24.85 9.58 -36.33
C VAL B 603 -23.51 10.28 -36.54
N LEU B 604 -23.48 11.61 -36.40
CA LEU B 604 -22.23 12.35 -36.57
C LEU B 604 -21.27 12.07 -35.43
N GLY B 605 -21.77 11.97 -34.20
CA GLY B 605 -20.91 11.58 -33.10
C GLY B 605 -20.36 10.17 -33.26
N GLU B 606 -21.21 9.25 -33.73
CA GLU B 606 -20.73 7.90 -34.02
C GLU B 606 -19.62 7.93 -35.06
N PHE B 607 -19.78 8.74 -36.11
CA PHE B 607 -18.76 8.82 -37.15
C PHE B 607 -17.45 9.35 -36.58
N PHE B 608 -17.52 10.39 -35.74
CA PHE B 608 -16.30 10.90 -35.12
C PHE B 608 -15.60 9.83 -34.27
N GLN B 609 -16.36 9.08 -33.47
CA GLN B 609 -15.72 8.08 -32.63
C GLN B 609 -15.10 6.95 -33.46
N VAL B 610 -15.80 6.49 -34.49
CA VAL B 610 -15.25 5.43 -35.34
C VAL B 610 -14.02 5.93 -36.08
N ARG B 611 -14.05 7.18 -36.53
CA ARG B 611 -12.90 7.77 -37.18
C ARG B 611 -11.70 7.81 -36.24
N ASP B 612 -11.93 8.23 -34.99
CA ASP B 612 -10.84 8.28 -34.02
C ASP B 612 -10.28 6.89 -33.76
N ASP B 613 -11.15 5.89 -33.71
CA ASP B 613 -10.68 4.52 -33.55
C ASP B 613 -9.81 4.08 -34.73
N TYR B 614 -10.23 4.42 -35.94
CA TYR B 614 -9.49 4.06 -37.14
C TYR B 614 -8.13 4.74 -37.21
N LYS B 615 -8.09 6.05 -36.93
CA LYS B 615 -6.86 6.80 -37.06
C LYS B 615 -5.79 6.31 -36.09
N ASN B 616 -6.20 5.95 -34.87
CA ASN B 616 -5.26 5.59 -33.82
C ASN B 616 -4.51 4.29 -34.12
N LEU B 617 -4.97 3.48 -35.07
CA LEU B 617 -4.32 2.20 -35.32
C LEU B 617 -3.60 2.18 -36.66
N THR B 618 -4.32 2.47 -37.75
CA THR B 618 -3.75 2.33 -39.08
C THR B 618 -2.61 3.31 -39.33
N GLU B 619 -2.79 4.56 -38.90
CA GLU B 619 -1.69 5.52 -38.95
C GLU B 619 -1.48 6.16 -37.58
N LEU B 631 -4.64 1.22 -26.89
CA LEU B 631 -3.98 -0.01 -26.49
C LEU B 631 -3.13 0.19 -25.25
N ASP B 632 -2.45 1.34 -25.19
CA ASP B 632 -1.56 1.65 -24.07
C ASP B 632 -2.32 1.85 -22.77
N GLU B 633 -3.64 2.03 -22.82
CA GLU B 633 -4.46 2.17 -21.62
C GLU B 633 -5.59 1.16 -21.61
N CYS B 634 -5.47 0.11 -22.43
CA CYS B 634 -6.48 -0.94 -22.55
C CYS B 634 -7.84 -0.36 -22.90
N LYS B 635 -7.95 0.28 -24.06
CA LYS B 635 -9.19 0.85 -24.55
C LYS B 635 -9.73 -0.01 -25.67
N PHE B 636 -10.99 -0.41 -25.56
CA PHE B 636 -11.64 -1.20 -26.60
C PHE B 636 -12.05 -0.29 -27.75
N SER B 637 -11.70 -0.67 -28.96
CA SER B 637 -12.02 0.07 -30.16
C SER B 637 -12.97 -0.75 -31.03
N TYR B 638 -13.47 -0.12 -32.08
CA TYR B 638 -14.36 -0.83 -32.99
C TYR B 638 -13.66 -1.98 -33.71
N PRO B 639 -12.48 -1.81 -34.30
CA PRO B 639 -11.79 -2.97 -34.91
C PRO B 639 -11.44 -4.07 -33.92
N LEU B 640 -11.09 -3.69 -32.68
CA LEU B 640 -10.66 -4.69 -31.71
C LEU B 640 -11.81 -5.59 -31.30
N ILE B 641 -13.03 -5.06 -31.20
CA ILE B 641 -14.18 -5.87 -30.84
C ILE B 641 -14.43 -6.93 -31.91
N HIS B 642 -14.37 -6.52 -33.18
CA HIS B 642 -14.51 -7.46 -34.28
C HIS B 642 -13.42 -8.51 -34.25
N ALA B 643 -12.18 -8.10 -33.97
CA ALA B 643 -11.07 -9.04 -33.90
C ALA B 643 -11.29 -10.08 -32.81
N LEU B 644 -11.75 -9.64 -31.63
CA LEU B 644 -11.95 -10.55 -30.53
C LEU B 644 -13.22 -11.40 -30.68
N THR B 645 -14.19 -10.96 -31.49
CA THR B 645 -15.44 -11.69 -31.66
C THR B 645 -15.39 -12.69 -32.80
N SER B 646 -14.90 -12.27 -33.97
CA SER B 646 -14.84 -13.15 -35.13
C SER B 646 -13.94 -14.36 -34.88
N GLN B 647 -12.95 -14.21 -34.00
CA GLN B 647 -12.04 -15.30 -33.66
C GLN B 647 -12.15 -15.62 -32.18
N PRO B 648 -13.07 -16.50 -31.78
CA PRO B 648 -13.23 -16.81 -30.34
C PRO B 648 -12.09 -17.60 -29.74
N LYS B 649 -11.11 -18.04 -30.55
CA LYS B 649 -10.07 -18.93 -30.06
C LYS B 649 -8.68 -18.31 -30.09
N ASN B 650 -8.54 -17.07 -30.56
CA ASN B 650 -7.24 -16.42 -30.63
C ASN B 650 -6.75 -16.08 -29.23
N VAL B 651 -5.71 -16.79 -28.77
CA VAL B 651 -5.16 -16.56 -27.43
C VAL B 651 -4.04 -15.53 -27.44
N GLN B 652 -3.38 -15.32 -28.57
CA GLN B 652 -2.28 -14.37 -28.63
C GLN B 652 -2.76 -12.94 -28.42
N LEU B 653 -3.84 -12.54 -29.11
CA LEU B 653 -4.38 -11.20 -28.95
C LEU B 653 -4.83 -10.96 -27.51
N ARG B 654 -5.55 -11.93 -26.94
CA ARG B 654 -6.04 -11.78 -25.58
C ARG B 654 -4.90 -11.71 -24.58
N GLY B 655 -3.86 -12.51 -24.79
CA GLY B 655 -2.69 -12.45 -23.93
C GLY B 655 -1.96 -11.13 -24.00
N ILE B 656 -1.83 -10.57 -25.21
CA ILE B 656 -1.18 -9.27 -25.34
C ILE B 656 -2.03 -8.18 -24.68
N LEU B 657 -3.36 -8.28 -24.82
CA LEU B 657 -4.23 -7.33 -24.15
C LEU B 657 -4.09 -7.42 -22.63
N GLN B 658 -4.00 -8.65 -22.10
CA GLN B 658 -3.80 -8.80 -20.66
C GLN B 658 -2.42 -8.31 -20.22
N GLN B 659 -1.41 -8.46 -21.07
CA GLN B 659 -0.10 -7.90 -20.75
C GLN B 659 -0.18 -6.37 -20.67
N SER B 660 -0.92 -5.76 -21.57
CA SER B 660 -1.16 -4.33 -21.51
C SER B 660 -1.88 -3.95 -20.22
N ARG B 661 -2.87 -4.77 -19.84
CA ARG B 661 -3.62 -4.54 -18.61
C ARG B 661 -2.71 -4.57 -17.39
N SER B 662 -1.83 -5.56 -17.32
CA SER B 662 -1.01 -5.80 -16.14
C SER B 662 0.18 -4.84 -16.06
N ALA B 663 1.03 -4.86 -17.09
CA ALA B 663 2.25 -4.05 -17.10
C ALA B 663 1.94 -2.57 -17.04
N GLY B 664 0.94 -2.13 -17.82
CA GLY B 664 0.57 -0.73 -17.84
C GLY B 664 0.42 -0.18 -19.24
N GLY B 665 1.18 -0.75 -20.18
CA GLY B 665 1.11 -0.34 -21.57
C GLY B 665 1.84 -1.35 -22.44
N LEU B 666 1.79 -1.10 -23.74
CA LEU B 666 2.42 -1.97 -24.73
C LEU B 666 3.61 -1.26 -25.37
N ASP B 667 4.69 -2.02 -25.55
CA ASP B 667 5.84 -1.56 -26.30
C ASP B 667 5.63 -1.80 -27.80
N VAL B 668 6.53 -1.25 -28.62
CA VAL B 668 6.34 -1.17 -30.06
C VAL B 668 6.22 -2.54 -30.72
N PRO B 669 7.09 -3.53 -30.43
CA PRO B 669 6.88 -4.86 -31.02
C PRO B 669 5.53 -5.48 -30.70
N LEU B 670 5.05 -5.34 -29.46
CA LEU B 670 3.73 -5.87 -29.14
C LEU B 670 2.63 -5.14 -29.88
N LYS B 671 2.76 -3.82 -30.06
CA LYS B 671 1.80 -3.09 -30.87
C LYS B 671 1.81 -3.55 -32.32
N GLU B 672 2.98 -3.83 -32.87
CA GLU B 672 3.04 -4.39 -34.22
C GLU B 672 2.38 -5.75 -34.28
N THR B 673 2.55 -6.56 -33.25
CA THR B 673 1.86 -7.86 -33.19
C THR B 673 0.35 -7.68 -33.19
N VAL B 674 -0.14 -6.70 -32.41
CA VAL B 674 -1.58 -6.45 -32.36
C VAL B 674 -2.08 -6.01 -33.72
N LEU B 675 -1.35 -5.11 -34.39
CA LEU B 675 -1.78 -4.66 -35.71
C LEU B 675 -1.74 -5.80 -36.73
N SER B 676 -0.76 -6.69 -36.63
CA SER B 676 -0.71 -7.84 -37.53
C SER B 676 -1.92 -8.74 -37.30
N HIS B 677 -2.27 -8.97 -36.04
CA HIS B 677 -3.46 -9.77 -35.74
C HIS B 677 -4.72 -9.12 -36.30
N LEU B 678 -4.84 -7.79 -36.14
CA LEU B 678 -6.00 -7.08 -36.65
C LEU B 678 -6.08 -7.17 -38.16
N ARG B 679 -4.95 -7.04 -38.85
CA ARG B 679 -4.94 -7.11 -40.31
C ARG B 679 -5.27 -8.52 -40.78
N GLN B 680 -4.80 -9.53 -40.06
CA GLN B 680 -5.13 -10.91 -40.42
C GLN B 680 -6.61 -11.18 -40.22
N ALA B 681 -7.18 -10.63 -39.14
CA ALA B 681 -8.59 -10.89 -38.84
C ALA B 681 -9.52 -10.20 -39.82
N GLY B 682 -8.99 -9.29 -40.64
CA GLY B 682 -9.83 -8.52 -41.53
C GLY B 682 -10.74 -7.57 -40.78
N SER B 683 -10.22 -6.97 -39.71
CA SER B 683 -11.00 -6.06 -38.87
C SER B 683 -10.70 -4.60 -39.16
N ILE B 684 -9.73 -4.32 -40.03
CA ILE B 684 -9.42 -2.95 -40.42
C ILE B 684 -10.26 -2.51 -41.61
N GLU B 685 -10.64 -3.43 -42.49
CA GLU B 685 -11.58 -3.14 -43.56
C GLU B 685 -13.02 -3.28 -43.12
N TYR B 686 -13.27 -4.02 -42.04
CA TYR B 686 -14.58 -3.97 -41.38
C TYR B 686 -14.85 -2.59 -40.83
N THR B 687 -13.81 -1.85 -40.43
CA THR B 687 -13.98 -0.50 -39.91
C THR B 687 -14.29 0.50 -41.03
N GLU B 688 -13.64 0.37 -42.18
CA GLU B 688 -13.91 1.25 -43.31
C GLU B 688 -15.30 1.06 -43.89
N ALA B 689 -15.88 -0.13 -43.75
CA ALA B 689 -17.27 -0.31 -44.15
C ALA B 689 -18.21 0.47 -43.22
N LYS B 690 -17.89 0.53 -41.94
CA LYS B 690 -18.69 1.32 -41.00
C LYS B 690 -18.55 2.81 -41.31
N MET B 691 -17.35 3.26 -41.63
CA MET B 691 -17.15 4.68 -41.88
C MET B 691 -17.88 5.13 -43.14
N GLY B 692 -17.82 4.34 -44.20
CA GLY B 692 -18.53 4.70 -45.43
C GLY B 692 -20.03 4.65 -45.25
N GLU B 693 -20.53 3.70 -44.47
CA GLU B 693 -21.97 3.57 -44.28
C GLU B 693 -22.50 4.68 -43.37
N LEU B 694 -21.73 5.05 -42.35
CA LEU B 694 -22.14 6.13 -41.47
C LEU B 694 -22.18 7.45 -42.22
N MET B 695 -21.20 7.68 -43.09
CA MET B 695 -21.19 8.90 -43.90
C MET B 695 -22.38 8.95 -44.85
N GLU B 696 -22.82 7.78 -45.33
CA GLU B 696 -23.97 7.75 -46.22
C GLU B 696 -25.23 8.19 -45.48
N LYS B 697 -25.34 7.82 -44.20
CA LYS B 697 -26.48 8.28 -43.40
C LYS B 697 -26.41 9.78 -43.17
N ILE B 698 -25.22 10.32 -42.99
CA ILE B 698 -25.04 11.74 -42.72
C ILE B 698 -25.43 12.56 -43.96
N LEU C 426 23.30 33.15 5.67
CA LEU C 426 24.40 32.95 6.61
C LEU C 426 23.86 32.52 7.97
N GLY C 427 24.48 31.50 8.56
CA GLY C 427 24.06 30.97 9.83
C GLY C 427 24.58 29.57 10.07
N ASP C 428 24.23 28.97 11.19
CA ASP C 428 24.71 27.63 11.52
C ASP C 428 23.56 26.68 11.82
N GLU C 429 22.33 27.14 11.69
CA GLU C 429 21.16 26.36 12.08
C GLU C 429 20.98 25.11 11.25
N HIS C 430 21.36 25.12 9.97
CA HIS C 430 21.25 23.95 9.11
C HIS C 430 22.50 23.08 9.11
N LEU C 431 23.64 23.61 9.56
CA LEU C 431 24.83 22.79 9.74
C LEU C 431 24.76 22.01 11.05
N LEU C 432 24.60 22.72 12.16
CA LEU C 432 24.57 22.10 13.49
C LEU C 432 23.13 21.79 13.90
N GLY C 433 22.41 21.13 13.00
CA GLY C 433 21.11 20.61 13.34
C GLY C 433 21.10 19.10 13.45
N PRO C 434 21.69 18.42 12.47
CA PRO C 434 21.91 16.97 12.63
C PRO C 434 22.91 16.65 13.71
N ALA C 435 23.95 17.48 13.86
CA ALA C 435 24.93 17.24 14.90
C ALA C 435 24.30 17.36 16.28
N GLU C 436 23.44 18.36 16.47
CA GLU C 436 22.78 18.55 17.76
C GLU C 436 21.66 17.56 18.00
N TYR C 437 21.00 17.07 16.94
CA TYR C 437 19.93 16.10 17.14
C TYR C 437 20.46 14.80 17.73
N ILE C 438 21.53 14.25 17.15
CA ILE C 438 22.06 12.97 17.63
C ILE C 438 22.77 13.16 18.96
N SER C 439 23.16 14.39 19.29
CA SER C 439 23.81 14.67 20.56
C SER C 439 22.82 14.86 21.70
N SER C 440 21.52 14.82 21.42
CA SER C 440 20.48 14.89 22.43
C SER C 440 19.78 13.55 22.63
N LEU C 441 20.32 12.48 22.08
CA LEU C 441 19.76 11.14 22.18
C LEU C 441 20.33 10.42 23.40
N PRO C 442 19.67 9.35 23.85
CA PRO C 442 20.25 8.54 24.93
C PRO C 442 21.56 7.92 24.50
N SER C 443 22.40 7.61 25.49
CA SER C 443 23.72 7.08 25.20
C SER C 443 24.14 6.12 26.30
N LYS C 444 25.19 5.35 26.02
CA LYS C 444 25.71 4.39 26.99
C LYS C 444 26.87 5.02 27.77
N GLY C 445 27.82 5.62 27.07
CA GLY C 445 28.92 6.31 27.73
C GLY C 445 30.16 5.45 27.92
N VAL C 446 30.29 4.40 27.12
CA VAL C 446 31.43 3.50 27.20
C VAL C 446 32.71 4.26 26.90
N ARG C 447 32.69 5.08 25.85
CA ARG C 447 33.89 5.79 25.42
C ARG C 447 34.36 6.81 26.44
N GLU C 448 33.47 7.31 27.30
CA GLU C 448 33.84 8.24 28.35
C GLU C 448 34.26 7.55 29.63
N ALA C 449 33.59 6.45 29.99
CA ALA C 449 34.05 5.64 31.10
C ALA C 449 35.44 5.08 30.83
N PHE C 450 35.76 4.82 29.56
CA PHE C 450 37.10 4.36 29.20
C PHE C 450 38.15 5.43 29.53
N ILE C 451 37.85 6.70 29.21
CA ILE C 451 38.76 7.79 29.54
C ILE C 451 38.89 7.93 31.05
N ASP C 452 37.76 7.86 31.75
CA ASP C 452 37.79 7.97 33.20
C ASP C 452 38.63 6.87 33.84
N GLY C 453 38.51 5.64 33.33
CA GLY C 453 39.32 4.53 33.80
C GLY C 453 40.79 4.64 33.46
N LEU C 454 41.13 5.15 32.26
CA LEU C 454 42.50 5.40 31.91
C LEU C 454 43.13 6.51 32.73
N ASN C 455 42.32 7.44 33.24
CA ASN C 455 42.85 8.56 34.02
C ASN C 455 43.53 8.13 35.31
N VAL C 456 43.31 6.91 35.78
CA VAL C 456 43.96 6.46 37.01
C VAL C 456 45.45 6.28 36.79
N TRP C 457 45.83 5.41 35.84
CA TRP C 457 47.25 5.20 35.58
C TRP C 457 47.89 6.41 34.93
N LEU C 458 47.10 7.27 34.28
CA LEU C 458 47.58 8.49 33.64
C LEU C 458 46.90 9.67 34.31
N VAL C 459 47.49 10.17 35.40
CA VAL C 459 46.88 11.27 36.12
C VAL C 459 46.87 12.51 35.24
N LEU C 460 45.69 13.11 35.08
CA LEU C 460 45.51 14.21 34.16
C LEU C 460 44.72 15.33 34.82
N PRO C 461 44.93 16.58 34.42
CA PRO C 461 44.05 17.66 34.86
C PRO C 461 42.64 17.46 34.36
N ASP C 462 41.65 17.98 35.10
CA ASP C 462 40.26 17.77 34.73
C ASP C 462 39.93 18.44 33.39
N HIS C 463 40.52 19.60 33.13
CA HIS C 463 40.22 20.34 31.91
C HIS C 463 40.56 19.53 30.67
N ARG C 464 41.75 18.93 30.66
CA ARG C 464 42.16 18.08 29.55
C ARG C 464 41.27 16.86 29.40
N VAL C 465 40.84 16.27 30.53
CA VAL C 465 39.94 15.13 30.46
C VAL C 465 38.62 15.52 29.81
N ASN C 466 38.06 16.68 30.17
CA ASN C 466 36.83 17.12 29.53
C ASN C 466 37.03 17.41 28.04
N GLN C 467 38.17 18.00 27.67
CA GLN C 467 38.47 18.20 26.25
C GLN C 467 38.45 16.87 25.50
N LEU C 468 39.14 15.87 26.04
CA LEU C 468 39.21 14.57 25.38
C LEU C 468 37.83 13.89 25.34
N LYS C 469 37.03 14.07 26.39
CA LYS C 469 35.67 13.52 26.37
C LYS C 469 34.84 14.16 25.27
N SER C 470 34.97 15.47 25.08
CA SER C 470 34.26 16.14 23.99
C SER C 470 34.73 15.60 22.64
N ILE C 471 36.04 15.40 22.49
CA ILE C 471 36.57 14.86 21.23
C ILE C 471 35.97 13.49 20.94
N ALA C 472 35.97 12.62 21.95
CA ALA C 472 35.46 11.27 21.78
C ALA C 472 33.97 11.29 21.46
N GLN C 473 33.21 12.14 22.16
CA GLN C 473 31.78 12.25 21.92
C GLN C 473 31.49 12.69 20.50
N THR C 474 32.22 13.70 20.02
CA THR C 474 31.99 14.19 18.66
C THR C 474 32.33 13.13 17.62
N LEU C 475 33.46 12.44 17.80
CA LEU C 475 33.81 11.40 16.85
C LEU C 475 32.78 10.27 16.85
N HIS C 476 32.32 9.86 18.03
CA HIS C 476 31.32 8.81 18.10
C HIS C 476 30.01 9.25 17.44
N ASN C 477 29.62 10.50 17.65
CA ASN C 477 28.40 11.00 17.02
C ASN C 477 28.52 11.00 15.51
N ALA C 478 29.66 11.44 14.98
CA ALA C 478 29.86 11.44 13.53
C ALA C 478 29.80 10.02 12.97
N SER C 479 30.46 9.08 13.66
CA SER C 479 30.46 7.69 13.21
C SER C 479 29.05 7.11 13.21
N LEU C 480 28.28 7.37 14.28
CA LEU C 480 26.90 6.89 14.33
C LEU C 480 26.05 7.51 13.23
N MET C 481 26.26 8.81 12.98
CA MET C 481 25.53 9.48 11.91
C MET C 481 25.78 8.82 10.56
N LEU C 482 27.04 8.53 10.27
CA LEU C 482 27.38 7.96 8.97
C LEU C 482 26.99 6.49 8.84
N ASP C 483 27.07 5.71 9.92
CA ASP C 483 26.82 4.28 9.83
C ASP C 483 25.34 3.96 9.85
N ASP C 484 24.50 4.98 10.02
CA ASP C 484 23.06 4.82 9.92
C ASP C 484 22.53 5.05 8.52
N ILE C 485 23.11 6.00 7.79
CA ILE C 485 22.78 6.14 6.37
C ILE C 485 23.24 4.91 5.61
N GLU C 486 24.47 4.46 5.87
CA GLU C 486 24.96 3.28 5.18
C GLU C 486 24.65 2.01 5.96
N ASP C 487 23.42 1.91 6.48
CA ASP C 487 22.87 0.66 6.98
C ASP C 487 21.38 0.60 6.70
N HIS C 488 20.85 1.65 6.07
CA HIS C 488 19.41 1.82 5.84
C HIS C 488 18.61 1.47 7.10
N SER C 489 18.94 2.17 8.18
CA SER C 489 18.33 1.93 9.48
C SER C 489 17.33 3.03 9.78
N PRO C 490 16.02 2.75 9.73
CA PRO C 490 15.04 3.81 10.02
C PRO C 490 15.12 4.37 11.42
N LEU C 491 15.46 3.56 12.41
CA LEU C 491 15.42 3.97 13.80
C LEU C 491 16.78 3.77 14.47
N ARG C 492 16.97 4.50 15.56
CA ARG C 492 18.18 4.38 16.37
C ARG C 492 17.78 4.56 17.83
N ARG C 493 18.07 3.55 18.65
CA ARG C 493 17.70 3.53 20.08
C ARG C 493 16.21 3.75 20.28
N GLY C 494 15.39 3.22 19.37
CA GLY C 494 13.95 3.39 19.44
C GLY C 494 13.44 4.74 18.98
N ARG C 495 14.32 5.65 18.60
CA ARG C 495 13.93 6.97 18.13
C ARG C 495 14.35 7.15 16.67
N PRO C 496 13.68 8.04 15.93
CA PRO C 496 14.01 8.20 14.52
C PRO C 496 15.45 8.64 14.30
N SER C 497 16.04 8.13 13.22
CA SER C 497 17.42 8.42 12.89
C SER C 497 17.57 9.84 12.34
N THR C 498 18.83 10.27 12.22
CA THR C 498 19.09 11.64 11.81
C THR C 498 18.71 11.87 10.35
N HIS C 499 18.95 10.89 9.48
CA HIS C 499 18.68 11.07 8.06
C HIS C 499 17.20 11.00 7.73
N MET C 500 16.34 10.64 8.69
CA MET C 500 14.91 10.63 8.49
C MET C 500 14.25 11.89 9.02
N ILE C 501 15.05 12.85 9.50
CA ILE C 501 14.52 14.08 10.07
C ILE C 501 15.13 15.26 9.32
N PHE C 502 16.31 15.06 8.75
CA PHE C 502 16.98 16.15 8.05
C PHE C 502 17.25 15.85 6.60
N GLY C 503 17.46 14.58 6.26
CA GLY C 503 17.79 14.21 4.89
C GLY C 503 19.17 13.59 4.84
N THR C 504 19.39 12.75 3.81
CA THR C 504 20.67 12.07 3.67
C THR C 504 21.80 13.06 3.38
N GLU C 505 21.58 13.96 2.42
CA GLU C 505 22.63 14.90 2.02
C GLU C 505 22.99 15.85 3.16
N GLN C 506 21.98 16.37 3.88
CA GLN C 506 22.26 17.28 4.98
C GLN C 506 23.02 16.57 6.10
N THR C 507 22.65 15.32 6.39
CA THR C 507 23.35 14.56 7.41
C THR C 507 24.80 14.32 7.02
N ILE C 508 25.04 13.99 5.74
CA ILE C 508 26.42 13.79 5.28
C ILE C 508 27.21 15.08 5.42
N ASN C 509 26.60 16.20 5.03
CA ASN C 509 27.29 17.49 5.10
C ASN C 509 27.63 17.86 6.54
N SER C 510 26.69 17.61 7.46
CA SER C 510 26.96 17.89 8.87
C SER C 510 27.98 16.93 9.47
N ALA C 511 28.05 15.69 9.00
CA ALA C 511 29.01 14.73 9.51
C ALA C 511 30.43 14.98 9.02
N ASN C 512 30.60 15.40 7.77
CA ASN C 512 31.93 15.76 7.28
C ASN C 512 32.46 17.05 7.88
N PHE C 513 31.59 17.88 8.44
CA PHE C 513 32.03 19.08 9.15
C PHE C 513 32.49 18.77 10.57
N LEU C 514 31.92 17.75 11.20
CA LEU C 514 32.34 17.38 12.56
C LEU C 514 33.77 16.86 12.58
N LEU C 515 34.28 16.36 11.46
CA LEU C 515 35.69 16.00 11.36
C LEU C 515 36.57 17.23 11.41
N ILE C 516 36.12 18.31 10.75
CA ILE C 516 36.85 19.58 10.82
C ILE C 516 36.75 20.17 12.23
N ASP C 517 35.58 20.06 12.85
CA ASP C 517 35.38 20.62 14.19
C ASP C 517 36.28 19.96 15.21
N VAL C 518 36.37 18.62 15.17
CA VAL C 518 37.27 17.90 16.08
C VAL C 518 38.71 18.28 15.81
N MET C 519 39.07 18.47 14.54
CA MET C 519 40.39 18.88 14.13
C MET C 519 40.80 20.23 14.72
N GLU C 520 39.84 21.07 15.11
CA GLU C 520 40.13 22.28 15.88
C GLU C 520 40.30 22.02 17.36
N LYS C 521 39.75 20.91 17.87
CA LYS C 521 39.83 20.57 19.28
C LYS C 521 41.10 19.81 19.63
N VAL C 522 41.58 18.95 18.72
CA VAL C 522 42.88 18.34 18.90
C VAL C 522 43.98 19.38 18.88
N ARG C 523 43.77 20.47 18.14
CA ARG C 523 44.72 21.57 18.08
C ARG C 523 44.74 22.44 19.33
N GLN C 524 43.74 22.32 20.20
CA GLN C 524 43.68 23.07 21.44
C GLN C 524 44.28 22.29 22.61
N LEU C 525 44.84 21.12 22.36
CA LEU C 525 45.48 20.31 23.38
C LEU C 525 46.95 20.66 23.58
N ASP C 526 47.46 21.62 22.82
CA ASP C 526 48.80 22.18 22.99
C ASP C 526 49.88 21.10 22.82
N ASP C 527 49.81 20.43 21.67
CA ASP C 527 50.83 19.45 21.31
C ASP C 527 50.84 19.21 19.81
N PRO C 528 51.96 19.46 19.13
CA PRO C 528 52.05 19.12 17.70
C PRO C 528 51.90 17.64 17.43
N ARG C 529 52.38 16.77 18.32
CA ARG C 529 52.33 15.34 18.10
C ARG C 529 50.92 14.77 18.18
N CYS C 530 49.98 15.50 18.78
CA CYS C 530 48.60 15.03 18.87
C CYS C 530 47.90 15.04 17.52
N MET C 531 48.37 15.86 16.59
CA MET C 531 47.78 15.89 15.25
C MET C 531 48.17 14.67 14.43
N ASP C 532 49.41 14.20 14.58
CA ASP C 532 49.84 13.01 13.86
C ASP C 532 49.05 11.77 14.31
N ILE C 533 48.81 11.66 15.61
CA ILE C 533 48.02 10.53 16.12
C ILE C 533 46.63 10.55 15.52
N TYR C 534 45.99 11.72 15.53
CA TYR C 534 44.68 11.87 14.90
C TYR C 534 44.72 11.45 13.44
N LEU C 535 45.71 11.96 12.70
CA LEU C 535 45.77 11.74 11.25
C LEU C 535 46.12 10.30 10.91
N GLU C 536 46.70 9.54 11.84
CA GLU C 536 47.02 8.14 11.57
C GLU C 536 45.87 7.21 11.96
N GLU C 537 45.31 7.40 13.17
CA GLU C 537 44.21 6.53 13.57
C GLU C 537 42.96 6.79 12.74
N MET C 538 42.74 8.01 12.27
CA MET C 538 41.61 8.22 11.36
C MET C 538 41.79 7.47 10.06
N ARG C 539 43.03 7.43 9.54
CA ARG C 539 43.32 6.64 8.35
C ARG C 539 43.02 5.17 8.57
N ASN C 540 43.45 4.63 9.71
CA ASN C 540 43.16 3.22 10.01
C ASN C 540 41.67 2.96 10.13
N LEU C 541 40.93 3.87 10.78
CA LEU C 541 39.48 3.72 10.89
C LEU C 541 38.82 3.70 9.52
N PHE C 542 39.25 4.60 8.63
CA PHE C 542 38.66 4.65 7.30
C PHE C 542 38.99 3.41 6.49
N ILE C 543 40.20 2.87 6.64
CA ILE C 543 40.55 1.61 5.97
C ILE C 543 39.63 0.48 6.43
N GLY C 544 39.45 0.35 7.76
CA GLY C 544 38.60 -0.71 8.26
C GLY C 544 37.16 -0.58 7.77
N GLN C 545 36.61 0.63 7.84
CA GLN C 545 35.25 0.85 7.37
C GLN C 545 35.13 0.59 5.88
N SER C 546 36.17 0.93 5.11
CA SER C 546 36.14 0.65 3.68
C SER C 546 36.07 -0.84 3.39
N PHE C 547 36.87 -1.63 4.12
CA PHE C 547 36.82 -3.07 3.92
C PHE C 547 35.46 -3.65 4.31
N ASP C 548 34.89 -3.18 5.42
CA ASP C 548 33.57 -3.64 5.82
C ASP C 548 32.53 -3.28 4.76
N LEU C 549 32.60 -2.07 4.23
CA LEU C 549 31.67 -1.64 3.19
C LEU C 549 31.81 -2.48 1.93
N TYR C 550 33.03 -2.83 1.56
CA TYR C 550 33.23 -3.68 0.39
C TYR C 550 32.60 -5.05 0.61
N TRP C 551 32.87 -5.68 1.76
CA TRP C 551 32.29 -6.99 2.00
C TRP C 551 30.77 -6.93 2.11
N THR C 552 30.20 -5.81 2.55
CA THR C 552 28.76 -5.69 2.57
C THR C 552 28.17 -5.53 1.18
N ARG C 553 28.75 -4.65 0.36
CA ARG C 553 28.24 -4.42 -0.99
C ARG C 553 28.34 -5.68 -1.83
N ASN C 554 29.56 -6.12 -2.12
CA ASN C 554 29.78 -7.39 -2.78
C ASN C 554 29.76 -8.49 -1.73
N GLY C 555 28.80 -9.41 -1.82
CA GLY C 555 28.62 -10.37 -0.75
C GLY C 555 29.74 -11.38 -0.67
N GLU C 556 30.93 -10.91 -0.32
CA GLU C 556 32.13 -11.74 -0.25
C GLU C 556 32.43 -12.00 1.23
N CYS C 557 32.44 -13.28 1.60
CA CYS C 557 32.70 -13.65 2.98
C CYS C 557 34.18 -13.55 3.29
N PRO C 558 34.58 -12.73 4.25
CA PRO C 558 35.99 -12.71 4.67
C PRO C 558 36.33 -13.91 5.55
N SER C 559 37.63 -14.12 5.72
CA SER C 559 38.11 -15.14 6.64
C SER C 559 37.97 -14.64 8.08
N GLU C 560 38.13 -15.57 9.02
CA GLU C 560 38.03 -15.20 10.43
C GLU C 560 39.12 -14.20 10.80
N GLU C 561 40.34 -14.43 10.32
CA GLU C 561 41.43 -13.49 10.56
C GLU C 561 41.12 -12.13 9.96
N GLN C 562 40.71 -12.12 8.68
CA GLN C 562 40.41 -10.87 7.99
C GLN C 562 39.35 -10.07 8.73
N TYR C 563 38.31 -10.76 9.20
CA TYR C 563 37.27 -10.10 9.99
C TYR C 563 37.84 -9.58 11.30
N LEU C 564 38.77 -10.32 11.90
CA LEU C 564 39.36 -9.93 13.17
C LEU C 564 40.39 -8.82 13.03
N ASP C 565 40.96 -8.60 11.85
CA ASP C 565 41.78 -7.41 11.63
C ASP C 565 40.97 -6.19 11.21
N MET C 566 39.80 -6.39 10.61
CA MET C 566 38.93 -5.26 10.29
C MET C 566 38.38 -4.60 11.55
N ILE C 567 37.98 -5.38 12.54
CA ILE C 567 37.34 -4.83 13.73
C ILE C 567 38.35 -4.39 14.78
N ARG C 568 39.63 -4.64 14.57
CA ARG C 568 40.68 -4.08 15.42
C ARG C 568 41.01 -2.64 15.03
N GLN C 569 40.47 -2.18 13.92
CA GLN C 569 40.64 -0.83 13.40
C GLN C 569 39.32 -0.07 13.32
N LYS C 570 38.27 -0.70 12.79
CA LYS C 570 36.97 -0.05 12.69
C LYS C 570 36.38 0.27 14.06
N THR C 571 36.47 -0.66 15.00
CA THR C 571 35.91 -0.47 16.33
C THR C 571 36.93 -0.07 17.38
N GLY C 572 38.11 -0.70 17.40
CA GLY C 572 39.16 -0.35 18.32
C GLY C 572 39.96 0.87 17.94
N GLY C 573 39.65 1.50 16.81
CA GLY C 573 40.36 2.67 16.37
C GLY C 573 40.16 3.87 17.28
N LEU C 574 38.92 4.10 17.71
CA LEU C 574 38.65 5.22 18.61
C LEU C 574 39.34 5.04 19.95
N PHE C 575 39.32 3.83 20.49
CA PHE C 575 39.98 3.58 21.77
C PHE C 575 41.48 3.84 21.68
N ARG C 576 42.11 3.35 20.61
CA ARG C 576 43.54 3.58 20.40
C ARG C 576 43.83 5.06 20.20
N LEU C 577 42.98 5.74 19.46
CA LEU C 577 43.13 7.18 19.23
C LEU C 577 43.09 7.94 20.55
N LEU C 578 42.11 7.63 21.40
CA LEU C 578 42.01 8.28 22.70
C LEU C 578 43.20 7.95 23.59
N THR C 579 43.64 6.70 23.56
CA THR C 579 44.74 6.28 24.42
C THR C 579 46.05 6.97 24.04
N ARG C 580 46.37 7.00 22.75
CA ARG C 580 47.67 7.53 22.35
C ARG C 580 47.70 9.05 22.43
N MET C 581 46.54 9.70 22.39
CA MET C 581 46.46 11.13 22.68
C MET C 581 46.27 11.41 24.16
N MET C 582 46.28 10.38 24.99
CA MET C 582 46.19 10.57 26.43
C MET C 582 47.50 10.32 27.16
N VAL C 583 48.38 9.45 26.66
CA VAL C 583 49.72 9.31 27.23
C VAL C 583 50.66 10.40 26.76
N GLN C 584 50.23 11.23 25.81
CA GLN C 584 51.04 12.36 25.33
C GLN C 584 50.93 13.59 26.22
N ILE C 585 49.74 13.89 26.74
CA ILE C 585 49.61 14.96 27.73
C ILE C 585 49.87 14.47 29.14
N ALA C 586 50.05 13.16 29.33
CA ALA C 586 50.27 12.61 30.66
C ALA C 586 51.52 13.20 31.28
N PRO C 587 51.44 13.83 32.46
CA PRO C 587 52.62 14.47 33.05
C PRO C 587 53.81 13.54 33.19
N VAL C 588 54.86 13.81 32.40
CA VAL C 588 56.16 13.15 32.43
C VAL C 588 56.01 11.66 32.76
N GLN C 589 56.81 11.18 33.71
CA GLN C 589 56.89 9.79 34.18
C GLN C 589 56.24 8.77 33.26
N GLN C 590 54.91 8.68 33.30
CA GLN C 590 54.19 7.60 32.62
C GLN C 590 54.26 7.71 31.11
N LYS C 591 55.17 6.94 30.51
CA LYS C 591 55.21 6.74 29.06
C LYS C 591 55.45 5.26 28.74
N GLY C 592 55.98 4.52 29.72
CA GLY C 592 56.21 3.10 29.51
C GLY C 592 54.94 2.32 29.27
N LEU C 593 53.83 2.75 29.87
CA LEU C 593 52.53 2.11 29.67
C LEU C 593 51.90 2.67 28.39
N GLU C 594 52.52 2.32 27.27
CA GLU C 594 51.99 2.71 25.96
C GLU C 594 51.57 1.46 25.18
N THR C 595 52.48 0.50 25.04
CA THR C 595 52.16 -0.73 24.32
C THR C 595 51.09 -1.52 25.03
N GLN C 596 51.17 -1.60 26.36
CA GLN C 596 50.18 -2.34 27.13
C GLN C 596 48.78 -1.77 26.94
N LEU C 597 48.67 -0.43 26.99
CA LEU C 597 47.37 0.20 26.83
C LEU C 597 46.87 0.07 25.39
N ALA C 598 47.75 0.09 24.41
CA ALA C 598 47.34 -0.13 23.03
C ALA C 598 46.78 -1.53 22.83
N SER C 599 47.44 -2.54 23.41
CA SER C 599 46.92 -3.90 23.33
C SER C 599 45.57 -4.01 24.05
N LEU C 600 45.45 -3.35 25.21
CA LEU C 600 44.18 -3.35 25.93
C LEU C 600 43.07 -2.75 25.07
N SER C 601 43.36 -1.63 24.41
CA SER C 601 42.37 -0.99 23.54
C SER C 601 41.99 -1.89 22.37
N ASP C 602 42.96 -2.58 21.79
CA ASP C 602 42.68 -3.49 20.68
C ASP C 602 41.76 -4.63 21.12
N VAL C 603 42.06 -5.24 22.28
CA VAL C 603 41.23 -6.33 22.76
C VAL C 603 39.84 -5.83 23.11
N LEU C 604 39.74 -4.63 23.69
CA LEU C 604 38.44 -4.05 23.98
C LEU C 604 37.62 -3.82 22.72
N GLY C 605 38.25 -3.30 21.66
CA GLY C 605 37.55 -3.13 20.39
C GLY C 605 37.09 -4.43 19.77
N GLU C 606 37.91 -5.48 19.85
CA GLU C 606 37.46 -6.78 19.36
C GLU C 606 36.29 -7.31 20.17
N PHE C 607 36.36 -7.23 21.49
CA PHE C 607 35.31 -7.74 22.36
C PHE C 607 34.00 -7.01 22.18
N PHE C 608 34.02 -5.69 22.03
CA PHE C 608 32.81 -4.91 21.92
C PHE C 608 32.09 -5.13 20.58
N GLN C 609 32.73 -5.79 19.63
CA GLN C 609 32.09 -6.17 18.38
C GLN C 609 31.62 -7.63 18.40
N VAL C 610 32.42 -8.53 18.97
CA VAL C 610 31.93 -9.89 19.14
C VAL C 610 30.70 -9.93 20.04
N ARG C 611 30.69 -9.14 21.11
CA ARG C 611 29.54 -9.07 22.00
C ARG C 611 28.31 -8.57 21.28
N ASP C 612 28.46 -7.53 20.45
CA ASP C 612 27.33 -7.02 19.69
C ASP C 612 26.81 -8.02 18.67
N ASP C 613 27.69 -8.76 17.99
CA ASP C 613 27.24 -9.81 17.09
C ASP C 613 26.44 -10.88 17.83
N TYR C 614 26.96 -11.33 18.98
CA TYR C 614 26.27 -12.36 19.75
C TYR C 614 24.91 -11.86 20.23
N LYS C 615 24.85 -10.61 20.70
CA LYS C 615 23.58 -10.04 21.17
C LYS C 615 22.59 -9.92 20.02
N ASN C 616 23.06 -9.47 18.86
CA ASN C 616 22.16 -9.30 17.71
C ASN C 616 21.59 -10.64 17.27
N LEU C 617 22.41 -11.68 17.29
CA LEU C 617 21.91 -12.99 16.84
C LEU C 617 21.05 -13.68 17.89
N THR C 618 21.61 -13.96 19.07
CA THR C 618 20.95 -14.83 20.03
C THR C 618 19.74 -14.17 20.68
N GLU C 619 19.62 -12.84 20.60
CA GLU C 619 18.51 -12.16 21.25
C GLU C 619 17.70 -11.36 20.24
N LEU C 631 21.45 -9.18 9.76
CA LEU C 631 21.44 -9.77 8.43
C LEU C 631 20.40 -9.10 7.54
N ASP C 632 19.62 -8.20 8.13
CA ASP C 632 18.63 -7.45 7.36
C ASP C 632 19.31 -6.61 6.28
N GLU C 633 20.45 -6.01 6.62
CA GLU C 633 21.28 -5.29 5.66
C GLU C 633 22.39 -6.16 5.07
N CYS C 634 22.37 -7.46 5.36
CA CYS C 634 23.36 -8.42 4.87
C CYS C 634 24.76 -8.03 5.36
N LYS C 635 24.91 -8.06 6.68
CA LYS C 635 26.17 -7.80 7.34
C LYS C 635 26.72 -9.08 7.93
N PHE C 636 28.00 -9.34 7.70
CA PHE C 636 28.65 -10.53 8.23
C PHE C 636 28.95 -10.35 9.72
N SER C 637 29.12 -11.48 10.39
CA SER C 637 29.41 -11.49 11.82
C SER C 637 30.27 -12.70 12.13
N TYR C 638 30.89 -12.68 13.31
CA TYR C 638 31.74 -13.79 13.72
C TYR C 638 31.00 -15.12 13.75
N PRO C 639 29.79 -15.24 14.29
CA PRO C 639 29.06 -16.51 14.17
C PRO C 639 28.76 -16.92 12.74
N LEU C 640 28.50 -15.97 11.84
CA LEU C 640 28.04 -16.28 10.50
C LEU C 640 29.17 -16.66 9.55
N ILE C 641 30.42 -16.40 9.91
CA ILE C 641 31.56 -16.83 9.12
C ILE C 641 31.94 -18.27 9.42
N HIS C 642 31.85 -18.66 10.70
CA HIS C 642 32.12 -20.04 11.06
C HIS C 642 31.14 -20.98 10.39
N ALA C 643 29.88 -20.59 10.30
CA ALA C 643 28.88 -21.42 9.63
C ALA C 643 29.21 -21.59 8.15
N LEU C 644 29.61 -20.50 7.49
CA LEU C 644 29.91 -20.57 6.07
C LEU C 644 31.23 -21.25 5.78
N THR C 645 32.13 -21.35 6.75
CA THR C 645 33.43 -21.98 6.55
C THR C 645 33.39 -23.46 6.90
N SER C 646 32.81 -23.80 8.06
CA SER C 646 32.72 -25.19 8.48
C SER C 646 31.84 -26.01 7.55
N GLN C 647 30.77 -25.40 7.04
CA GLN C 647 29.85 -26.09 6.15
C GLN C 647 29.95 -25.52 4.74
N PRO C 648 30.86 -26.03 3.91
CA PRO C 648 31.03 -25.47 2.57
C PRO C 648 29.92 -25.77 1.59
N LYS C 649 29.03 -26.73 1.90
CA LYS C 649 27.97 -27.12 0.99
C LYS C 649 26.58 -26.76 1.51
N ASN C 650 26.49 -25.86 2.49
CA ASN C 650 25.19 -25.43 2.97
C ASN C 650 24.55 -24.49 1.96
N VAL C 651 23.75 -25.04 1.05
CA VAL C 651 23.12 -24.23 0.01
C VAL C 651 21.93 -23.45 0.54
N GLN C 652 21.29 -23.91 1.61
CA GLN C 652 20.15 -23.20 2.15
C GLN C 652 20.57 -21.86 2.76
N LEU C 653 21.61 -21.87 3.60
CA LEU C 653 22.08 -20.64 4.23
C LEU C 653 22.56 -19.64 3.19
N ARG C 654 23.30 -20.11 2.19
CA ARG C 654 23.85 -19.25 1.16
C ARG C 654 22.80 -18.67 0.23
N GLY C 655 21.57 -19.18 0.27
CA GLY C 655 20.50 -18.62 -0.54
C GLY C 655 19.63 -17.68 0.26
N ILE C 656 19.44 -17.98 1.54
CA ILE C 656 18.80 -17.03 2.44
C ILE C 656 19.63 -15.79 2.62
N LEU C 657 20.95 -15.92 2.58
CA LEU C 657 21.84 -14.76 2.65
C LEU C 657 21.81 -13.94 1.37
N GLN C 658 21.28 -14.47 0.27
CA GLN C 658 21.14 -13.74 -0.98
C GLN C 658 19.75 -13.16 -1.17
N GLN C 659 18.73 -13.80 -0.62
CA GLN C 659 17.39 -13.23 -0.66
C GLN C 659 17.36 -11.90 0.09
N SER C 660 18.08 -11.81 1.21
CA SER C 660 18.18 -10.56 1.95
C SER C 660 18.84 -9.48 1.12
N ARG C 661 19.93 -9.84 0.42
CA ARG C 661 20.63 -8.88 -0.41
C ARG C 661 19.76 -8.38 -1.55
N SER C 662 19.00 -9.29 -2.17
CA SER C 662 18.17 -8.93 -3.31
C SER C 662 16.95 -8.12 -2.89
N ALA C 663 16.09 -8.72 -2.07
CA ALA C 663 14.86 -8.04 -1.64
C ALA C 663 15.15 -6.78 -0.84
N GLY C 664 16.12 -6.85 0.06
CA GLY C 664 16.47 -5.71 0.88
C GLY C 664 16.46 -6.03 2.36
N GLY C 665 15.78 -7.12 2.73
CA GLY C 665 15.71 -7.52 4.12
C GLY C 665 14.98 -8.83 4.32
N LEU C 666 15.37 -9.56 5.37
CA LEU C 666 14.76 -10.85 5.67
C LEU C 666 13.52 -10.67 6.53
N ASP C 667 12.56 -11.57 6.36
CA ASP C 667 11.40 -11.64 7.23
C ASP C 667 11.71 -12.49 8.46
N VAL C 668 10.79 -12.47 9.42
CA VAL C 668 10.98 -13.24 10.65
C VAL C 668 11.10 -14.74 10.39
N PRO C 669 10.26 -15.37 9.54
CA PRO C 669 10.46 -16.80 9.28
C PRO C 669 11.83 -17.14 8.70
N LEU C 670 12.38 -16.27 7.86
CA LEU C 670 13.72 -16.50 7.33
C LEU C 670 14.80 -16.25 8.38
N LYS C 671 14.59 -15.27 9.26
CA LYS C 671 15.50 -15.07 10.38
C LYS C 671 15.56 -16.30 11.28
N GLU C 672 14.41 -16.92 11.55
CA GLU C 672 14.40 -18.14 12.35
C GLU C 672 15.17 -19.25 11.66
N THR C 673 15.04 -19.36 10.33
CA THR C 673 15.78 -20.39 9.60
C THR C 673 17.28 -20.15 9.68
N VAL C 674 17.71 -18.90 9.57
CA VAL C 674 19.13 -18.59 9.71
C VAL C 674 19.63 -18.94 11.10
N LEU C 675 18.84 -18.58 12.12
CA LEU C 675 19.24 -18.91 13.49
C LEU C 675 19.34 -20.40 13.72
N SER C 676 18.39 -21.18 13.19
CA SER C 676 18.46 -22.63 13.26
C SER C 676 19.66 -23.21 12.52
N HIS C 677 19.99 -22.67 11.35
CA HIS C 677 21.19 -23.10 10.62
C HIS C 677 22.46 -22.81 11.40
N LEU C 678 22.54 -21.66 12.07
CA LEU C 678 23.70 -21.31 12.87
C LEU C 678 23.80 -22.13 14.14
N ARG C 679 22.66 -22.48 14.75
CA ARG C 679 22.67 -23.30 15.95
C ARG C 679 23.16 -24.72 15.71
N GLN C 680 22.81 -25.33 14.58
CA GLN C 680 23.24 -26.69 14.25
C GLN C 680 24.72 -26.77 13.93
N ALA C 681 25.33 -25.70 13.45
CA ALA C 681 26.75 -25.69 13.12
C ALA C 681 27.63 -25.39 14.32
N GLY C 682 27.06 -25.10 15.48
CA GLY C 682 27.85 -24.79 16.65
C GLY C 682 28.52 -23.44 16.61
N SER C 683 27.98 -22.50 15.85
CA SER C 683 28.59 -21.18 15.73
C SER C 683 28.46 -20.38 17.01
N ILE C 684 27.32 -20.50 17.71
CA ILE C 684 27.11 -19.71 18.92
C ILE C 684 28.10 -20.10 20.01
N GLU C 685 28.35 -21.40 20.17
CA GLU C 685 29.34 -21.85 21.15
C GLU C 685 30.73 -21.34 20.80
N TYR C 686 31.05 -21.30 19.51
CA TYR C 686 32.31 -20.74 19.05
C TYR C 686 32.43 -19.26 19.43
N THR C 687 31.33 -18.51 19.26
CA THR C 687 31.30 -17.11 19.67
C THR C 687 31.51 -16.95 21.17
N GLU C 688 30.84 -17.79 21.96
CA GLU C 688 31.02 -17.74 23.42
C GLU C 688 32.45 -18.04 23.83
N ALA C 689 33.07 -19.04 23.19
CA ALA C 689 34.46 -19.34 23.49
C ALA C 689 35.38 -18.17 23.15
N LYS C 690 35.16 -17.53 22.01
CA LYS C 690 35.97 -16.36 21.66
C LYS C 690 35.79 -15.24 22.68
N MET C 691 34.55 -15.02 23.12
CA MET C 691 34.29 -14.01 24.14
C MET C 691 35.03 -14.32 25.43
N GLY C 692 35.00 -15.57 25.86
CA GLY C 692 35.70 -15.98 27.07
C GLY C 692 37.19 -15.74 26.98
N GLU C 693 37.79 -16.14 25.85
CA GLU C 693 39.21 -15.92 25.64
C GLU C 693 39.56 -14.44 25.66
N LEU C 694 38.73 -13.62 25.01
CA LEU C 694 38.98 -12.18 24.97
C LEU C 694 38.93 -11.58 26.37
N MET C 695 37.94 -11.97 27.17
CA MET C 695 37.88 -11.48 28.54
C MET C 695 39.07 -11.95 29.37
N GLU C 696 39.53 -13.18 29.17
CA GLU C 696 40.74 -13.62 29.86
C GLU C 696 41.91 -12.70 29.53
N LYS C 697 42.06 -12.36 28.25
CA LYS C 697 43.12 -11.43 27.86
C LYS C 697 42.94 -10.06 28.52
N ILE C 698 41.71 -9.58 28.62
CA ILE C 698 41.46 -8.28 29.23
C ILE C 698 41.88 -8.28 30.70
N THR C 699 41.47 -9.29 31.45
CA THR C 699 41.86 -9.35 32.86
C THR C 699 43.36 -9.52 33.03
N ASP C 700 44.00 -10.31 32.17
CA ASP C 700 45.45 -10.44 32.25
C ASP C 700 46.15 -9.10 32.02
N SER C 701 45.71 -8.36 31.00
CA SER C 701 46.29 -7.06 30.73
C SER C 701 46.09 -6.09 31.89
N VAL C 702 44.88 -6.10 32.46
CA VAL C 702 44.58 -5.20 33.57
C VAL C 702 45.45 -5.54 34.78
N VAL C 703 45.58 -6.83 35.08
CA VAL C 703 46.37 -7.22 36.25
C VAL C 703 47.84 -6.87 36.04
N SER C 704 48.34 -7.03 34.81
CA SER C 704 49.73 -6.66 34.55
C SER C 704 49.93 -5.16 34.71
N LEU C 705 49.03 -4.37 34.14
CA LEU C 705 49.16 -2.91 34.20
C LEU C 705 49.09 -2.40 35.64
N GLU C 706 48.16 -2.93 36.44
CA GLU C 706 48.12 -2.54 37.84
C GLU C 706 49.32 -3.08 38.60
N GLY C 707 49.93 -4.17 38.13
CA GLY C 707 51.16 -4.64 38.73
C GLY C 707 52.31 -3.67 38.53
N GLU C 708 52.46 -3.16 37.31
CA GLU C 708 53.55 -2.23 37.03
C GLU C 708 53.41 -0.94 37.84
N THR C 709 52.19 -0.41 37.91
CA THR C 709 51.96 0.83 38.65
C THR C 709 51.84 0.56 40.15
N GLY D 427 44.96 -3.12 3.87
CA GLY D 427 45.29 -2.55 2.58
C GLY D 427 44.64 -1.21 2.33
N ASP D 428 44.74 -0.73 1.10
CA ASP D 428 44.14 0.58 0.77
C ASP D 428 43.41 0.58 -0.57
N GLU D 429 43.05 -0.58 -1.12
CA GLU D 429 42.46 -0.61 -2.45
C GLU D 429 41.01 -0.13 -2.46
N HIS D 430 40.28 -0.32 -1.37
CA HIS D 430 38.88 0.07 -1.29
C HIS D 430 38.69 1.46 -0.68
N LEU D 431 39.77 2.14 -0.35
CA LEU D 431 39.74 3.51 0.14
C LEU D 431 40.22 4.50 -0.91
N LEU D 432 41.30 4.18 -1.62
CA LEU D 432 41.84 5.05 -2.65
C LEU D 432 41.20 4.83 -4.01
N GLY D 433 40.28 3.88 -4.12
CA GLY D 433 39.67 3.54 -5.38
C GLY D 433 38.90 4.69 -5.99
N PRO D 434 37.82 5.11 -5.33
CA PRO D 434 37.02 6.22 -5.87
C PRO D 434 37.81 7.50 -6.08
N ALA D 435 38.75 7.78 -5.18
CA ALA D 435 39.59 8.95 -5.31
C ALA D 435 40.46 8.88 -6.56
N GLU D 436 41.03 7.71 -6.84
CA GLU D 436 41.81 7.54 -8.06
C GLU D 436 40.93 7.64 -9.29
N TYR D 437 39.72 7.08 -9.22
CA TYR D 437 38.82 7.13 -10.38
C TYR D 437 38.41 8.54 -10.73
N ILE D 438 38.05 9.34 -9.72
CA ILE D 438 37.61 10.71 -10.00
C ILE D 438 38.76 11.60 -10.46
N SER D 439 40.00 11.25 -10.13
CA SER D 439 41.17 12.04 -10.52
C SER D 439 41.69 11.67 -11.89
N SER D 440 41.07 10.70 -12.55
CA SER D 440 41.46 10.28 -13.89
C SER D 440 40.53 10.79 -14.98
N LEU D 441 39.35 11.30 -14.62
CA LEU D 441 38.44 11.85 -15.59
C LEU D 441 39.00 13.15 -16.15
N PRO D 442 38.67 13.49 -17.41
CA PRO D 442 39.14 14.76 -17.97
C PRO D 442 38.62 15.94 -17.17
N SER D 443 39.48 16.92 -16.97
CA SER D 443 39.16 18.06 -16.12
C SER D 443 39.47 19.35 -16.86
N LYS D 444 38.76 20.41 -16.50
CA LYS D 444 38.98 21.75 -17.02
C LYS D 444 40.19 22.43 -16.42
N GLY D 445 40.46 22.18 -15.14
CA GLY D 445 41.64 22.69 -14.48
C GLY D 445 41.66 24.18 -14.21
N VAL D 446 40.50 24.81 -14.05
CA VAL D 446 40.48 26.24 -13.76
C VAL D 446 41.13 26.53 -12.42
N ARG D 447 40.96 25.64 -11.45
CA ARG D 447 41.55 25.83 -10.13
C ARG D 447 43.07 25.87 -10.21
N GLU D 448 43.66 24.98 -11.00
CA GLU D 448 45.11 24.98 -11.16
C GLU D 448 45.59 26.22 -11.89
N ALA D 449 44.82 26.70 -12.86
CA ALA D 449 45.18 27.93 -13.57
C ALA D 449 45.14 29.13 -12.64
N PHE D 450 44.19 29.14 -11.69
CA PHE D 450 44.10 30.23 -10.73
C PHE D 450 45.38 30.34 -9.90
N ILE D 451 45.94 29.21 -9.51
CA ILE D 451 47.17 29.18 -8.73
C ILE D 451 48.33 29.75 -9.54
N LEU D 458 52.77 37.75 -5.44
CA LEU D 458 53.14 36.47 -4.86
C LEU D 458 54.16 35.75 -5.73
N VAL D 459 55.42 35.80 -5.34
CA VAL D 459 56.49 35.09 -6.04
C VAL D 459 56.80 33.81 -5.27
N LEU D 460 56.16 32.71 -5.67
CA LEU D 460 56.32 31.52 -4.85
C LEU D 460 57.27 30.53 -5.53
N PRO D 461 58.03 29.76 -4.74
CA PRO D 461 58.86 28.70 -5.31
C PRO D 461 58.01 27.58 -5.89
N ASP D 462 58.63 26.81 -6.79
CA ASP D 462 57.87 25.84 -7.59
C ASP D 462 57.24 24.75 -6.74
N HIS D 463 57.97 24.22 -5.76
CA HIS D 463 57.46 23.08 -5.00
C HIS D 463 56.23 23.47 -4.19
N ARG D 464 56.22 24.70 -3.65
CA ARG D 464 55.04 25.18 -2.96
C ARG D 464 53.85 25.28 -3.90
N VAL D 465 54.09 25.70 -5.14
CA VAL D 465 53.02 25.78 -6.13
C VAL D 465 52.47 24.40 -6.43
N ASN D 466 53.35 23.41 -6.56
CA ASN D 466 52.88 22.04 -6.79
C ASN D 466 52.08 21.53 -5.61
N GLN D 467 52.51 21.85 -4.39
CA GLN D 467 51.78 21.44 -3.19
C GLN D 467 50.38 22.04 -3.19
N LEU D 468 50.27 23.34 -3.46
CA LEU D 468 48.98 24.00 -3.48
C LEU D 468 48.10 23.46 -4.60
N LYS D 469 48.68 23.17 -5.76
CA LYS D 469 47.92 22.55 -6.84
C LYS D 469 47.38 21.19 -6.43
N SER D 470 48.17 20.39 -5.73
CA SER D 470 47.70 19.09 -5.25
C SER D 470 46.54 19.27 -4.28
N ILE D 471 46.67 20.22 -3.34
CA ILE D 471 45.59 20.45 -2.38
C ILE D 471 44.31 20.83 -3.10
N ALA D 472 44.39 21.77 -4.05
CA ALA D 472 43.23 22.22 -4.78
C ALA D 472 42.60 21.07 -5.56
N GLN D 473 43.44 20.24 -6.19
CA GLN D 473 42.94 19.12 -6.96
C GLN D 473 42.15 18.14 -6.10
N THR D 474 42.74 17.72 -4.97
CA THR D 474 42.04 16.74 -4.15
C THR D 474 40.80 17.32 -3.51
N LEU D 475 40.82 18.61 -3.14
CA LEU D 475 39.62 19.23 -2.58
C LEU D 475 38.49 19.31 -3.60
N HIS D 476 38.80 19.72 -4.83
CA HIS D 476 37.78 19.75 -5.88
C HIS D 476 37.26 18.35 -6.17
N ASN D 477 38.15 17.35 -6.15
CA ASN D 477 37.71 15.98 -6.41
C ASN D 477 36.74 15.51 -5.34
N ALA D 478 37.02 15.80 -4.06
CA ALA D 478 36.10 15.44 -2.99
C ALA D 478 34.77 16.17 -3.15
N SER D 479 34.81 17.45 -3.53
CA SER D 479 33.57 18.21 -3.73
C SER D 479 32.72 17.60 -4.83
N LEU D 480 33.35 17.22 -5.95
CA LEU D 480 32.62 16.59 -7.05
C LEU D 480 32.04 15.24 -6.64
N MET D 481 32.84 14.43 -5.95
CA MET D 481 32.39 13.14 -5.45
C MET D 481 31.14 13.27 -4.57
N LEU D 482 31.13 14.27 -3.68
CA LEU D 482 29.96 14.44 -2.83
C LEU D 482 28.78 15.05 -3.60
N ASP D 483 29.05 15.95 -4.53
CA ASP D 483 27.98 16.62 -5.27
C ASP D 483 27.24 15.64 -6.19
N ASP D 484 27.97 14.69 -6.77
CA ASP D 484 27.33 13.72 -7.67
C ASP D 484 26.29 12.90 -6.92
N ILE D 485 26.55 12.57 -5.66
CA ILE D 485 25.61 11.80 -4.86
C ILE D 485 24.37 12.63 -4.53
N GLU D 486 24.57 13.90 -4.18
CA GLU D 486 23.45 14.75 -3.75
C GLU D 486 22.70 15.33 -4.94
N ASP D 487 22.93 14.75 -6.13
CA ASP D 487 22.17 15.19 -7.30
C ASP D 487 21.71 14.02 -8.17
N HIS D 488 21.99 12.78 -7.78
CA HIS D 488 21.55 11.60 -8.51
C HIS D 488 21.93 11.68 -9.99
N SER D 489 23.20 11.97 -10.23
CA SER D 489 23.69 12.18 -11.59
C SER D 489 24.39 10.91 -12.07
N PRO D 490 23.80 10.14 -13.00
CA PRO D 490 24.47 8.94 -13.50
C PRO D 490 25.75 9.23 -14.29
N LEU D 491 25.90 10.41 -14.87
CA LEU D 491 27.02 10.68 -15.77
C LEU D 491 27.79 11.90 -15.30
N ARG D 492 29.10 11.85 -15.51
CA ARG D 492 29.99 12.98 -15.26
C ARG D 492 30.99 13.06 -16.41
N ARG D 493 30.99 14.19 -17.12
CA ARG D 493 31.82 14.37 -18.31
C ARG D 493 31.51 13.33 -19.38
N GLY D 494 30.27 12.83 -19.41
CA GLY D 494 29.90 11.77 -20.32
C GLY D 494 30.22 10.39 -19.77
N ARG D 495 31.23 10.31 -18.92
CA ARG D 495 31.63 9.06 -18.31
C ARG D 495 30.81 8.79 -17.05
N PRO D 496 30.78 7.55 -16.58
CA PRO D 496 29.97 7.24 -15.38
C PRO D 496 30.50 7.94 -14.14
N SER D 497 29.58 8.23 -13.23
CA SER D 497 29.92 8.83 -11.95
C SER D 497 30.57 7.79 -11.03
N THR D 498 31.15 8.27 -9.94
CA THR D 498 31.89 7.39 -9.03
C THR D 498 30.98 6.46 -8.25
N HIS D 499 29.77 6.89 -7.90
CA HIS D 499 28.87 6.09 -7.08
C HIS D 499 28.15 5.01 -7.89
N MET D 500 28.38 4.95 -9.20
CA MET D 500 27.83 3.89 -10.03
C MET D 500 28.88 2.85 -10.39
N ILE D 501 30.09 2.98 -9.84
CA ILE D 501 31.18 2.04 -10.10
C ILE D 501 31.66 1.48 -8.77
N PHE D 502 31.46 2.24 -7.69
CA PHE D 502 31.93 1.84 -6.37
C PHE D 502 30.85 1.81 -5.32
N GLY D 503 29.71 2.45 -5.54
CA GLY D 503 28.66 2.54 -4.55
C GLY D 503 28.67 3.86 -3.81
N THR D 504 27.52 4.17 -3.22
CA THR D 504 27.32 5.41 -2.47
C THR D 504 28.17 5.47 -1.21
N GLU D 505 28.13 4.41 -0.40
CA GLU D 505 28.79 4.39 0.89
C GLU D 505 30.31 4.46 0.77
N GLN D 506 30.88 3.70 -0.16
CA GLN D 506 32.33 3.75 -0.38
C GLN D 506 32.77 5.12 -0.89
N THR D 507 31.97 5.74 -1.75
CA THR D 507 32.28 7.09 -2.21
C THR D 507 32.27 8.08 -1.06
N ILE D 508 31.29 7.96 -0.15
CA ILE D 508 31.22 8.85 1.00
C ILE D 508 32.45 8.67 1.88
N ASN D 509 32.82 7.41 2.15
CA ASN D 509 33.98 7.15 2.98
C ASN D 509 35.26 7.67 2.34
N SER D 510 35.39 7.50 1.03
CA SER D 510 36.57 8.00 0.33
C SER D 510 36.63 9.51 0.34
N ALA D 511 35.47 10.19 0.27
CA ALA D 511 35.46 11.64 0.37
C ALA D 511 35.90 12.11 1.76
N ASN D 512 35.43 11.43 2.82
CA ASN D 512 35.87 11.77 4.16
C ASN D 512 37.38 11.60 4.31
N PHE D 513 37.90 10.48 3.86
CA PHE D 513 39.34 10.31 3.85
C PHE D 513 40.05 11.32 2.95
N LEU D 514 39.38 11.82 1.91
CA LEU D 514 39.98 12.85 1.08
C LEU D 514 40.15 14.13 1.86
N LEU D 515 39.17 14.49 2.68
CA LEU D 515 39.34 15.62 3.58
C LEU D 515 40.50 15.40 4.55
N ILE D 516 40.59 14.19 5.11
CA ILE D 516 41.71 13.89 6.01
C ILE D 516 43.05 13.99 5.26
N ASP D 517 43.08 13.57 4.00
CA ASP D 517 44.32 13.63 3.23
C ASP D 517 44.69 15.06 2.86
N VAL D 518 43.69 15.92 2.62
CA VAL D 518 43.97 17.34 2.43
C VAL D 518 44.56 17.92 3.71
N MET D 519 44.03 17.48 4.86
CA MET D 519 44.61 17.84 6.15
C MET D 519 46.08 17.44 6.22
N GLU D 520 46.39 16.20 5.84
CA GLU D 520 47.78 15.76 5.84
C GLU D 520 48.64 16.60 4.89
N LYS D 521 48.10 16.93 3.71
CA LYS D 521 48.85 17.72 2.74
C LYS D 521 49.17 19.11 3.26
N VAL D 522 48.21 19.76 3.90
CA VAL D 522 48.43 21.10 4.44
C VAL D 522 49.47 21.05 5.56
N ARG D 523 49.47 19.95 6.34
CA ARG D 523 50.47 19.78 7.38
C ARG D 523 51.88 19.79 6.81
N GLN D 524 52.08 19.10 5.68
CA GLN D 524 53.39 19.05 5.05
C GLN D 524 53.85 20.39 4.52
N LEU D 525 52.96 21.38 4.45
CA LEU D 525 53.35 22.70 4.00
C LEU D 525 54.18 23.42 5.06
N ASP D 526 54.10 22.95 6.31
CA ASP D 526 54.92 23.47 7.41
C ASP D 526 54.76 24.97 7.60
N ASP D 527 53.55 25.40 7.97
CA ASP D 527 53.27 26.78 8.31
C ASP D 527 52.12 26.79 9.31
N PRO D 528 52.34 27.26 10.53
CA PRO D 528 51.30 27.15 11.57
C PRO D 528 50.05 27.97 11.30
N ARG D 529 50.12 29.03 10.50
CA ARG D 529 48.98 29.91 10.29
C ARG D 529 48.09 29.46 9.14
N CYS D 530 48.55 28.55 8.28
CA CYS D 530 47.71 27.98 7.25
C CYS D 530 46.65 27.08 7.84
N MET D 531 46.89 26.58 9.05
CA MET D 531 46.00 25.65 9.73
C MET D 531 44.64 26.28 9.98
N ASP D 532 44.64 27.46 10.61
CA ASP D 532 43.43 28.20 10.91
C ASP D 532 42.72 28.65 9.63
N ILE D 533 43.50 29.07 8.62
CA ILE D 533 42.92 29.47 7.35
C ILE D 533 42.12 28.32 6.76
N TYR D 534 42.73 27.13 6.71
CA TYR D 534 42.05 25.97 6.15
C TYR D 534 40.80 25.64 6.94
N LEU D 535 40.89 25.64 8.28
CA LEU D 535 39.73 25.29 9.08
C LEU D 535 38.57 26.28 8.91
N GLU D 536 38.87 27.58 8.95
CA GLU D 536 37.84 28.59 8.80
C GLU D 536 37.19 28.54 7.42
N GLU D 537 38.01 28.38 6.38
CA GLU D 537 37.44 28.32 5.03
C GLU D 537 36.58 27.08 4.85
N MET D 538 36.99 25.94 5.43
CA MET D 538 36.15 24.75 5.38
C MET D 538 34.82 24.98 6.08
N ARG D 539 34.85 25.65 7.23
CA ARG D 539 33.60 25.91 7.93
C ARG D 539 32.66 26.76 7.08
N ASN D 540 33.20 27.79 6.42
CA ASN D 540 32.38 28.62 5.55
C ASN D 540 31.80 27.83 4.39
N LEU D 541 32.62 26.98 3.77
CA LEU D 541 32.14 26.16 2.66
C LEU D 541 31.00 25.24 3.10
N PHE D 542 31.15 24.63 4.27
CA PHE D 542 30.10 23.74 4.76
C PHE D 542 28.82 24.49 5.09
N ILE D 543 28.92 25.70 5.64
CA ILE D 543 27.72 26.51 5.86
C ILE D 543 27.00 26.79 4.55
N GLY D 544 27.75 27.20 3.53
CA GLY D 544 27.13 27.48 2.24
C GLY D 544 26.43 26.26 1.67
N GLN D 545 27.11 25.11 1.71
CA GLN D 545 26.51 23.89 1.19
C GLN D 545 25.28 23.48 1.99
N SER D 546 25.30 23.70 3.31
CA SER D 546 24.14 23.38 4.13
C SER D 546 22.93 24.21 3.73
N PHE D 547 23.13 25.51 3.52
CA PHE D 547 22.02 26.35 3.06
C PHE D 547 21.50 25.91 1.70
N ASP D 548 22.42 25.59 0.77
CA ASP D 548 22.00 25.14 -0.55
C ASP D 548 21.16 23.87 -0.46
N LEU D 549 21.61 22.91 0.35
CA LEU D 549 20.88 21.65 0.48
C LEU D 549 19.53 21.84 1.15
N TYR D 550 19.46 22.71 2.16
CA TYR D 550 18.17 22.98 2.80
C TYR D 550 17.19 23.59 1.81
N TRP D 551 17.65 24.56 1.02
CA TRP D 551 16.75 25.17 0.04
C TRP D 551 16.32 24.17 -1.02
N THR D 552 17.21 23.30 -1.48
CA THR D 552 16.84 22.32 -2.48
C THR D 552 15.82 21.32 -1.94
N ARG D 553 16.02 20.81 -0.72
CA ARG D 553 15.14 19.77 -0.20
C ARG D 553 13.76 20.31 0.17
N ASN D 554 13.70 21.43 0.87
CA ASN D 554 12.45 21.93 1.44
C ASN D 554 11.61 22.73 0.46
N GLY D 555 12.09 22.95 -0.76
CA GLY D 555 11.34 23.70 -1.74
C GLY D 555 11.10 25.15 -1.35
N GLU D 556 12.07 25.74 -0.65
CA GLU D 556 11.98 27.13 -0.26
C GLU D 556 12.85 27.98 -1.19
N CYS D 557 12.23 28.96 -1.84
CA CYS D 557 12.96 29.81 -2.78
C CYS D 557 13.65 30.94 -2.02
N PRO D 558 14.96 31.05 -2.10
CA PRO D 558 15.65 32.17 -1.43
C PRO D 558 15.41 33.47 -2.16
N SER D 559 15.83 34.56 -1.52
CA SER D 559 15.83 35.86 -2.16
C SER D 559 17.15 36.04 -2.92
N GLU D 560 17.25 37.17 -3.63
CA GLU D 560 18.44 37.45 -4.41
C GLU D 560 19.67 37.59 -3.51
N GLU D 561 19.52 38.28 -2.38
CA GLU D 561 20.65 38.50 -1.48
C GLU D 561 21.12 37.20 -0.86
N GLN D 562 20.18 36.36 -0.40
CA GLN D 562 20.55 35.09 0.21
C GLN D 562 21.25 34.18 -0.80
N TYR D 563 20.74 34.12 -2.03
CA TYR D 563 21.38 33.28 -3.05
C TYR D 563 22.76 33.81 -3.40
N LEU D 564 22.90 35.13 -3.50
CA LEU D 564 24.19 35.70 -3.84
C LEU D 564 25.18 35.69 -2.68
N ASP D 565 24.72 35.44 -1.46
CA ASP D 565 25.60 35.21 -0.32
C ASP D 565 26.00 33.76 -0.15
N MET D 566 25.13 32.83 -0.52
CA MET D 566 25.47 31.42 -0.45
C MET D 566 26.56 31.04 -1.44
N ILE D 567 26.49 31.57 -2.67
CA ILE D 567 27.45 31.22 -3.71
C ILE D 567 28.77 31.95 -3.54
N ARG D 568 28.87 32.90 -2.60
CA ARG D 568 30.14 33.48 -2.22
C ARG D 568 30.91 32.60 -1.26
N GLN D 569 30.28 31.53 -0.76
CA GLN D 569 30.89 30.61 0.18
C GLN D 569 31.01 29.20 -0.38
N LYS D 570 29.92 28.71 -1.00
CA LYS D 570 29.95 27.36 -1.57
C LYS D 570 30.91 27.26 -2.75
N THR D 571 30.91 28.26 -3.62
CA THR D 571 31.72 28.22 -4.84
C THR D 571 32.96 29.10 -4.79
N GLY D 572 32.90 30.25 -4.12
CA GLY D 572 34.06 31.08 -3.93
C GLY D 572 34.91 30.73 -2.75
N GLY D 573 34.53 29.71 -1.98
CA GLY D 573 35.30 29.33 -0.82
C GLY D 573 36.66 28.75 -1.17
N LEU D 574 36.72 27.94 -2.22
CA LEU D 574 38.00 27.33 -2.61
C LEU D 574 38.99 28.39 -3.07
N PHE D 575 38.53 29.37 -3.86
CA PHE D 575 39.43 30.42 -4.32
C PHE D 575 39.95 31.24 -3.16
N ARG D 576 39.08 31.59 -2.20
CA ARG D 576 39.51 32.33 -1.04
C ARG D 576 40.50 31.53 -0.19
N LEU D 577 40.24 30.23 -0.02
CA LEU D 577 41.16 29.37 0.70
C LEU D 577 42.54 29.36 0.06
N LEU D 578 42.59 29.12 -1.25
CA LEU D 578 43.87 29.05 -1.95
C LEU D 578 44.59 30.38 -1.92
N THR D 579 43.85 31.49 -2.08
CA THR D 579 44.47 32.81 -2.06
C THR D 579 45.06 33.13 -0.69
N ARG D 580 44.30 32.83 0.38
CA ARG D 580 44.77 33.14 1.71
C ARG D 580 45.96 32.26 2.10
N MET D 581 45.97 31.02 1.62
CA MET D 581 47.13 30.16 1.90
C MET D 581 48.33 30.55 1.06
N MET D 582 48.09 31.05 -0.16
CA MET D 582 49.17 31.50 -1.04
C MET D 582 49.82 32.79 -0.54
N VAL D 583 49.04 33.71 -0.01
CA VAL D 583 49.61 34.96 0.48
C VAL D 583 50.52 34.75 1.69
N GLN D 584 50.15 33.84 2.59
CA GLN D 584 50.90 33.65 3.82
C GLN D 584 52.31 33.10 3.56
N ILE D 585 52.45 32.22 2.58
CA ILE D 585 53.74 31.59 2.33
C ILE D 585 54.47 32.30 1.20
N ALA D 586 54.08 33.54 0.92
CA ALA D 586 54.74 34.36 -0.07
C ALA D 586 55.75 35.24 0.66
N PRO D 587 56.92 35.49 0.06
CA PRO D 587 57.93 36.32 0.75
C PRO D 587 57.43 37.72 1.06
N VAL D 588 57.23 38.00 2.35
CA VAL D 588 56.79 39.26 2.93
C VAL D 588 56.02 40.11 1.91
N GLN D 589 56.49 41.34 1.70
CA GLN D 589 55.98 42.30 0.71
C GLN D 589 54.50 42.14 0.39
N GLN D 590 54.13 41.08 -0.31
CA GLN D 590 52.74 40.87 -0.70
C GLN D 590 51.92 40.41 0.49
N LYS D 591 51.70 41.31 1.45
CA LYS D 591 50.87 41.01 2.61
C LYS D 591 49.68 41.94 2.79
N GLY D 592 49.75 43.19 2.33
CA GLY D 592 48.62 44.09 2.39
C GLY D 592 47.61 43.93 1.28
N LEU D 593 47.92 43.12 0.27
CA LEU D 593 47.01 42.89 -0.84
C LEU D 593 46.11 41.68 -0.64
N GLU D 594 46.02 41.16 0.58
CA GLU D 594 45.16 40.01 0.84
C GLU D 594 43.69 40.36 0.63
N THR D 595 43.28 41.55 1.07
CA THR D 595 41.89 41.95 0.96
C THR D 595 41.44 42.10 -0.48
N GLN D 596 42.27 42.74 -1.31
CA GLN D 596 41.96 42.90 -2.72
C GLN D 596 41.80 41.56 -3.41
N LEU D 597 42.74 40.65 -3.14
CA LEU D 597 42.70 39.33 -3.76
C LEU D 597 41.51 38.52 -3.29
N ALA D 598 41.15 38.64 -2.00
CA ALA D 598 39.98 37.94 -1.49
C ALA D 598 38.69 38.45 -2.12
N SER D 599 38.57 39.77 -2.27
CA SER D 599 37.40 40.33 -2.97
C SER D 599 37.34 39.84 -4.40
N LEU D 600 38.50 39.81 -5.08
CA LEU D 600 38.56 39.31 -6.45
C LEU D 600 38.10 37.86 -6.50
N SER D 601 38.56 37.03 -5.56
CA SER D 601 38.17 35.63 -5.55
C SER D 601 36.68 35.45 -5.32
N ASP D 602 36.10 36.21 -4.39
CA ASP D 602 34.66 36.11 -4.16
C ASP D 602 33.87 36.50 -5.40
N VAL D 603 34.25 37.61 -6.04
CA VAL D 603 33.52 38.05 -7.23
C VAL D 603 33.71 37.07 -8.38
N LEU D 604 34.90 36.44 -8.46
CA LEU D 604 35.14 35.43 -9.48
C LEU D 604 34.26 34.21 -9.29
N GLY D 605 34.13 33.74 -8.05
CA GLY D 605 33.26 32.60 -7.80
C GLY D 605 31.81 32.90 -8.08
N GLU D 606 31.38 34.11 -7.71
CA GLU D 606 30.03 34.56 -8.06
C GLU D 606 29.83 34.53 -9.57
N PHE D 607 30.83 35.00 -10.33
CA PHE D 607 30.75 34.98 -11.78
C PHE D 607 30.63 33.56 -12.32
N PHE D 608 31.43 32.63 -11.79
CA PHE D 608 31.35 31.24 -12.23
C PHE D 608 29.96 30.66 -12.00
N GLN D 609 29.39 30.90 -10.82
CA GLN D 609 28.07 30.31 -10.56
C GLN D 609 26.98 30.94 -11.43
N VAL D 610 27.00 32.27 -11.58
CA VAL D 610 25.99 32.90 -12.43
C VAL D 610 26.14 32.45 -13.87
N ARG D 611 27.37 32.24 -14.33
CA ARG D 611 27.60 31.69 -15.67
C ARG D 611 27.01 30.29 -15.79
N ASP D 612 27.29 29.42 -14.82
CA ASP D 612 26.76 28.07 -14.86
C ASP D 612 25.25 28.02 -14.77
N ASP D 613 24.62 29.05 -14.21
CA ASP D 613 23.16 29.15 -14.25
C ASP D 613 22.68 29.48 -15.66
N TYR D 614 23.34 30.45 -16.31
CA TYR D 614 23.00 30.82 -17.67
C TYR D 614 23.21 29.67 -18.64
N LYS D 615 24.40 29.08 -18.63
CA LYS D 615 24.72 28.00 -19.55
C LYS D 615 24.25 26.66 -19.02
N ASN D 616 23.00 26.61 -18.55
CA ASN D 616 22.39 25.35 -18.15
C ASN D 616 20.94 25.33 -18.62
N LEU D 617 20.43 26.48 -19.01
CA LEU D 617 19.07 26.65 -19.50
C LEU D 617 19.00 27.45 -20.78
N THR D 618 20.05 28.21 -21.09
CA THR D 618 20.16 28.90 -22.38
C THR D 618 21.01 28.12 -23.36
N GLU D 619 20.98 26.79 -23.28
CA GLU D 619 21.80 25.94 -24.14
C GLU D 619 21.20 24.55 -24.25
N LEU D 631 17.04 21.81 -12.64
CA LEU D 631 15.59 21.61 -12.62
C LEU D 631 15.26 20.13 -12.51
N ASP D 632 16.12 19.28 -13.07
CA ASP D 632 15.97 17.84 -12.90
C ASP D 632 16.15 17.42 -11.46
N GLU D 633 16.78 18.26 -10.63
CA GLU D 633 16.93 18.02 -9.21
C GLU D 633 16.30 19.14 -8.40
N CYS D 634 15.47 19.96 -9.04
CA CYS D 634 14.82 21.12 -8.43
C CYS D 634 15.84 22.05 -7.77
N LYS D 635 16.84 22.42 -8.57
CA LYS D 635 17.86 23.36 -8.14
C LYS D 635 17.46 24.78 -8.54
N PHE D 636 17.43 25.67 -7.57
CA PHE D 636 17.14 27.06 -7.84
C PHE D 636 18.31 27.71 -8.57
N SER D 637 18.01 28.79 -9.28
CA SER D 637 19.02 29.50 -10.05
C SER D 637 18.67 30.98 -10.08
N TYR D 638 19.59 31.77 -10.60
CA TYR D 638 19.35 33.21 -10.72
C TYR D 638 18.14 33.52 -11.60
N PRO D 639 18.02 32.99 -12.82
CA PRO D 639 16.80 33.27 -13.60
C PRO D 639 15.54 32.79 -12.91
N LEU D 640 15.59 31.63 -12.25
CA LEU D 640 14.40 31.11 -11.59
C LEU D 640 13.97 31.99 -10.43
N ILE D 641 14.93 32.50 -9.66
CA ILE D 641 14.61 33.40 -8.55
C ILE D 641 14.00 34.68 -9.08
N HIS D 642 14.58 35.24 -10.15
CA HIS D 642 13.99 36.43 -10.74
C HIS D 642 12.56 36.18 -11.20
N ALA D 643 12.34 35.06 -11.88
CA ALA D 643 11.01 34.75 -12.40
C ALA D 643 9.99 34.60 -11.29
N LEU D 644 10.35 33.87 -10.24
CA LEU D 644 9.40 33.64 -9.15
C LEU D 644 9.20 34.88 -8.28
N THR D 645 10.15 35.81 -8.24
CA THR D 645 10.00 37.02 -7.45
C THR D 645 9.23 38.11 -8.21
N SER D 646 9.55 38.32 -9.49
CA SER D 646 8.90 39.36 -10.26
C SER D 646 7.42 39.05 -10.48
N GLN D 647 7.08 37.76 -10.63
CA GLN D 647 5.70 37.36 -10.82
C GLN D 647 5.21 36.64 -9.57
N PRO D 648 4.47 37.30 -8.68
CA PRO D 648 4.00 36.64 -7.45
C PRO D 648 2.77 35.76 -7.62
N LYS D 649 2.13 35.76 -8.79
CA LYS D 649 0.92 34.98 -9.02
C LYS D 649 1.07 33.93 -10.10
N ASN D 650 2.25 33.78 -10.70
CA ASN D 650 2.45 32.75 -11.71
C ASN D 650 2.33 31.37 -11.09
N VAL D 651 1.21 30.69 -11.35
CA VAL D 651 1.00 29.36 -10.79
C VAL D 651 1.51 28.25 -11.69
N GLN D 652 1.70 28.52 -12.98
CA GLN D 652 2.19 27.49 -13.89
C GLN D 652 3.64 27.10 -13.57
N LEU D 653 4.51 28.09 -13.38
CA LEU D 653 5.90 27.80 -13.06
C LEU D 653 6.02 27.07 -11.73
N ARG D 654 5.28 27.53 -10.72
CA ARG D 654 5.33 26.89 -9.42
C ARG D 654 4.79 25.46 -9.48
N GLY D 655 3.72 25.24 -10.25
CA GLY D 655 3.20 23.90 -10.41
C GLY D 655 4.16 22.97 -11.12
N ILE D 656 4.86 23.48 -12.14
CA ILE D 656 5.85 22.66 -12.84
C ILE D 656 7.00 22.32 -11.91
N LEU D 657 7.45 23.29 -11.10
CA LEU D 657 8.50 23.02 -10.13
C LEU D 657 8.06 21.96 -9.12
N GLN D 658 6.83 22.08 -8.61
CA GLN D 658 6.33 21.08 -7.67
C GLN D 658 6.22 19.70 -8.31
N GLN D 659 5.79 19.64 -9.57
CA GLN D 659 5.76 18.37 -10.28
C GLN D 659 7.15 17.78 -10.40
N SER D 660 8.14 18.64 -10.68
CA SER D 660 9.53 18.20 -10.75
C SER D 660 9.99 17.62 -9.41
N ARG D 661 9.57 18.24 -8.31
CA ARG D 661 10.02 17.80 -7.00
C ARG D 661 9.58 16.36 -6.72
N SER D 662 8.29 16.08 -6.86
CA SER D 662 7.79 14.72 -6.66
C SER D 662 7.70 13.95 -7.98
N ALA D 663 8.75 14.00 -8.78
CA ALA D 663 8.88 13.11 -9.94
C ALA D 663 10.32 12.65 -10.08
N GLY D 664 11.23 13.33 -9.40
CA GLY D 664 12.65 13.09 -9.59
C GLY D 664 13.27 13.86 -10.74
N GLY D 665 12.49 14.62 -11.48
CA GLY D 665 13.00 15.40 -12.59
C GLY D 665 11.91 15.72 -13.59
N LEU D 666 12.25 16.60 -14.52
CA LEU D 666 11.34 17.02 -15.58
C LEU D 666 11.69 16.34 -16.90
N ASP D 667 10.66 16.04 -17.68
CA ASP D 667 10.87 15.58 -19.05
C ASP D 667 10.92 16.78 -19.98
N VAL D 668 11.15 16.53 -21.27
CA VAL D 668 11.54 17.58 -22.21
C VAL D 668 10.46 18.65 -22.41
N PRO D 669 9.19 18.30 -22.67
CA PRO D 669 8.18 19.36 -22.89
C PRO D 669 8.03 20.34 -21.74
N LEU D 670 8.04 19.85 -20.50
CA LEU D 670 7.91 20.74 -19.35
C LEU D 670 9.15 21.59 -19.15
N LYS D 671 10.33 21.08 -19.46
CA LYS D 671 11.53 21.90 -19.43
C LYS D 671 11.45 23.04 -20.43
N GLU D 672 10.94 22.77 -21.64
CA GLU D 672 10.71 23.84 -22.59
C GLU D 672 9.65 24.83 -22.12
N THR D 673 8.63 24.34 -21.40
CA THR D 673 7.66 25.26 -20.80
C THR D 673 8.32 26.18 -19.78
N VAL D 674 9.21 25.63 -18.95
CA VAL D 674 9.94 26.44 -17.98
C VAL D 674 10.78 27.48 -18.69
N LEU D 675 11.46 27.06 -19.76
CA LEU D 675 12.27 27.99 -20.54
C LEU D 675 11.42 29.11 -21.13
N SER D 676 10.24 28.77 -21.65
CA SER D 676 9.35 29.79 -22.20
C SER D 676 8.89 30.76 -21.12
N HIS D 677 8.55 30.25 -19.94
CA HIS D 677 8.16 31.12 -18.85
C HIS D 677 9.28 32.07 -18.44
N LEU D 678 10.50 31.55 -18.31
CA LEU D 678 11.65 32.40 -17.99
C LEU D 678 11.92 33.44 -19.06
N ARG D 679 11.84 33.05 -20.33
CA ARG D 679 12.11 33.96 -21.43
C ARG D 679 11.05 35.05 -21.56
N GLN D 680 9.79 34.72 -21.25
CA GLN D 680 8.73 35.72 -21.17
C GLN D 680 8.94 36.67 -19.99
N ALA D 681 9.34 36.12 -18.84
CA ALA D 681 9.54 36.94 -17.66
C ALA D 681 10.74 37.88 -17.77
N GLY D 682 11.57 37.69 -18.79
CA GLY D 682 12.77 38.49 -18.93
C GLY D 682 13.81 38.18 -17.88
N SER D 683 13.99 36.90 -17.59
CA SER D 683 15.00 36.44 -16.63
C SER D 683 16.27 35.94 -17.28
N ILE D 684 16.24 35.64 -18.58
CA ILE D 684 17.44 35.23 -19.30
C ILE D 684 18.27 36.48 -19.57
N GLU D 685 17.58 37.60 -19.75
CA GLU D 685 18.24 38.89 -19.96
C GLU D 685 18.59 39.60 -18.66
N TYR D 686 17.81 39.42 -17.60
CA TYR D 686 18.20 39.92 -16.30
C TYR D 686 19.46 39.25 -15.77
N THR D 687 19.70 38.00 -16.17
CA THR D 687 20.94 37.31 -15.81
C THR D 687 22.14 37.86 -16.54
N GLU D 688 22.01 38.20 -17.83
CA GLU D 688 23.12 38.76 -18.58
C GLU D 688 23.49 40.16 -18.13
N ALA D 689 22.61 40.85 -17.40
CA ALA D 689 22.99 42.10 -16.77
C ALA D 689 23.86 41.88 -15.54
N LYS D 690 23.56 40.82 -14.77
CA LYS D 690 24.41 40.45 -13.65
C LYS D 690 25.77 39.98 -14.13
N MET D 691 25.80 39.22 -15.23
CA MET D 691 27.06 38.71 -15.75
C MET D 691 27.96 39.84 -16.23
N GLY D 692 27.39 40.88 -16.81
CA GLY D 692 28.16 42.05 -17.20
C GLY D 692 28.62 42.86 -16.02
N GLU D 693 27.74 43.04 -15.02
CA GLU D 693 28.12 43.80 -13.83
C GLU D 693 29.23 43.09 -13.06
N LEU D 694 29.16 41.77 -12.94
CA LEU D 694 30.21 41.03 -12.28
C LEU D 694 31.52 41.14 -13.03
N MET D 695 31.49 41.03 -14.36
CA MET D 695 32.70 41.19 -15.15
C MET D 695 33.25 42.60 -15.05
N GLU D 696 32.38 43.60 -14.90
CA GLU D 696 32.86 44.96 -14.68
C GLU D 696 33.61 45.08 -13.36
N LYS D 697 33.05 44.50 -12.29
CA LYS D 697 33.72 44.53 -11.00
C LYS D 697 35.04 43.75 -11.04
N ILE D 698 35.08 42.67 -11.81
CA ILE D 698 36.32 41.93 -11.99
C ILE D 698 37.38 42.82 -12.60
N THR D 699 37.00 43.57 -13.64
CA THR D 699 37.95 44.50 -14.26
C THR D 699 38.35 45.61 -13.29
N ASP D 700 37.39 46.13 -12.53
CA ASP D 700 37.70 47.18 -11.56
C ASP D 700 38.57 46.66 -10.43
N SER D 701 38.24 45.49 -9.90
CA SER D 701 39.00 44.91 -8.80
C SER D 701 40.30 44.29 -9.30
N GLY E 427 28.45 -31.76 -9.48
CA GLY E 427 27.58 -32.47 -8.57
C GLY E 427 26.13 -32.03 -8.66
N ASP E 428 25.28 -32.61 -7.81
CA ASP E 428 23.86 -32.28 -7.82
C ASP E 428 23.45 -31.58 -6.53
N GLU E 429 24.35 -30.77 -5.97
CA GLU E 429 24.01 -29.98 -4.80
C GLU E 429 23.10 -28.81 -5.11
N HIS E 430 23.17 -28.27 -6.33
CA HIS E 430 22.32 -27.18 -6.76
C HIS E 430 21.09 -27.65 -7.52
N LEU E 431 21.08 -28.90 -7.97
CA LEU E 431 19.93 -29.48 -8.65
C LEU E 431 18.96 -30.13 -7.67
N LEU E 432 19.49 -30.88 -6.70
CA LEU E 432 18.66 -31.60 -5.75
C LEU E 432 18.40 -30.81 -4.47
N GLY E 433 18.85 -29.57 -4.38
CA GLY E 433 18.65 -28.75 -3.22
C GLY E 433 17.19 -28.47 -2.91
N PRO E 434 16.49 -27.80 -3.83
CA PRO E 434 15.08 -27.49 -3.60
C PRO E 434 14.21 -28.71 -3.36
N ALA E 435 14.48 -29.82 -4.07
CA ALA E 435 13.69 -31.03 -3.86
C ALA E 435 13.87 -31.56 -2.45
N GLU E 436 15.11 -31.62 -1.96
CA GLU E 436 15.34 -32.07 -0.60
C GLU E 436 14.72 -31.11 0.42
N TYR E 437 14.80 -29.81 0.16
CA TYR E 437 14.19 -28.85 1.08
C TYR E 437 12.70 -29.05 1.19
N ILE E 438 12.01 -29.24 0.05
CA ILE E 438 10.57 -29.39 0.11
C ILE E 438 10.18 -30.76 0.63
N SER E 439 11.06 -31.76 0.48
CA SER E 439 10.78 -33.07 1.06
C SER E 439 10.92 -33.04 2.57
N SER E 440 11.84 -32.22 3.07
CA SER E 440 12.06 -32.15 4.52
C SER E 440 10.86 -31.54 5.24
N LEU E 441 10.11 -30.69 4.56
CA LEU E 441 8.99 -29.97 5.16
C LEU E 441 7.92 -30.92 5.67
N PRO E 442 7.19 -30.55 6.72
CA PRO E 442 6.09 -31.40 7.19
C PRO E 442 5.01 -31.54 6.14
N SER E 443 4.35 -32.70 6.14
CA SER E 443 3.31 -33.00 5.17
C SER E 443 2.15 -33.67 5.89
N LYS E 444 1.07 -33.91 5.14
CA LYS E 444 -0.11 -34.58 5.66
C LYS E 444 -0.03 -36.08 5.40
N GLY E 445 0.18 -36.49 4.15
CA GLY E 445 0.31 -37.90 3.84
C GLY E 445 -0.94 -38.51 3.25
N VAL E 446 -1.73 -37.69 2.57
CA VAL E 446 -2.97 -38.13 1.95
C VAL E 446 -2.71 -39.18 0.88
N ARG E 447 -1.70 -38.93 0.03
CA ARG E 447 -1.41 -39.85 -1.05
C ARG E 447 -1.00 -41.23 -0.52
N GLU E 448 -0.11 -41.25 0.47
CA GLU E 448 0.37 -42.51 1.01
C GLU E 448 -0.75 -43.29 1.68
N ALA E 449 -1.60 -42.61 2.44
CA ALA E 449 -2.77 -43.23 3.04
C ALA E 449 -3.75 -43.76 2.02
N PHE E 450 -3.98 -43.04 0.92
CA PHE E 450 -4.85 -43.53 -0.14
C PHE E 450 -4.28 -44.79 -0.78
N ILE E 451 -2.97 -44.82 -1.02
CA ILE E 451 -2.33 -46.01 -1.56
C ILE E 451 -2.48 -47.18 -0.61
N ASP E 452 -2.23 -46.93 0.68
CA ASP E 452 -2.34 -47.99 1.68
C ASP E 452 -3.76 -48.52 1.77
N GLY E 453 -4.74 -47.63 1.63
CA GLY E 453 -6.14 -48.01 1.62
C GLY E 453 -6.54 -48.83 0.42
N LEU E 454 -6.00 -48.50 -0.75
CA LEU E 454 -6.31 -49.28 -1.95
C LEU E 454 -5.60 -50.62 -1.93
N ASN E 455 -4.50 -50.71 -1.18
CA ASN E 455 -3.71 -51.94 -1.19
C ASN E 455 -4.48 -53.11 -0.60
N VAL E 456 -5.44 -52.85 0.29
CA VAL E 456 -6.18 -53.96 0.89
C VAL E 456 -7.04 -54.66 -0.15
N TRP E 457 -7.58 -53.91 -1.12
CA TRP E 457 -8.33 -54.52 -2.20
C TRP E 457 -7.41 -55.07 -3.28
N LEU E 458 -6.30 -54.38 -3.56
CA LEU E 458 -5.43 -54.78 -4.66
C LEU E 458 -4.38 -55.81 -4.25
N VAL E 459 -3.88 -55.74 -3.01
CA VAL E 459 -2.97 -56.75 -2.44
C VAL E 459 -1.68 -56.73 -3.25
N LEU E 460 -1.00 -55.59 -3.27
CA LEU E 460 0.32 -55.51 -3.88
C LEU E 460 1.39 -55.89 -2.85
N PRO E 461 2.54 -56.37 -3.30
CA PRO E 461 3.67 -56.58 -2.39
C PRO E 461 4.21 -55.25 -1.88
N ASP E 462 4.93 -55.34 -0.76
CA ASP E 462 5.37 -54.15 -0.03
C ASP E 462 6.32 -53.30 -0.87
N HIS E 463 7.22 -53.94 -1.61
CA HIS E 463 8.23 -53.22 -2.39
C HIS E 463 7.58 -52.33 -3.45
N ARG E 464 6.61 -52.87 -4.18
CA ARG E 464 5.90 -52.06 -5.17
C ARG E 464 5.12 -50.94 -4.52
N VAL E 465 4.54 -51.19 -3.35
CA VAL E 465 3.81 -50.15 -2.63
C VAL E 465 4.74 -49.00 -2.26
N ASN E 466 5.94 -49.31 -1.77
CA ASN E 466 6.92 -48.28 -1.45
C ASN E 466 7.37 -47.52 -2.70
N GLN E 467 7.55 -48.22 -3.82
CA GLN E 467 7.88 -47.54 -5.06
C GLN E 467 6.79 -46.54 -5.46
N LEU E 468 5.53 -46.96 -5.36
CA LEU E 468 4.43 -46.08 -5.69
C LEU E 468 4.32 -44.89 -4.73
N LYS E 469 4.58 -45.11 -3.44
CA LYS E 469 4.60 -43.98 -2.51
C LYS E 469 5.71 -42.99 -2.86
N SER E 470 6.88 -43.50 -3.25
CA SER E 470 7.96 -42.61 -3.68
C SER E 470 7.55 -41.78 -4.89
N ILE E 471 6.90 -42.43 -5.86
CA ILE E 471 6.45 -41.72 -7.06
C ILE E 471 5.46 -40.63 -6.68
N ALA E 472 4.49 -40.97 -5.84
CA ALA E 472 3.47 -40.00 -5.43
C ALA E 472 4.10 -38.82 -4.70
N GLN E 473 5.04 -39.11 -3.80
CA GLN E 473 5.70 -38.04 -3.05
C GLN E 473 6.47 -37.12 -3.96
N THR E 474 7.23 -37.68 -4.91
CA THR E 474 8.00 -36.85 -5.83
C THR E 474 7.10 -35.97 -6.68
N LEU E 475 6.02 -36.56 -7.22
CA LEU E 475 5.11 -35.79 -8.06
C LEU E 475 4.42 -34.68 -7.27
N HIS E 476 3.97 -34.99 -6.04
CA HIS E 476 3.33 -33.99 -5.21
C HIS E 476 4.29 -32.86 -4.85
N ASN E 477 5.54 -33.19 -4.53
CA ASN E 477 6.51 -32.16 -4.18
C ASN E 477 6.79 -31.26 -5.37
N ALA E 478 6.93 -31.84 -6.57
CA ALA E 478 7.12 -31.01 -7.75
C ALA E 478 5.92 -30.10 -7.98
N SER E 479 4.71 -30.63 -7.80
CA SER E 479 3.51 -29.83 -8.00
C SER E 479 3.45 -28.66 -7.03
N LEU E 480 3.77 -28.91 -5.75
CA LEU E 480 3.79 -27.83 -4.77
C LEU E 480 4.86 -26.79 -5.10
N MET E 481 6.04 -27.25 -5.49
CA MET E 481 7.12 -26.35 -5.87
C MET E 481 6.67 -25.40 -6.98
N LEU E 482 6.03 -25.96 -8.01
CA LEU E 482 5.59 -25.12 -9.12
C LEU E 482 4.43 -24.21 -8.70
N ASP E 483 3.51 -24.73 -7.89
CA ASP E 483 2.34 -23.94 -7.50
C ASP E 483 2.73 -22.73 -6.66
N ASP E 484 3.68 -22.91 -5.74
CA ASP E 484 4.08 -21.79 -4.88
C ASP E 484 4.62 -20.63 -5.70
N ILE E 485 5.40 -20.94 -6.74
CA ILE E 485 5.91 -19.89 -7.62
C ILE E 485 4.77 -19.25 -8.40
N GLU E 486 3.89 -20.08 -8.97
CA GLU E 486 2.82 -19.59 -9.83
C GLU E 486 1.67 -19.01 -9.01
N ASP E 487 1.86 -18.87 -7.70
CA ASP E 487 0.81 -18.28 -6.88
C ASP E 487 1.32 -17.14 -6.01
N HIS E 488 2.61 -16.80 -6.08
CA HIS E 488 3.21 -15.74 -5.26
C HIS E 488 2.95 -15.95 -3.78
N SER E 489 3.14 -17.19 -3.33
CA SER E 489 2.97 -17.54 -1.94
C SER E 489 4.32 -17.46 -1.24
N PRO E 490 4.53 -16.52 -0.31
CA PRO E 490 5.84 -16.41 0.34
C PRO E 490 6.08 -17.46 1.43
N LEU E 491 5.06 -18.20 1.84
CA LEU E 491 5.21 -19.16 2.92
C LEU E 491 4.47 -20.44 2.58
N ARG E 492 4.93 -21.55 3.18
CA ARG E 492 4.32 -22.86 2.99
C ARG E 492 4.43 -23.62 4.31
N ARG E 493 3.27 -24.00 4.85
CA ARG E 493 3.18 -24.65 6.16
C ARG E 493 3.82 -23.82 7.26
N GLY E 494 3.74 -22.49 7.15
CA GLY E 494 4.37 -21.64 8.14
C GLY E 494 5.87 -21.58 8.06
N ARG E 495 6.46 -22.11 6.98
CA ARG E 495 7.89 -22.11 6.78
C ARG E 495 8.19 -21.48 5.43
N PRO E 496 9.38 -20.88 5.26
CA PRO E 496 9.67 -20.18 4.00
C PRO E 496 9.57 -21.10 2.80
N SER E 497 9.05 -20.55 1.71
CA SER E 497 8.84 -21.32 0.49
C SER E 497 10.18 -21.64 -0.17
N THR E 498 10.15 -22.59 -1.11
CA THR E 498 11.36 -23.04 -1.75
C THR E 498 12.02 -21.94 -2.58
N HIS E 499 11.22 -21.15 -3.32
CA HIS E 499 11.78 -20.12 -4.16
C HIS E 499 12.28 -18.91 -3.37
N MET E 500 11.99 -18.85 -2.08
CA MET E 500 12.54 -17.81 -1.22
C MET E 500 13.84 -18.24 -0.56
N ILE E 501 14.38 -19.39 -0.92
CA ILE E 501 15.64 -19.86 -0.35
C ILE E 501 16.59 -20.18 -1.49
N PHE E 502 16.04 -20.55 -2.65
CA PHE E 502 16.85 -20.93 -3.81
C PHE E 502 16.58 -20.08 -5.04
N GLY E 503 15.56 -19.25 -5.04
CA GLY E 503 15.26 -18.48 -6.23
C GLY E 503 14.28 -19.20 -7.14
N THR E 504 13.69 -18.43 -8.06
CA THR E 504 12.67 -18.97 -8.95
C THR E 504 13.27 -19.92 -9.98
N GLU E 505 14.37 -19.52 -10.63
CA GLU E 505 14.92 -20.29 -11.72
C GLU E 505 15.43 -21.65 -11.24
N GLN E 506 16.13 -21.68 -10.11
CA GLN E 506 16.62 -22.94 -9.57
C GLN E 506 15.48 -23.87 -9.19
N THR E 507 14.41 -23.32 -8.60
CA THR E 507 13.24 -24.14 -8.26
C THR E 507 12.58 -24.70 -9.51
N ILE E 508 12.48 -23.90 -10.57
CA ILE E 508 11.89 -24.41 -11.82
C ILE E 508 12.74 -25.53 -12.38
N ASN E 509 14.06 -25.34 -12.40
CA ASN E 509 14.96 -26.37 -12.90
C ASN E 509 14.84 -27.66 -12.09
N SER E 510 14.76 -27.52 -10.76
CA SER E 510 14.63 -28.69 -9.89
C SER E 510 13.30 -29.40 -10.13
N ALA E 511 12.21 -28.65 -10.33
CA ALA E 511 10.93 -29.28 -10.60
C ALA E 511 10.95 -30.04 -11.92
N ASN E 512 11.57 -29.46 -12.96
CA ASN E 512 11.70 -30.17 -14.23
C ASN E 512 12.52 -31.45 -14.08
N PHE E 513 13.64 -31.38 -13.34
CA PHE E 513 14.41 -32.59 -13.11
C PHE E 513 13.61 -33.60 -12.29
N LEU E 514 12.75 -33.14 -11.38
CA LEU E 514 11.92 -34.07 -10.63
C LEU E 514 10.94 -34.79 -11.55
N LEU E 515 10.36 -34.07 -12.51
CA LEU E 515 9.49 -34.72 -13.49
C LEU E 515 10.26 -35.75 -14.30
N ILE E 516 11.48 -35.42 -14.70
CA ILE E 516 12.31 -36.37 -15.44
C ILE E 516 12.65 -37.57 -14.57
N ASP E 517 12.87 -37.33 -13.28
CA ASP E 517 13.30 -38.41 -12.35
C ASP E 517 12.18 -39.45 -12.22
N VAL E 518 10.92 -39.01 -12.06
CA VAL E 518 9.83 -39.96 -11.88
C VAL E 518 9.76 -40.91 -13.06
N MET E 519 10.10 -40.46 -14.25
CA MET E 519 10.14 -41.33 -15.42
C MET E 519 11.16 -42.45 -15.28
N GLU E 520 12.20 -42.26 -14.47
CA GLU E 520 13.12 -43.34 -14.16
C GLU E 520 12.62 -44.25 -13.05
N LYS E 521 11.57 -43.85 -12.33
CA LYS E 521 10.98 -44.70 -11.31
C LYS E 521 9.83 -45.54 -11.86
N VAL E 522 9.02 -44.98 -12.76
CA VAL E 522 7.95 -45.73 -13.39
C VAL E 522 8.45 -46.73 -14.41
N ARG E 523 9.74 -46.70 -14.74
CA ARG E 523 10.35 -47.70 -15.60
C ARG E 523 10.95 -48.87 -14.82
N GLN E 524 10.99 -48.77 -13.49
CA GLN E 524 11.41 -49.88 -12.64
C GLN E 524 10.24 -50.67 -12.08
N LEU E 525 9.03 -50.39 -12.56
CA LEU E 525 7.84 -51.15 -12.20
C LEU E 525 7.65 -52.38 -13.06
N ASP E 526 8.53 -52.60 -14.04
CA ASP E 526 8.56 -53.79 -14.89
C ASP E 526 7.22 -53.96 -15.63
N ASP E 527 6.84 -52.88 -16.31
CA ASP E 527 5.64 -52.91 -17.12
C ASP E 527 5.70 -51.84 -18.22
N PRO E 528 5.66 -52.24 -19.49
CA PRO E 528 5.56 -51.23 -20.56
C PRO E 528 4.30 -50.39 -20.48
N ARG E 529 3.18 -50.97 -20.04
CA ARG E 529 1.92 -50.24 -19.95
C ARG E 529 1.91 -49.21 -18.84
N CYS E 530 2.87 -49.26 -17.92
CA CYS E 530 2.92 -48.30 -16.83
C CYS E 530 3.40 -46.92 -17.28
N MET E 531 3.93 -46.80 -18.48
CA MET E 531 4.35 -45.50 -18.99
C MET E 531 3.27 -44.78 -19.76
N ASP E 532 2.42 -45.51 -20.50
CA ASP E 532 1.31 -44.88 -21.20
C ASP E 532 0.36 -44.21 -20.21
N ILE E 533 0.08 -44.88 -19.10
CA ILE E 533 -0.77 -44.30 -18.06
C ILE E 533 -0.16 -43.02 -17.53
N TYR E 534 1.13 -43.07 -17.19
CA TYR E 534 1.84 -41.91 -16.68
C TYR E 534 1.71 -40.74 -17.64
N LEU E 535 2.02 -40.99 -18.92
CA LEU E 535 2.02 -39.91 -19.91
C LEU E 535 0.63 -39.32 -20.11
N GLU E 536 -0.41 -40.16 -20.21
CA GLU E 536 -1.74 -39.62 -20.45
C GLU E 536 -2.28 -38.86 -19.24
N GLU E 537 -2.09 -39.39 -18.03
CA GLU E 537 -2.55 -38.65 -16.85
C GLU E 537 -1.77 -37.35 -16.67
N MET E 538 -0.48 -37.33 -17.02
CA MET E 538 0.25 -36.07 -16.98
C MET E 538 -0.29 -35.07 -18.01
N ARG E 539 -0.66 -35.53 -19.20
CA ARG E 539 -1.31 -34.65 -20.16
C ARG E 539 -2.57 -34.03 -19.57
N ASN E 540 -3.41 -34.84 -18.94
CA ASN E 540 -4.64 -34.33 -18.35
C ASN E 540 -4.34 -33.32 -17.25
N LEU E 541 -3.35 -33.62 -16.40
CA LEU E 541 -2.95 -32.72 -15.33
C LEU E 541 -2.53 -31.35 -15.89
N PHE E 542 -1.68 -31.36 -16.91
CA PHE E 542 -1.22 -30.10 -17.48
C PHE E 542 -2.34 -29.34 -18.15
N ILE E 543 -3.29 -30.03 -18.78
CA ILE E 543 -4.43 -29.34 -19.38
C ILE E 543 -5.24 -28.62 -18.30
N GLY E 544 -5.54 -29.31 -17.19
CA GLY E 544 -6.28 -28.69 -16.11
C GLY E 544 -5.58 -27.49 -15.52
N GLN E 545 -4.28 -27.64 -15.25
CA GLN E 545 -3.52 -26.52 -14.71
C GLN E 545 -3.47 -25.35 -15.68
N SER E 546 -3.41 -25.63 -16.99
CA SER E 546 -3.42 -24.57 -17.99
C SER E 546 -4.72 -23.79 -17.94
N PHE E 547 -5.85 -24.48 -17.82
CA PHE E 547 -7.12 -23.77 -17.72
C PHE E 547 -7.20 -22.93 -16.45
N ASP E 548 -6.69 -23.46 -15.33
CA ASP E 548 -6.66 -22.66 -14.10
C ASP E 548 -5.84 -21.40 -14.29
N LEU E 549 -4.66 -21.53 -14.90
CA LEU E 549 -3.78 -20.38 -15.09
C LEU E 549 -4.43 -19.35 -16.00
N TYR E 550 -5.07 -19.78 -17.08
CA TYR E 550 -5.73 -18.84 -17.97
C TYR E 550 -6.85 -18.10 -17.27
N TRP E 551 -7.68 -18.82 -16.50
CA TRP E 551 -8.74 -18.14 -15.78
C TRP E 551 -8.20 -17.16 -14.75
N THR E 552 -7.14 -17.52 -14.03
CA THR E 552 -6.59 -16.63 -13.02
C THR E 552 -5.99 -15.37 -13.64
N ARG E 553 -5.20 -15.52 -14.69
CA ARG E 553 -4.52 -14.38 -15.29
C ARG E 553 -5.50 -13.40 -15.92
N ASN E 554 -6.41 -13.92 -16.74
CA ASN E 554 -7.31 -13.07 -17.51
C ASN E 554 -8.50 -12.58 -16.71
N GLY E 555 -8.69 -13.04 -15.48
CA GLY E 555 -9.83 -12.60 -14.69
C GLY E 555 -11.16 -13.02 -15.26
N GLU E 556 -11.21 -14.20 -15.87
CA GLU E 556 -12.44 -14.73 -16.46
C GLU E 556 -13.08 -15.72 -15.51
N CYS E 557 -14.38 -15.57 -15.29
CA CYS E 557 -15.10 -16.44 -14.37
C CYS E 557 -15.59 -17.68 -15.11
N PRO E 558 -15.15 -18.87 -14.75
CA PRO E 558 -15.68 -20.08 -15.38
C PRO E 558 -17.06 -20.42 -14.84
N SER E 559 -17.73 -21.32 -15.55
CA SER E 559 -19.00 -21.88 -15.09
C SER E 559 -18.74 -23.01 -14.09
N GLU E 560 -19.78 -23.39 -13.37
CA GLU E 560 -19.64 -24.46 -12.38
C GLU E 560 -19.28 -25.78 -13.05
N GLU E 561 -19.89 -26.06 -14.21
CA GLU E 561 -19.54 -27.25 -14.96
C GLU E 561 -18.09 -27.23 -15.41
N GLN E 562 -17.64 -26.09 -15.94
CA GLN E 562 -16.25 -25.96 -16.35
C GLN E 562 -15.31 -26.07 -15.17
N TYR E 563 -15.65 -25.43 -14.05
CA TYR E 563 -14.80 -25.49 -12.87
C TYR E 563 -14.68 -26.93 -12.36
N LEU E 564 -15.81 -27.64 -12.29
CA LEU E 564 -15.77 -29.00 -11.78
C LEU E 564 -15.07 -29.95 -12.74
N ASP E 565 -15.18 -29.70 -14.05
CA ASP E 565 -14.42 -30.49 -15.02
C ASP E 565 -12.92 -30.25 -14.82
N MET E 566 -12.52 -28.99 -14.63
CA MET E 566 -11.11 -28.68 -14.41
C MET E 566 -10.57 -29.34 -13.15
N ILE E 567 -11.23 -29.12 -12.01
CA ILE E 567 -10.70 -29.64 -10.74
C ILE E 567 -10.75 -31.15 -10.66
N ARG E 568 -11.48 -31.78 -11.56
CA ARG E 568 -11.47 -33.24 -11.66
C ARG E 568 -10.19 -33.78 -12.29
N GLN E 569 -9.45 -32.94 -13.02
CA GLN E 569 -8.23 -33.35 -13.70
C GLN E 569 -6.97 -32.88 -12.98
N LYS E 570 -6.94 -31.63 -12.51
CA LYS E 570 -5.76 -31.14 -11.81
C LYS E 570 -5.55 -31.86 -10.48
N THR E 571 -6.60 -31.97 -9.67
CA THR E 571 -6.49 -32.56 -8.34
C THR E 571 -6.80 -34.06 -8.35
N GLY E 572 -7.67 -34.51 -9.24
CA GLY E 572 -7.97 -35.93 -9.35
C GLY E 572 -7.04 -36.64 -10.28
N GLY E 573 -5.99 -35.95 -10.73
CA GLY E 573 -5.04 -36.53 -11.64
C GLY E 573 -4.07 -37.48 -10.98
N LEU E 574 -3.49 -37.07 -9.85
CA LEU E 574 -2.56 -37.93 -9.13
C LEU E 574 -3.27 -39.18 -8.61
N PHE E 575 -4.47 -39.01 -8.07
CA PHE E 575 -5.22 -40.16 -7.57
C PHE E 575 -5.52 -41.16 -8.67
N ARG E 576 -5.97 -40.66 -9.83
CA ARG E 576 -6.29 -41.54 -10.95
C ARG E 576 -5.04 -42.23 -11.49
N LEU E 577 -3.94 -41.48 -11.59
CA LEU E 577 -2.66 -42.05 -12.07
C LEU E 577 -2.27 -43.20 -11.13
N LEU E 578 -2.22 -42.94 -9.82
CA LEU E 578 -1.82 -43.96 -8.86
C LEU E 578 -2.74 -45.16 -8.92
N THR E 579 -4.05 -44.92 -9.02
CA THR E 579 -5.02 -46.01 -9.09
C THR E 579 -4.77 -46.90 -10.30
N ARG E 580 -4.60 -46.29 -11.47
CA ARG E 580 -4.42 -47.05 -12.69
C ARG E 580 -3.12 -47.86 -12.66
N MET E 581 -2.04 -47.24 -12.17
CA MET E 581 -0.78 -47.99 -12.06
C MET E 581 -0.91 -49.15 -11.06
N MET E 582 -1.55 -48.91 -9.92
CA MET E 582 -1.74 -49.99 -8.96
C MET E 582 -2.55 -51.13 -9.55
N VAL E 583 -3.62 -50.83 -10.29
CA VAL E 583 -4.41 -51.88 -10.93
C VAL E 583 -3.60 -52.64 -11.97
N GLN E 584 -2.77 -51.96 -12.75
CA GLN E 584 -1.89 -52.65 -13.70
C GLN E 584 -0.89 -53.57 -13.02
N ILE E 585 -0.26 -53.11 -11.93
CA ILE E 585 0.71 -53.96 -11.24
C ILE E 585 0.04 -54.97 -10.32
N ALA E 586 -1.25 -54.82 -10.05
CA ALA E 586 -1.95 -55.67 -9.10
C ALA E 586 -1.84 -57.13 -9.50
N PRO E 587 -1.48 -58.03 -8.58
CA PRO E 587 -1.27 -59.44 -8.96
C PRO E 587 -2.53 -60.14 -9.45
N VAL E 588 -2.55 -60.42 -10.76
CA VAL E 588 -3.62 -61.16 -11.44
C VAL E 588 -4.96 -60.53 -11.05
N GLN E 589 -6.07 -61.28 -11.16
CA GLN E 589 -7.43 -60.85 -10.86
C GLN E 589 -7.69 -59.40 -11.25
N GLN E 590 -8.34 -58.66 -10.35
CA GLN E 590 -8.57 -57.22 -10.48
C GLN E 590 -9.11 -56.87 -11.86
N LYS E 591 -10.18 -57.58 -12.23
CA LYS E 591 -10.76 -57.43 -13.57
C LYS E 591 -11.69 -56.22 -13.64
N GLY E 592 -12.76 -56.22 -12.85
CA GLY E 592 -13.72 -55.13 -12.93
C GLY E 592 -13.32 -53.92 -12.12
N LEU E 593 -12.35 -54.07 -11.24
CA LEU E 593 -12.00 -53.00 -10.30
C LEU E 593 -11.13 -51.94 -10.94
N GLU E 594 -11.58 -51.35 -12.05
CA GLU E 594 -10.85 -50.25 -12.66
C GLU E 594 -11.72 -49.01 -12.77
N THR E 595 -12.93 -49.17 -13.31
CA THR E 595 -13.82 -48.02 -13.50
C THR E 595 -14.32 -47.48 -12.17
N GLN E 596 -14.70 -48.38 -11.26
CA GLN E 596 -15.21 -47.96 -9.96
C GLN E 596 -14.17 -47.18 -9.18
N LEU E 597 -12.93 -47.67 -9.19
CA LEU E 597 -11.85 -47.00 -8.48
C LEU E 597 -11.50 -45.66 -9.10
N ALA E 598 -11.57 -45.55 -10.43
CA ALA E 598 -11.35 -44.25 -11.07
C ALA E 598 -12.44 -43.25 -10.72
N SER E 599 -13.69 -43.71 -10.66
CA SER E 599 -14.77 -42.83 -10.20
C SER E 599 -14.54 -42.38 -8.77
N LEU E 600 -14.10 -43.30 -7.91
CA LEU E 600 -13.77 -42.95 -6.54
C LEU E 600 -12.68 -41.88 -6.50
N SER E 601 -11.63 -42.06 -7.32
CA SER E 601 -10.55 -41.08 -7.35
C SER E 601 -11.03 -39.71 -7.80
N ASP E 602 -11.88 -39.66 -8.82
CA ASP E 602 -12.39 -38.38 -9.30
C ASP E 602 -13.22 -37.68 -8.22
N VAL E 603 -14.12 -38.43 -7.57
CA VAL E 603 -14.96 -37.83 -6.54
C VAL E 603 -14.11 -37.38 -5.36
N LEU E 604 -13.07 -38.15 -5.04
CA LEU E 604 -12.18 -37.79 -3.93
C LEU E 604 -11.44 -36.49 -4.22
N GLY E 605 -10.93 -36.34 -5.44
CA GLY E 605 -10.26 -35.10 -5.80
C GLY E 605 -11.19 -33.89 -5.78
N GLU E 606 -12.41 -34.08 -6.30
CA GLU E 606 -13.40 -33.01 -6.23
C GLU E 606 -13.70 -32.62 -4.79
N PHE E 607 -13.87 -33.60 -3.92
CA PHE E 607 -14.15 -33.33 -2.52
C PHE E 607 -13.01 -32.59 -1.85
N PHE E 608 -11.77 -32.98 -2.14
CA PHE E 608 -10.63 -32.28 -1.56
C PHE E 608 -10.56 -30.82 -2.01
N GLN E 609 -10.79 -30.57 -3.31
CA GLN E 609 -10.74 -29.18 -3.77
C GLN E 609 -11.84 -28.34 -3.14
N VAL E 610 -13.06 -28.87 -3.07
CA VAL E 610 -14.15 -28.11 -2.46
C VAL E 610 -13.90 -27.89 -0.97
N ARG E 611 -13.35 -28.90 -0.29
CA ARG E 611 -13.03 -28.76 1.12
C ARG E 611 -12.00 -27.66 1.34
N ASP E 612 -10.95 -27.64 0.52
CA ASP E 612 -9.95 -26.58 0.64
C ASP E 612 -10.56 -25.22 0.38
N ASP E 613 -11.45 -25.13 -0.62
CA ASP E 613 -12.13 -23.88 -0.92
C ASP E 613 -12.90 -23.37 0.30
N TYR E 614 -13.74 -24.23 0.88
CA TYR E 614 -14.55 -23.91 2.04
C TYR E 614 -13.69 -23.51 3.23
N LYS E 615 -12.64 -24.28 3.50
CA LYS E 615 -11.76 -24.00 4.62
C LYS E 615 -11.07 -22.64 4.47
N ASN E 616 -10.55 -22.36 3.28
CA ASN E 616 -9.86 -21.10 3.04
C ASN E 616 -10.82 -19.93 3.20
N LEU E 617 -12.05 -20.07 2.72
CA LEU E 617 -12.96 -18.93 2.78
C LEU E 617 -13.53 -18.71 4.18
N THR E 618 -14.02 -19.77 4.82
CA THR E 618 -14.71 -19.62 6.10
C THR E 618 -13.79 -19.08 7.19
N GLU E 619 -12.75 -19.84 7.55
CA GLU E 619 -11.81 -19.39 8.57
C GLU E 619 -10.46 -20.07 8.40
N LEU E 631 -8.11 -15.20 -2.65
CA LEU E 631 -8.45 -13.92 -3.29
C LEU E 631 -7.21 -13.05 -3.46
N ASP E 632 -6.15 -13.37 -2.71
CA ASP E 632 -4.92 -12.60 -2.80
C ASP E 632 -4.32 -12.69 -4.19
N GLU E 633 -4.34 -13.88 -4.79
CA GLU E 633 -3.88 -14.11 -6.15
C GLU E 633 -5.03 -14.02 -7.16
N CYS E 634 -6.24 -13.74 -6.69
CA CYS E 634 -7.45 -13.76 -7.51
C CYS E 634 -7.70 -15.16 -8.09
N LYS E 635 -7.84 -16.11 -7.17
CA LYS E 635 -8.18 -17.48 -7.52
C LYS E 635 -9.68 -17.69 -7.35
N PHE E 636 -10.31 -18.24 -8.39
CA PHE E 636 -11.75 -18.49 -8.36
C PHE E 636 -12.06 -19.75 -7.54
N SER E 637 -13.29 -19.80 -7.03
CA SER E 637 -13.70 -20.88 -6.15
C SER E 637 -15.19 -21.12 -6.34
N TYR E 638 -15.64 -22.29 -5.91
CA TYR E 638 -17.07 -22.60 -5.93
C TYR E 638 -17.92 -21.57 -5.21
N PRO E 639 -17.60 -21.14 -3.98
CA PRO E 639 -18.40 -20.06 -3.36
C PRO E 639 -18.38 -18.78 -4.17
N LEU E 640 -17.24 -18.45 -4.79
CA LEU E 640 -17.14 -17.21 -5.54
C LEU E 640 -17.88 -17.31 -6.87
N ILE E 641 -17.82 -18.47 -7.53
CA ILE E 641 -18.54 -18.66 -8.78
C ILE E 641 -20.05 -18.59 -8.55
N HIS E 642 -20.52 -19.21 -7.47
CA HIS E 642 -21.94 -19.16 -7.16
C HIS E 642 -22.38 -17.72 -6.95
N ALA E 643 -21.57 -16.94 -6.25
CA ALA E 643 -21.89 -15.53 -6.02
C ALA E 643 -21.94 -14.76 -7.33
N LEU E 644 -20.91 -14.90 -8.15
CA LEU E 644 -20.89 -14.15 -9.40
C LEU E 644 -21.96 -14.60 -10.38
N THR E 645 -22.50 -15.80 -10.27
CA THR E 645 -23.54 -16.26 -11.17
C THR E 645 -24.93 -15.93 -10.67
N SER E 646 -25.21 -16.14 -9.39
CA SER E 646 -26.54 -15.89 -8.84
C SER E 646 -26.87 -14.40 -8.86
N GLN E 647 -25.85 -13.55 -8.74
CA GLN E 647 -26.07 -12.11 -8.74
C GLN E 647 -25.45 -11.50 -9.99
N PRO E 648 -26.22 -11.36 -11.07
CA PRO E 648 -25.64 -10.86 -12.33
C PRO E 648 -25.40 -9.37 -12.32
N LYS E 649 -25.68 -8.70 -11.20
CA LYS E 649 -25.50 -7.26 -11.13
C LYS E 649 -24.85 -6.79 -9.82
N ASN E 650 -24.08 -7.63 -9.13
CA ASN E 650 -23.36 -7.21 -7.94
C ASN E 650 -22.05 -6.54 -8.35
N VAL E 651 -22.09 -5.22 -8.58
CA VAL E 651 -20.90 -4.50 -9.02
C VAL E 651 -19.83 -4.43 -7.94
N GLN E 652 -20.22 -4.42 -6.67
CA GLN E 652 -19.25 -4.26 -5.59
C GLN E 652 -18.28 -5.43 -5.53
N LEU E 653 -18.81 -6.66 -5.64
CA LEU E 653 -17.95 -7.83 -5.59
C LEU E 653 -16.96 -7.85 -6.74
N ARG E 654 -17.44 -7.52 -7.94
CA ARG E 654 -16.56 -7.48 -9.11
C ARG E 654 -15.50 -6.40 -8.97
N GLY E 655 -15.87 -5.25 -8.41
CA GLY E 655 -14.91 -4.20 -8.17
C GLY E 655 -13.84 -4.59 -7.18
N ILE E 656 -14.23 -5.28 -6.11
CA ILE E 656 -13.23 -5.73 -5.14
C ILE E 656 -12.32 -6.78 -5.76
N LEU E 657 -12.87 -7.68 -6.58
CA LEU E 657 -12.04 -8.65 -7.28
C LEU E 657 -11.05 -7.99 -8.23
N GLN E 658 -11.47 -6.97 -8.97
CA GLN E 658 -10.56 -6.23 -9.82
C GLN E 658 -9.52 -5.47 -9.02
N GLN E 659 -9.88 -4.95 -7.85
CA GLN E 659 -8.90 -4.31 -6.98
C GLN E 659 -7.85 -5.31 -6.54
N SER E 660 -8.28 -6.53 -6.20
CA SER E 660 -7.34 -7.59 -5.85
C SER E 660 -6.42 -7.92 -7.03
N ARG E 661 -7.00 -7.97 -8.23
CA ARG E 661 -6.22 -8.29 -9.42
C ARG E 661 -5.16 -7.23 -9.68
N SER E 662 -5.54 -5.95 -9.54
CA SER E 662 -4.63 -4.86 -9.89
C SER E 662 -3.58 -4.63 -8.79
N ALA E 663 -4.03 -4.39 -7.56
CA ALA E 663 -3.13 -4.09 -6.46
C ALA E 663 -2.18 -5.25 -6.18
N GLY E 664 -2.70 -6.47 -6.21
CA GLY E 664 -1.88 -7.64 -5.99
C GLY E 664 -2.37 -8.48 -4.82
N GLY E 665 -3.36 -7.98 -4.10
CA GLY E 665 -3.91 -8.70 -2.97
C GLY E 665 -4.93 -7.88 -2.21
N LEU E 666 -5.76 -8.56 -1.41
CA LEU E 666 -6.80 -7.89 -0.65
C LEU E 666 -6.36 -7.74 0.80
N ASP E 667 -6.31 -6.49 1.27
CA ASP E 667 -6.13 -6.22 2.68
C ASP E 667 -7.42 -6.53 3.43
N VAL E 668 -7.31 -6.65 4.76
CA VAL E 668 -8.28 -7.42 5.53
C VAL E 668 -9.72 -6.93 5.38
N PRO E 669 -10.04 -5.64 5.58
CA PRO E 669 -11.45 -5.22 5.46
C PRO E 669 -12.08 -5.53 4.12
N LEU E 670 -11.31 -5.47 3.03
CA LEU E 670 -11.84 -5.88 1.73
C LEU E 670 -12.20 -7.37 1.73
N LYS E 671 -11.37 -8.21 2.36
CA LYS E 671 -11.69 -9.62 2.47
C LYS E 671 -12.94 -9.86 3.30
N GLU E 672 -13.11 -9.11 4.39
CA GLU E 672 -14.36 -9.23 5.14
C GLU E 672 -15.56 -8.78 4.31
N THR E 673 -15.39 -7.75 3.49
CA THR E 673 -16.48 -7.34 2.59
C THR E 673 -16.83 -8.45 1.61
N VAL E 674 -15.83 -9.14 1.07
CA VAL E 674 -16.08 -10.26 0.18
C VAL E 674 -16.82 -11.37 0.92
N LEU E 675 -16.40 -11.66 2.15
CA LEU E 675 -17.07 -12.69 2.93
C LEU E 675 -18.52 -12.32 3.22
N SER E 676 -18.78 -11.04 3.51
CA SER E 676 -20.15 -10.59 3.72
C SER E 676 -20.99 -10.73 2.46
N HIS E 677 -20.42 -10.40 1.31
CA HIS E 677 -21.14 -10.59 0.04
C HIS E 677 -21.46 -12.06 -0.17
N LEU E 678 -20.50 -12.95 0.11
CA LEU E 678 -20.73 -14.39 -0.03
C LEU E 678 -21.82 -14.89 0.90
N ARG E 679 -21.80 -14.43 2.16
CA ARG E 679 -22.85 -14.84 3.09
C ARG E 679 -24.21 -14.33 2.67
N GLN E 680 -24.29 -13.11 2.15
CA GLN E 680 -25.56 -12.60 1.65
C GLN E 680 -26.07 -13.40 0.47
N ALA E 681 -25.17 -13.78 -0.45
CA ALA E 681 -25.56 -14.51 -1.64
C ALA E 681 -25.95 -15.95 -1.34
N GLY E 682 -25.59 -16.48 -0.18
CA GLY E 682 -25.87 -17.86 0.15
C GLY E 682 -24.88 -18.86 -0.44
N SER E 683 -23.64 -18.45 -0.68
CA SER E 683 -22.68 -19.33 -1.34
C SER E 683 -22.16 -20.40 -0.39
N ILE E 684 -22.01 -20.07 0.90
CA ILE E 684 -21.43 -21.01 1.85
C ILE E 684 -22.31 -22.25 2.01
N GLU E 685 -23.63 -22.05 2.12
CA GLU E 685 -24.56 -23.16 2.18
C GLU E 685 -24.55 -23.99 0.90
N TYR E 686 -24.38 -23.35 -0.25
CA TYR E 686 -24.25 -24.08 -1.51
C TYR E 686 -23.01 -24.95 -1.51
N THR E 687 -21.89 -24.43 -1.00
CA THR E 687 -20.67 -25.21 -0.89
C THR E 687 -20.86 -26.40 0.05
N GLU E 688 -21.53 -26.18 1.18
CA GLU E 688 -21.78 -27.28 2.10
C GLU E 688 -22.69 -28.35 1.50
N ALA E 689 -23.71 -27.95 0.75
CA ALA E 689 -24.56 -28.91 0.07
C ALA E 689 -23.77 -29.74 -0.95
N LYS E 690 -22.89 -29.08 -1.72
CA LYS E 690 -22.07 -29.81 -2.66
C LYS E 690 -21.13 -30.79 -1.95
N MET E 691 -20.56 -30.36 -0.82
CA MET E 691 -19.69 -31.24 -0.04
C MET E 691 -20.44 -32.49 0.42
N GLY E 692 -21.64 -32.32 0.97
CA GLY E 692 -22.43 -33.45 1.42
C GLY E 692 -22.82 -34.38 0.28
N GLU E 693 -23.22 -33.79 -0.84
CA GLU E 693 -23.59 -34.57 -2.02
C GLU E 693 -22.41 -35.35 -2.58
N LEU E 694 -21.19 -34.82 -2.45
CA LEU E 694 -20.02 -35.58 -2.88
C LEU E 694 -19.68 -36.70 -1.90
N MET E 695 -19.80 -36.43 -0.59
CA MET E 695 -19.54 -37.49 0.39
C MET E 695 -20.53 -38.63 0.29
N GLU E 696 -21.77 -38.35 -0.14
CA GLU E 696 -22.71 -39.46 -0.38
C GLU E 696 -22.20 -40.40 -1.46
N LYS E 697 -21.69 -39.85 -2.58
CA LYS E 697 -21.13 -40.70 -3.62
C LYS E 697 -19.90 -41.45 -3.12
N ILE E 698 -19.07 -40.79 -2.32
CA ILE E 698 -17.89 -41.49 -1.78
C ILE E 698 -18.32 -42.69 -0.96
N THR E 699 -19.30 -42.50 -0.08
CA THR E 699 -19.77 -43.60 0.77
C THR E 699 -20.39 -44.72 -0.07
N ASP E 700 -21.20 -44.36 -1.06
CA ASP E 700 -21.83 -45.38 -1.90
C ASP E 700 -20.79 -46.17 -2.69
N SER E 701 -19.78 -45.50 -3.23
CA SER E 701 -18.74 -46.18 -3.99
C SER E 701 -17.95 -47.14 -3.11
N VAL E 702 -17.59 -46.69 -1.90
CA VAL E 702 -16.89 -47.59 -0.97
C VAL E 702 -17.74 -48.77 -0.55
N VAL E 703 -19.06 -48.57 -0.38
CA VAL E 703 -19.95 -49.67 -0.03
C VAL E 703 -19.99 -50.67 -1.18
N SER E 704 -20.10 -50.17 -2.41
CA SER E 704 -20.22 -51.07 -3.57
C SER E 704 -18.94 -51.88 -3.78
N LEU E 705 -17.78 -51.22 -3.72
CA LEU E 705 -16.52 -51.94 -3.90
C LEU E 705 -16.28 -52.95 -2.78
N GLU E 706 -16.66 -52.60 -1.56
CA GLU E 706 -16.58 -53.53 -0.44
C GLU E 706 -17.47 -54.73 -0.70
N GLY E 707 -18.67 -54.48 -1.23
CA GLY E 707 -19.61 -55.55 -1.53
C GLY E 707 -19.10 -56.51 -2.57
N GLU E 708 -18.49 -55.99 -3.65
CA GLU E 708 -17.93 -56.88 -4.66
C GLU E 708 -16.79 -57.72 -4.10
N THR E 709 -15.92 -57.11 -3.30
CA THR E 709 -14.80 -57.82 -2.69
C THR E 709 -15.10 -58.19 -1.25
N GLY F 427 -9.26 -29.52 -23.68
CA GLY F 427 -8.88 -28.35 -24.43
C GLY F 427 -7.39 -28.07 -24.44
N ASP F 428 -6.70 -28.59 -25.45
CA ASP F 428 -5.25 -28.38 -25.57
C ASP F 428 -4.94 -27.07 -26.28
N GLU F 429 -5.49 -25.97 -25.77
CA GLU F 429 -5.31 -24.66 -26.38
C GLU F 429 -4.52 -23.68 -25.53
N HIS F 430 -4.65 -23.75 -24.20
CA HIS F 430 -3.84 -22.95 -23.30
C HIS F 430 -2.55 -23.65 -22.91
N LEU F 431 -2.38 -24.90 -23.35
CA LEU F 431 -1.16 -25.67 -23.15
C LEU F 431 -0.25 -25.61 -24.37
N LEU F 432 -0.79 -25.89 -25.56
CA LEU F 432 0.00 -25.88 -26.78
C LEU F 432 0.26 -24.48 -27.30
N GLY F 433 -0.48 -23.48 -26.83
CA GLY F 433 -0.38 -22.13 -27.29
C GLY F 433 1.04 -21.58 -27.30
N PRO F 434 1.65 -21.48 -26.11
CA PRO F 434 3.03 -20.99 -26.03
C PRO F 434 4.01 -21.84 -26.82
N ALA F 435 3.69 -23.12 -26.99
CA ALA F 435 4.54 -24.03 -27.75
C ALA F 435 4.51 -23.77 -29.25
N GLU F 436 3.43 -23.19 -29.76
CA GLU F 436 3.34 -22.86 -31.18
C GLU F 436 3.90 -21.49 -31.49
N TYR F 437 3.80 -20.54 -30.55
CA TYR F 437 4.38 -19.22 -30.78
C TYR F 437 5.90 -19.31 -30.92
N ILE F 438 6.54 -20.10 -30.07
CA ILE F 438 7.99 -20.23 -30.13
C ILE F 438 8.43 -21.03 -31.35
N SER F 439 7.54 -21.82 -31.93
CA SER F 439 7.87 -22.56 -33.15
C SER F 439 7.66 -21.70 -34.39
N SER F 440 6.71 -20.78 -34.34
CA SER F 440 6.42 -19.92 -35.49
C SER F 440 7.57 -18.96 -35.77
N LEU F 441 8.35 -18.64 -34.75
CA LEU F 441 9.43 -17.67 -34.86
C LEU F 441 10.53 -18.18 -35.78
N PRO F 442 11.28 -17.29 -36.42
CA PRO F 442 12.37 -17.74 -37.31
C PRO F 442 13.48 -18.41 -36.52
N SER F 443 14.17 -19.34 -37.19
CA SER F 443 15.24 -20.09 -36.53
C SER F 443 16.51 -20.08 -37.36
N LYS F 444 17.51 -20.86 -36.94
CA LYS F 444 18.77 -20.95 -37.68
C LYS F 444 18.99 -22.38 -38.19
N GLY F 445 18.29 -23.33 -37.57
CA GLY F 445 18.37 -24.72 -38.00
C GLY F 445 19.72 -25.37 -37.83
N VAL F 446 20.42 -25.03 -36.74
CA VAL F 446 21.70 -25.66 -36.46
C VAL F 446 21.53 -27.12 -36.06
N ARG F 447 20.56 -27.42 -35.21
CA ARG F 447 20.33 -28.80 -34.78
C ARG F 447 19.94 -29.70 -35.94
N GLU F 448 19.10 -29.19 -36.84
CA GLU F 448 18.70 -29.98 -38.01
C GLU F 448 19.90 -30.27 -38.90
N ALA F 449 20.76 -29.26 -39.10
CA ALA F 449 21.97 -29.46 -39.90
C ALA F 449 22.90 -30.47 -39.26
N PHE F 450 23.03 -30.42 -37.94
CA PHE F 450 23.83 -31.39 -37.22
C PHE F 450 23.29 -32.80 -37.39
N ILE F 451 21.96 -32.95 -37.34
CA ILE F 451 21.34 -34.26 -37.55
C ILE F 451 21.63 -34.74 -38.96
N ASP F 452 21.48 -33.86 -39.95
CA ASP F 452 21.79 -34.22 -41.33
C ASP F 452 23.27 -34.54 -41.49
N GLY F 453 24.12 -33.82 -40.76
CA GLY F 453 25.56 -33.98 -40.88
C GLY F 453 26.09 -35.35 -40.53
N LEU F 454 25.55 -35.96 -39.47
CA LEU F 454 26.06 -37.26 -39.03
C LEU F 454 25.36 -38.39 -39.76
N ASN F 455 24.44 -38.07 -40.65
CA ASN F 455 23.69 -39.09 -41.37
C ASN F 455 24.44 -39.66 -42.55
N VAL F 456 25.43 -38.94 -43.10
CA VAL F 456 26.26 -39.49 -44.15
C VAL F 456 27.06 -40.68 -43.63
N TRP F 457 27.61 -40.54 -42.42
CA TRP F 457 28.37 -41.62 -41.79
C TRP F 457 27.48 -42.73 -41.26
N LEU F 458 26.29 -42.38 -40.75
CA LEU F 458 25.45 -43.36 -40.05
C LEU F 458 24.37 -43.95 -40.95
N VAL F 459 24.05 -43.30 -42.07
CA VAL F 459 23.16 -43.78 -43.13
C VAL F 459 21.92 -44.48 -42.58
N LEU F 460 20.91 -43.69 -42.20
CA LEU F 460 19.68 -44.28 -41.67
C LEU F 460 18.45 -43.65 -42.31
N PRO F 461 17.31 -44.39 -42.35
CA PRO F 461 16.16 -43.96 -43.15
C PRO F 461 15.60 -42.58 -42.85
N ASP F 462 14.71 -42.10 -43.73
CA ASP F 462 14.24 -40.72 -43.68
C ASP F 462 13.23 -40.47 -42.57
N HIS F 463 12.32 -41.42 -42.32
CA HIS F 463 11.30 -41.19 -41.30
C HIS F 463 11.93 -41.09 -39.92
N ARG F 464 12.95 -41.90 -39.64
CA ARG F 464 13.69 -41.77 -38.40
C ARG F 464 14.40 -40.43 -38.30
N VAL F 465 14.93 -39.92 -39.41
CA VAL F 465 15.56 -38.61 -39.40
C VAL F 465 14.55 -37.52 -39.07
N ASN F 466 13.35 -37.61 -39.66
CA ASN F 466 12.29 -36.66 -39.32
C ASN F 466 11.89 -36.74 -37.86
N GLN F 467 11.78 -37.96 -37.31
CA GLN F 467 11.45 -38.15 -35.91
C GLN F 467 12.50 -37.51 -35.00
N LEU F 468 13.78 -37.76 -35.29
CA LEU F 468 14.86 -37.18 -34.51
C LEU F 468 14.89 -35.66 -34.62
N LYS F 469 14.65 -35.12 -35.81
CA LYS F 469 14.59 -33.67 -35.97
C LYS F 469 13.43 -33.06 -35.19
N SER F 470 12.28 -33.73 -35.16
CA SER F 470 11.17 -33.25 -34.34
C SER F 470 11.53 -33.26 -32.85
N ILE F 471 12.20 -34.32 -32.39
CA ILE F 471 12.63 -34.38 -30.99
C ILE F 471 13.56 -33.22 -30.67
N ALA F 472 14.54 -32.98 -31.54
CA ALA F 472 15.51 -31.91 -31.31
C ALA F 472 14.83 -30.55 -31.31
N GLN F 473 13.91 -30.33 -32.25
CA GLN F 473 13.20 -29.06 -32.33
C GLN F 473 12.38 -28.81 -31.07
N THR F 474 11.67 -29.83 -30.59
CA THR F 474 10.88 -29.67 -29.38
C THR F 474 11.75 -29.37 -28.16
N LEU F 475 12.86 -30.09 -28.02
CA LEU F 475 13.76 -29.84 -26.88
C LEU F 475 14.34 -28.44 -26.94
N HIS F 476 14.78 -28.00 -28.12
CA HIS F 476 15.34 -26.65 -28.25
C HIS F 476 14.28 -25.60 -27.94
N ASN F 477 13.05 -25.81 -28.41
CA ASN F 477 11.99 -24.85 -28.14
C ASN F 477 11.71 -24.74 -26.65
N ALA F 478 11.67 -25.88 -25.95
CA ALA F 478 11.46 -25.86 -24.51
C ALA F 478 12.59 -25.13 -23.80
N SER F 479 13.83 -25.38 -24.23
CA SER F 479 14.97 -24.73 -23.60
C SER F 479 14.93 -23.23 -23.80
N LEU F 480 14.60 -22.78 -25.01
CA LEU F 480 14.48 -21.34 -25.27
C LEU F 480 13.37 -20.71 -24.45
N MET F 481 12.23 -21.40 -24.34
CA MET F 481 11.10 -20.89 -23.58
C MET F 481 11.47 -20.71 -22.12
N LEU F 482 12.20 -21.67 -21.55
CA LEU F 482 12.61 -21.54 -20.15
C LEU F 482 13.71 -20.50 -19.98
N ASP F 483 14.63 -20.41 -20.93
CA ASP F 483 15.74 -19.47 -20.81
C ASP F 483 15.26 -18.03 -20.88
N ASP F 484 14.26 -17.76 -21.71
CA ASP F 484 13.76 -16.39 -21.83
C ASP F 484 13.17 -15.90 -20.52
N ILE F 485 12.49 -16.75 -19.78
CA ILE F 485 11.96 -16.36 -18.48
C ILE F 485 13.09 -16.15 -17.47
N GLU F 486 14.03 -17.09 -17.41
CA GLU F 486 15.10 -17.07 -16.43
C GLU F 486 16.18 -16.05 -16.76
N ASP F 487 15.95 -15.19 -17.74
CA ASP F 487 16.89 -14.12 -18.05
C ASP F 487 16.22 -12.77 -18.27
N HIS F 488 14.90 -12.67 -18.15
CA HIS F 488 14.16 -11.42 -18.32
C HIS F 488 14.46 -10.77 -19.67
N SER F 489 14.22 -11.55 -20.73
CA SER F 489 14.48 -11.07 -22.08
C SER F 489 13.17 -10.73 -22.75
N PRO F 490 12.83 -9.44 -22.90
CA PRO F 490 11.55 -9.09 -23.55
C PRO F 490 11.46 -9.49 -25.00
N LEU F 491 12.59 -9.71 -25.69
CA LEU F 491 12.57 -9.94 -27.13
C LEU F 491 13.33 -11.20 -27.47
N ARG F 492 12.96 -11.80 -28.60
CA ARG F 492 13.62 -13.00 -29.12
C ARG F 492 13.43 -13.01 -30.62
N ARG F 493 14.53 -13.03 -31.36
CA ARG F 493 14.53 -12.88 -32.82
C ARG F 493 13.93 -11.54 -33.25
N GLY F 494 14.04 -10.52 -32.41
CA GLY F 494 13.44 -9.24 -32.69
C GLY F 494 11.98 -9.18 -32.29
N ARG F 495 11.30 -10.32 -32.33
CA ARG F 495 9.90 -10.43 -31.99
C ARG F 495 9.74 -10.66 -30.50
N PRO F 496 8.55 -10.39 -29.96
CA PRO F 496 8.35 -10.52 -28.51
C PRO F 496 8.50 -11.96 -28.04
N SER F 497 8.89 -12.09 -26.77
CA SER F 497 9.10 -13.39 -26.16
C SER F 497 7.75 -14.05 -25.85
N THR F 498 7.83 -15.33 -25.45
CA THR F 498 6.61 -16.09 -25.18
C THR F 498 5.93 -15.66 -23.90
N HIS F 499 6.69 -15.26 -22.87
CA HIS F 499 6.12 -14.90 -21.60
C HIS F 499 5.57 -13.48 -21.57
N MET F 500 5.69 -12.74 -22.69
CA MET F 500 5.04 -11.45 -22.84
C MET F 500 3.76 -11.54 -23.65
N ILE F 501 3.35 -12.75 -24.03
CA ILE F 501 2.13 -12.95 -24.80
C ILE F 501 1.23 -13.91 -24.03
N PHE F 502 1.83 -14.78 -23.21
CA PHE F 502 1.06 -15.78 -22.48
C PHE F 502 1.29 -15.75 -20.98
N GLY F 503 2.21 -14.92 -20.49
CA GLY F 503 2.52 -14.89 -19.07
C GLY F 503 3.55 -15.93 -18.69
N THR F 504 4.10 -15.75 -17.49
CA THR F 504 5.18 -16.62 -17.02
C THR F 504 4.68 -18.01 -16.67
N GLU F 505 3.56 -18.12 -15.95
CA GLU F 505 3.11 -19.41 -15.45
C GLU F 505 2.67 -20.34 -16.58
N GLN F 506 1.93 -19.83 -17.56
CA GLN F 506 1.53 -20.66 -18.69
C GLN F 506 2.72 -21.09 -19.53
N THR F 507 3.70 -20.21 -19.71
CA THR F 507 4.91 -20.59 -20.43
C THR F 507 5.66 -21.70 -19.70
N ILE F 508 5.76 -21.60 -18.36
CA ILE F 508 6.40 -22.65 -17.59
C ILE F 508 5.63 -23.97 -17.74
N ASN F 509 4.30 -23.88 -17.70
CA ASN F 509 3.49 -25.09 -17.82
C ASN F 509 3.70 -25.76 -19.18
N SER F 510 3.72 -24.97 -20.25
CA SER F 510 3.93 -25.54 -21.58
C SER F 510 5.34 -26.11 -21.73
N ALA F 511 6.34 -25.42 -21.18
CA ALA F 511 7.70 -25.94 -21.22
C ALA F 511 7.81 -27.26 -20.46
N ASN F 512 7.11 -27.38 -19.34
CA ASN F 512 7.09 -28.62 -18.59
C ASN F 512 6.39 -29.75 -19.33
N PHE F 513 5.30 -29.44 -20.04
CA PHE F 513 4.62 -30.43 -20.86
C PHE F 513 5.43 -30.86 -22.08
N LEU F 514 6.29 -29.99 -22.59
CA LEU F 514 7.09 -30.36 -23.75
C LEU F 514 8.02 -31.54 -23.44
N LEU F 515 8.53 -31.62 -22.21
CA LEU F 515 9.34 -32.76 -21.82
C LEU F 515 8.54 -34.06 -21.90
N ILE F 516 7.30 -34.03 -21.40
CA ILE F 516 6.43 -35.21 -21.45
C ILE F 516 6.13 -35.57 -22.90
N ASP F 517 5.93 -34.57 -23.75
CA ASP F 517 5.68 -34.84 -25.17
C ASP F 517 6.90 -35.50 -25.82
N VAL F 518 8.11 -35.05 -25.47
CA VAL F 518 9.30 -35.68 -26.00
C VAL F 518 9.41 -37.13 -25.50
N MET F 519 8.97 -37.40 -24.27
CA MET F 519 8.89 -38.79 -23.82
C MET F 519 8.06 -39.65 -24.76
N GLU F 520 6.90 -39.15 -25.20
CA GLU F 520 6.09 -39.87 -26.18
C GLU F 520 6.84 -40.03 -27.50
N LYS F 521 7.51 -38.97 -27.95
CA LYS F 521 8.18 -39.00 -29.24
C LYS F 521 9.32 -40.01 -29.26
N VAL F 522 10.07 -40.15 -28.16
CA VAL F 522 11.20 -41.05 -28.13
C VAL F 522 10.77 -42.51 -28.20
N ARG F 523 9.66 -42.87 -27.56
CA ARG F 523 9.23 -44.26 -27.54
C ARG F 523 8.87 -44.77 -28.93
N GLN F 524 8.43 -43.89 -29.82
CA GLN F 524 8.11 -44.31 -31.19
C GLN F 524 9.34 -44.67 -32.00
N LEU F 525 10.54 -44.35 -31.51
CA LEU F 525 11.76 -44.78 -32.17
C LEU F 525 12.01 -46.27 -32.02
N ASP F 526 11.22 -46.95 -31.18
CA ASP F 526 11.26 -48.40 -31.03
C ASP F 526 12.63 -48.88 -30.58
N ASP F 527 13.10 -48.40 -29.43
CA ASP F 527 14.35 -48.87 -28.85
C ASP F 527 14.36 -48.63 -27.35
N PRO F 528 14.45 -49.69 -26.54
CA PRO F 528 14.48 -49.50 -25.09
C PRO F 528 15.65 -48.66 -24.60
N ARG F 529 16.81 -48.76 -25.24
CA ARG F 529 17.99 -48.01 -24.81
C ARG F 529 17.88 -46.52 -25.09
N CYS F 530 17.05 -46.11 -26.05
CA CYS F 530 16.86 -44.70 -26.33
C CYS F 530 16.31 -43.97 -25.12
N MET F 531 15.44 -44.62 -24.34
CA MET F 531 14.90 -44.00 -23.14
C MET F 531 15.97 -43.75 -22.10
N ASP F 532 16.85 -44.73 -21.86
CA ASP F 532 17.94 -44.54 -20.91
C ASP F 532 18.88 -43.44 -21.36
N ILE F 533 19.20 -43.42 -22.66
CA ILE F 533 20.06 -42.37 -23.20
C ILE F 533 19.43 -41.01 -22.96
N TYR F 534 18.14 -40.89 -23.28
CA TYR F 534 17.44 -39.62 -23.13
C TYR F 534 17.47 -39.15 -21.68
N LEU F 535 17.14 -40.04 -20.74
CA LEU F 535 17.11 -39.64 -19.35
C LEU F 535 18.49 -39.22 -18.83
N GLU F 536 19.54 -39.96 -19.20
CA GLU F 536 20.88 -39.59 -18.74
C GLU F 536 21.31 -38.24 -19.31
N GLU F 537 21.04 -38.00 -20.60
CA GLU F 537 21.42 -36.74 -21.20
C GLU F 537 20.67 -35.57 -20.56
N MET F 538 19.37 -35.75 -20.29
CA MET F 538 18.65 -34.68 -19.62
C MET F 538 19.13 -34.43 -18.20
N ARG F 539 19.56 -35.49 -17.49
CA ARG F 539 20.15 -35.28 -16.17
C ARG F 539 21.40 -34.42 -16.27
N ASN F 540 22.27 -34.72 -17.23
CA ASN F 540 23.48 -33.90 -17.39
C ASN F 540 23.14 -32.46 -17.76
N LEU F 541 22.17 -32.27 -18.66
CA LEU F 541 21.75 -30.94 -19.05
C LEU F 541 21.24 -30.14 -17.86
N PHE F 542 20.42 -30.76 -17.02
CA PHE F 542 19.89 -30.06 -15.85
C PHE F 542 20.97 -29.75 -14.83
N ILE F 543 21.97 -30.63 -14.66
CA ILE F 543 23.08 -30.31 -13.76
C ILE F 543 23.82 -29.06 -14.27
N GLY F 544 24.11 -29.03 -15.57
CA GLY F 544 24.81 -27.87 -16.11
C GLY F 544 24.03 -26.59 -15.95
N GLN F 545 22.73 -26.63 -16.27
CA GLN F 545 21.90 -25.44 -16.11
C GLN F 545 21.80 -25.01 -14.65
N SER F 546 21.76 -25.97 -13.72
CA SER F 546 21.72 -25.63 -12.30
C SER F 546 22.99 -24.89 -11.87
N PHE F 547 24.15 -25.36 -12.33
CA PHE F 547 25.38 -24.64 -12.00
C PHE F 547 25.39 -23.24 -12.61
N ASP F 548 24.90 -23.11 -13.84
CA ASP F 548 24.80 -21.78 -14.45
C ASP F 548 23.94 -20.85 -13.62
N LEU F 549 22.76 -21.32 -13.20
CA LEU F 549 21.87 -20.49 -12.40
C LEU F 549 22.49 -20.13 -11.06
N TYR F 550 23.16 -21.08 -10.40
CA TYR F 550 23.78 -20.79 -9.11
C TYR F 550 24.86 -19.73 -9.25
N TRP F 551 25.71 -19.84 -10.27
CA TRP F 551 26.73 -18.82 -10.46
C TRP F 551 26.15 -17.47 -10.83
N THR F 552 25.06 -17.43 -11.59
CA THR F 552 24.42 -16.17 -11.94
C THR F 552 23.77 -15.48 -10.74
N ARG F 553 23.05 -16.22 -9.90
CA ARG F 553 22.32 -15.57 -8.82
C ARG F 553 23.24 -15.12 -7.69
N ASN F 554 24.19 -15.94 -7.29
CA ASN F 554 25.04 -15.66 -6.13
C ASN F 554 26.22 -14.76 -6.45
N GLY F 555 26.43 -14.42 -7.72
CA GLY F 555 27.55 -13.56 -8.06
C GLY F 555 28.90 -14.16 -7.78
N GLU F 556 29.02 -15.47 -7.96
CA GLU F 556 30.28 -16.17 -7.75
C GLU F 556 30.94 -16.43 -9.10
N CYS F 557 32.18 -15.99 -9.24
CA CYS F 557 32.89 -16.15 -10.49
C CYS F 557 33.47 -17.56 -10.58
N PRO F 558 33.06 -18.37 -11.55
CA PRO F 558 33.66 -19.69 -11.71
C PRO F 558 35.08 -19.58 -12.25
N SER F 559 35.85 -20.65 -12.03
CA SER F 559 37.15 -20.76 -12.67
C SER F 559 36.97 -21.15 -14.14
N GLU F 560 38.08 -21.14 -14.87
CA GLU F 560 38.04 -21.55 -16.28
C GLU F 560 37.61 -23.00 -16.40
N GLU F 561 38.16 -23.88 -15.56
CA GLU F 561 37.82 -25.30 -15.62
C GLU F 561 36.34 -25.52 -15.34
N GLN F 562 35.82 -24.89 -14.29
CA GLN F 562 34.41 -25.04 -13.96
C GLN F 562 33.52 -24.50 -15.07
N TYR F 563 33.88 -23.36 -15.65
CA TYR F 563 33.06 -22.78 -16.70
C TYR F 563 33.06 -23.67 -17.94
N LEU F 564 34.21 -24.25 -18.28
CA LEU F 564 34.27 -25.08 -19.47
C LEU F 564 33.58 -26.42 -19.24
N ASP F 565 33.58 -26.92 -18.00
CA ASP F 565 32.82 -28.13 -17.69
C ASP F 565 31.32 -27.88 -17.79
N MET F 566 30.87 -26.71 -17.35
CA MET F 566 29.44 -26.41 -17.38
C MET F 566 28.91 -26.31 -18.80
N ILE F 567 29.56 -25.50 -19.65
CA ILE F 567 29.05 -25.28 -21.00
C ILE F 567 29.24 -26.49 -21.89
N ARG F 568 30.04 -27.47 -21.46
CA ARG F 568 30.14 -28.74 -22.16
C ARG F 568 28.90 -29.60 -21.96
N GLN F 569 28.22 -29.47 -20.83
CA GLN F 569 27.00 -30.20 -20.53
C GLN F 569 25.74 -29.43 -20.93
N LYS F 570 25.68 -28.15 -20.55
CA LYS F 570 24.49 -27.35 -20.85
C LYS F 570 24.29 -27.16 -22.35
N THR F 571 25.37 -26.87 -23.08
CA THR F 571 25.27 -26.58 -24.50
C THR F 571 25.56 -27.78 -25.38
N GLY F 572 26.46 -28.67 -24.97
CA GLY F 572 26.73 -29.89 -25.69
C GLY F 572 25.82 -31.05 -25.34
N GLY F 573 24.87 -30.85 -24.44
CA GLY F 573 23.98 -31.94 -24.05
C GLY F 573 23.07 -32.38 -25.18
N LEU F 574 22.49 -31.42 -25.91
CA LEU F 574 21.57 -31.76 -26.99
C LEU F 574 22.29 -32.49 -28.11
N PHE F 575 23.49 -32.02 -28.47
CA PHE F 575 24.26 -32.69 -29.51
C PHE F 575 24.62 -34.11 -29.11
N ARG F 576 25.04 -34.31 -27.86
CA ARG F 576 25.35 -35.65 -27.38
C ARG F 576 24.12 -36.54 -27.38
N LEU F 577 22.98 -36.02 -26.93
CA LEU F 577 21.73 -36.77 -26.96
C LEU F 577 21.41 -37.24 -28.37
N LEU F 578 21.43 -36.32 -29.32
CA LEU F 578 21.09 -36.65 -30.70
C LEU F 578 22.06 -37.67 -31.29
N THR F 579 23.36 -37.49 -31.04
CA THR F 579 24.33 -38.40 -31.65
C THR F 579 24.26 -39.79 -31.02
N ARG F 580 24.01 -39.87 -29.71
CA ARG F 580 23.91 -41.18 -29.08
C ARG F 580 22.64 -41.90 -29.50
N MET F 581 21.55 -41.17 -29.73
CA MET F 581 20.39 -41.81 -30.34
C MET F 581 20.62 -42.23 -31.79
N MET F 582 21.34 -41.42 -32.56
CA MET F 582 21.65 -41.74 -33.95
C MET F 582 22.49 -43.01 -34.09
N VAL F 583 23.51 -43.17 -33.26
CA VAL F 583 24.32 -44.40 -33.31
C VAL F 583 23.50 -45.64 -32.97
N GLN F 584 22.54 -45.53 -32.06
CA GLN F 584 21.69 -46.66 -31.71
C GLN F 584 20.69 -47.00 -32.82
N ILE F 585 20.04 -45.98 -33.37
CA ILE F 585 19.01 -46.24 -34.39
C ILE F 585 19.64 -46.73 -35.68
N ALA F 586 20.82 -46.21 -36.03
CA ALA F 586 21.39 -46.43 -37.35
C ALA F 586 21.62 -47.92 -37.61
N PRO F 587 21.48 -48.37 -38.86
CA PRO F 587 21.58 -49.80 -39.17
C PRO F 587 22.90 -50.42 -38.74
N VAL F 588 22.81 -51.33 -37.76
CA VAL F 588 23.87 -52.17 -37.20
C VAL F 588 25.27 -51.68 -37.54
N GLN F 589 26.09 -52.55 -38.14
CA GLN F 589 27.48 -52.31 -38.50
C GLN F 589 28.18 -51.29 -37.61
N GLN F 590 28.23 -50.05 -38.07
CA GLN F 590 29.03 -49.02 -37.43
C GLN F 590 28.54 -48.68 -36.03
N LYS F 591 29.28 -49.13 -35.02
CA LYS F 591 29.00 -48.79 -33.62
C LYS F 591 30.22 -48.36 -32.82
N GLY F 592 31.44 -48.72 -33.24
CA GLY F 592 32.62 -48.28 -32.52
C GLY F 592 32.89 -46.80 -32.62
N LEU F 593 32.31 -46.13 -33.62
CA LEU F 593 32.45 -44.69 -33.80
C LEU F 593 31.42 -43.91 -33.00
N GLU F 594 31.29 -44.23 -31.71
CA GLU F 594 30.39 -43.52 -30.82
C GLU F 594 31.12 -42.57 -29.89
N THR F 595 32.29 -42.99 -29.38
CA THR F 595 33.10 -42.11 -28.55
C THR F 595 33.62 -40.93 -29.35
N GLN F 596 34.05 -41.18 -30.59
CA GLN F 596 34.58 -40.12 -31.44
C GLN F 596 33.51 -39.05 -31.70
N LEU F 597 32.29 -39.49 -32.02
CA LEU F 597 31.21 -38.56 -32.28
C LEU F 597 30.78 -37.81 -31.02
N ALA F 598 30.81 -38.46 -29.86
CA ALA F 598 30.52 -37.77 -28.61
C ALA F 598 31.55 -36.68 -28.31
N SER F 599 32.83 -36.98 -28.54
CA SER F 599 33.87 -35.98 -28.38
C SER F 599 33.66 -34.81 -29.34
N LEU F 600 33.32 -35.14 -30.59
CA LEU F 600 33.05 -34.10 -31.57
C LEU F 600 31.90 -33.21 -31.13
N SER F 601 30.83 -33.82 -30.62
CA SER F 601 29.68 -33.04 -30.17
C SER F 601 30.03 -32.14 -29.00
N ASP F 602 30.80 -32.65 -28.03
CA ASP F 602 31.22 -31.82 -26.92
C ASP F 602 32.06 -30.63 -27.38
N VAL F 603 33.04 -30.87 -28.25
CA VAL F 603 33.87 -29.78 -28.74
C VAL F 603 33.03 -28.77 -29.52
N LEU F 604 32.07 -29.25 -30.30
CA LEU F 604 31.22 -28.35 -31.09
C LEU F 604 30.36 -27.48 -30.20
N GLY F 605 29.78 -28.04 -29.14
CA GLY F 605 29.00 -27.24 -28.20
C GLY F 605 29.83 -26.21 -27.49
N GLU F 606 31.04 -26.61 -27.08
CA GLU F 606 31.97 -25.68 -26.46
C GLU F 606 32.27 -24.52 -27.41
N PHE F 607 32.54 -24.83 -28.68
CA PHE F 607 32.83 -23.81 -29.66
C PHE F 607 31.65 -22.86 -29.85
N PHE F 608 30.44 -23.42 -29.91
CA PHE F 608 29.25 -22.59 -30.09
C PHE F 608 29.07 -21.62 -28.94
N GLN F 609 29.29 -22.10 -27.71
CA GLN F 609 29.11 -21.23 -26.56
C GLN F 609 30.17 -20.13 -26.52
N VAL F 610 31.43 -20.47 -26.80
CA VAL F 610 32.47 -19.45 -26.80
C VAL F 610 32.23 -18.43 -27.91
N ARG F 611 31.74 -18.89 -29.05
CA ARG F 611 31.36 -18.01 -30.15
C ARG F 611 30.28 -17.04 -29.72
N ASP F 612 29.26 -17.53 -29.03
CA ASP F 612 28.17 -16.67 -28.57
C ASP F 612 28.70 -15.62 -27.60
N ASP F 613 29.60 -16.04 -26.69
CA ASP F 613 30.20 -15.10 -25.75
C ASP F 613 30.92 -13.98 -26.49
N TYR F 614 31.79 -14.36 -27.43
CA TYR F 614 32.58 -13.38 -28.17
C TYR F 614 31.70 -12.45 -28.99
N LYS F 615 30.66 -12.99 -29.64
CA LYS F 615 29.78 -12.16 -30.44
C LYS F 615 29.01 -11.17 -29.58
N ASN F 616 28.47 -11.65 -28.45
CA ASN F 616 27.72 -10.76 -27.56
C ASN F 616 28.61 -9.67 -27.02
N LEU F 617 29.89 -9.98 -26.79
CA LEU F 617 30.80 -8.97 -26.26
C LEU F 617 31.21 -7.96 -27.32
N THR F 618 31.84 -8.43 -28.40
CA THR F 618 32.43 -7.52 -29.38
C THR F 618 31.36 -6.89 -30.27
N GLU F 619 30.61 -7.71 -30.99
CA GLU F 619 29.59 -7.20 -31.90
C GLU F 619 28.34 -6.78 -31.14
N LEU F 631 26.43 -7.94 -19.74
CA LEU F 631 25.79 -8.82 -18.78
C LEU F 631 24.61 -8.14 -18.08
N ASP F 632 23.59 -7.81 -18.87
CA ASP F 632 22.40 -7.17 -18.32
C ASP F 632 21.67 -8.08 -17.34
N GLU F 633 21.91 -9.40 -17.39
CA GLU F 633 21.34 -10.31 -16.42
C GLU F 633 22.44 -10.95 -15.58
N CYS F 634 23.59 -10.29 -15.52
CA CYS F 634 24.73 -10.73 -14.71
C CYS F 634 25.19 -12.13 -15.11
N LYS F 635 25.65 -12.22 -16.36
CA LYS F 635 26.13 -13.47 -16.92
C LYS F 635 27.66 -13.47 -16.96
N PHE F 636 28.25 -14.58 -16.53
CA PHE F 636 29.69 -14.77 -16.59
C PHE F 636 30.06 -15.39 -17.92
N SER F 637 30.98 -14.74 -18.62
CA SER F 637 31.43 -15.20 -19.93
C SER F 637 32.90 -15.58 -19.87
N TYR F 638 33.37 -16.22 -20.94
CA TYR F 638 34.77 -16.58 -21.02
C TYR F 638 35.71 -15.39 -20.96
N PRO F 639 35.49 -14.29 -21.69
CA PRO F 639 36.40 -13.14 -21.55
C PRO F 639 36.42 -12.55 -20.15
N LEU F 640 35.27 -12.52 -19.46
CA LEU F 640 35.18 -11.91 -18.15
C LEU F 640 35.92 -12.70 -17.09
N ILE F 641 35.91 -14.02 -17.16
CA ILE F 641 36.63 -14.84 -16.19
C ILE F 641 38.12 -14.57 -16.25
N HIS F 642 38.66 -14.44 -17.48
CA HIS F 642 40.08 -14.14 -17.63
C HIS F 642 40.43 -12.80 -17.00
N ALA F 643 39.60 -11.79 -17.21
CA ALA F 643 39.85 -10.48 -16.64
C ALA F 643 39.79 -10.52 -15.11
N LEU F 644 38.81 -11.22 -14.57
CA LEU F 644 38.65 -11.33 -13.12
C LEU F 644 39.74 -12.18 -12.48
N THR F 645 40.39 -13.07 -13.24
CA THR F 645 41.46 -13.90 -12.71
C THR F 645 42.83 -13.25 -12.83
N SER F 646 43.13 -12.65 -13.98
CA SER F 646 44.41 -12.00 -14.23
C SER F 646 44.61 -10.82 -13.29
N GLN F 647 43.55 -10.06 -13.04
CA GLN F 647 43.63 -8.87 -12.20
C GLN F 647 42.83 -9.08 -10.93
N PRO F 648 43.45 -9.59 -9.86
CA PRO F 648 42.70 -9.83 -8.62
C PRO F 648 42.52 -8.55 -7.80
N LYS F 649 42.87 -7.42 -8.38
CA LYS F 649 42.74 -6.15 -7.66
C LYS F 649 41.91 -5.12 -8.40
N ASN F 650 41.37 -5.44 -9.58
CA ASN F 650 40.57 -4.47 -10.32
C ASN F 650 39.24 -4.25 -9.63
N VAL F 651 39.13 -3.17 -8.85
CA VAL F 651 37.88 -2.89 -8.14
C VAL F 651 36.85 -2.26 -9.05
N GLN F 652 37.27 -1.58 -10.12
CA GLN F 652 36.33 -0.90 -11.00
C GLN F 652 35.41 -1.90 -11.70
N LEU F 653 36.00 -2.92 -12.32
CA LEU F 653 35.20 -3.94 -13.01
C LEU F 653 34.30 -4.67 -12.04
N ARG F 654 34.83 -5.03 -10.87
CA ARG F 654 34.05 -5.73 -9.87
C ARG F 654 32.90 -4.89 -9.34
N GLY F 655 33.06 -3.57 -9.31
CA GLY F 655 31.99 -2.71 -8.86
C GLY F 655 30.93 -2.50 -9.93
N ILE F 656 31.36 -2.43 -11.19
CA ILE F 656 30.38 -2.36 -12.27
C ILE F 656 29.56 -3.64 -12.34
N LEU F 657 30.21 -4.80 -12.18
CA LEU F 657 29.48 -6.05 -12.15
C LEU F 657 28.45 -6.10 -11.03
N GLN F 658 28.74 -5.49 -9.89
CA GLN F 658 27.79 -5.46 -8.78
C GLN F 658 26.69 -4.42 -8.98
N GLN F 659 26.99 -3.29 -9.61
CA GLN F 659 25.94 -2.36 -9.99
C GLN F 659 24.97 -3.01 -10.95
N SER F 660 25.46 -3.89 -11.82
CA SER F 660 24.59 -4.67 -12.70
C SER F 660 23.57 -5.46 -11.89
N ARG F 661 24.04 -6.14 -10.84
CA ARG F 661 23.17 -6.93 -9.98
C ARG F 661 22.18 -6.04 -9.23
N SER F 662 22.66 -4.92 -8.69
CA SER F 662 21.82 -4.03 -7.91
C SER F 662 20.70 -3.42 -8.74
N ALA F 663 21.01 -2.97 -9.95
CA ALA F 663 20.05 -2.30 -10.80
C ALA F 663 19.37 -3.24 -11.79
N GLY F 664 19.77 -4.51 -11.83
CA GLY F 664 19.19 -5.45 -12.77
C GLY F 664 19.46 -5.08 -14.21
N GLY F 665 20.69 -4.69 -14.52
CA GLY F 665 21.05 -4.29 -15.87
C GLY F 665 22.03 -3.13 -15.87
N LEU F 666 22.73 -2.97 -16.98
CA LEU F 666 23.71 -1.91 -17.14
C LEU F 666 23.33 -1.01 -18.31
N ASP F 667 23.65 0.27 -18.19
CA ASP F 667 23.41 1.22 -19.26
C ASP F 667 24.58 1.21 -20.24
N VAL F 668 24.46 2.00 -21.30
CA VAL F 668 25.47 1.99 -22.36
C VAL F 668 26.84 2.47 -21.89
N PRO F 669 26.97 3.60 -21.16
CA PRO F 669 28.31 4.02 -20.73
C PRO F 669 29.05 2.98 -19.90
N LEU F 670 28.32 2.32 -19.00
CA LEU F 670 28.96 1.29 -18.17
C LEU F 670 29.33 0.06 -18.98
N LYS F 671 28.52 -0.30 -19.98
CA LYS F 671 28.91 -1.37 -20.88
C LYS F 671 30.17 -1.03 -21.65
N GLU F 672 30.29 0.22 -22.12
CA GLU F 672 31.52 0.64 -22.78
C GLU F 672 32.70 0.59 -21.83
N THR F 673 32.49 0.97 -20.56
CA THR F 673 33.56 0.87 -19.57
C THR F 673 34.00 -0.57 -19.38
N VAL F 674 33.05 -1.49 -19.32
CA VAL F 674 33.40 -2.92 -19.17
C VAL F 674 34.17 -3.39 -20.40
N LEU F 675 33.72 -3.01 -21.59
CA LEU F 675 34.41 -3.42 -22.81
C LEU F 675 35.83 -2.88 -22.83
N SER F 676 36.02 -1.64 -22.40
CA SER F 676 37.36 -1.06 -22.34
C SER F 676 38.23 -1.80 -21.33
N HIS F 677 37.67 -2.14 -20.18
CA HIS F 677 38.41 -2.90 -19.18
C HIS F 677 38.80 -4.28 -19.67
N LEU F 678 37.97 -4.91 -20.49
CA LEU F 678 38.26 -6.25 -20.98
C LEU F 678 39.36 -6.27 -22.02
N ARG F 679 39.47 -5.22 -22.83
CA ARG F 679 40.51 -5.16 -23.87
C ARG F 679 41.79 -4.51 -23.38
N GLN F 680 41.85 -4.13 -22.11
CA GLN F 680 43.13 -3.74 -21.53
C GLN F 680 43.81 -4.89 -20.79
N ALA F 681 43.19 -6.06 -20.71
CA ALA F 681 43.81 -7.24 -20.13
C ALA F 681 44.04 -8.36 -21.13
N GLY F 682 43.75 -8.15 -22.40
CA GLY F 682 43.89 -9.18 -23.41
C GLY F 682 42.89 -10.30 -23.23
N SER F 683 41.65 -9.95 -22.87
CA SER F 683 40.59 -10.93 -22.73
C SER F 683 39.81 -11.16 -24.01
N ILE F 684 39.91 -10.26 -24.97
CA ILE F 684 39.37 -10.49 -26.30
C ILE F 684 40.35 -11.28 -27.16
N GLU F 685 41.65 -11.12 -26.93
CA GLU F 685 42.66 -11.88 -27.65
C GLU F 685 42.91 -13.24 -27.04
N TYR F 686 42.47 -13.47 -25.81
CA TYR F 686 42.53 -14.77 -25.16
C TYR F 686 41.33 -15.64 -25.51
N THR F 687 40.30 -15.05 -26.10
CA THR F 687 39.13 -15.78 -26.58
C THR F 687 39.28 -16.28 -28.01
N GLU F 688 39.90 -15.50 -28.89
CA GLU F 688 40.16 -15.97 -30.25
C GLU F 688 41.11 -17.15 -30.28
N ALA F 689 42.06 -17.21 -29.35
CA ALA F 689 42.94 -18.38 -29.24
C ALA F 689 42.13 -19.64 -28.93
N LYS F 690 41.17 -19.51 -28.01
CA LYS F 690 40.31 -20.64 -27.67
C LYS F 690 39.48 -21.08 -28.87
N MET F 691 38.93 -20.12 -29.61
CA MET F 691 38.13 -20.44 -30.78
C MET F 691 38.98 -21.14 -31.84
N GLY F 692 40.20 -20.65 -32.06
CA GLY F 692 41.08 -21.27 -33.03
C GLY F 692 41.48 -22.68 -32.64
N GLU F 693 41.79 -22.89 -31.35
CA GLU F 693 42.13 -24.23 -30.88
C GLU F 693 40.94 -25.17 -31.01
N LEU F 694 39.75 -24.70 -30.68
CA LEU F 694 38.56 -25.53 -30.80
C LEU F 694 38.26 -25.88 -32.25
N MET F 695 38.42 -24.93 -33.17
CA MET F 695 38.26 -25.22 -34.58
C MET F 695 39.32 -26.19 -35.11
N GLU F 696 40.56 -26.08 -34.65
CA GLU F 696 41.58 -27.04 -35.03
C GLU F 696 41.21 -28.44 -34.54
N LYS F 697 40.72 -28.54 -33.31
CA LYS F 697 40.27 -29.82 -32.78
C LYS F 697 39.09 -30.38 -33.58
N ILE F 698 38.14 -29.52 -33.96
CA ILE F 698 37.01 -29.94 -34.77
C ILE F 698 37.48 -30.47 -36.11
N THR F 699 38.41 -29.76 -36.76
CA THR F 699 38.94 -30.21 -38.03
C THR F 699 39.67 -31.54 -37.92
N ASP F 700 40.50 -31.71 -36.88
CA ASP F 700 41.19 -32.98 -36.70
C ASP F 700 40.21 -34.12 -36.44
N SER F 701 39.19 -33.87 -35.62
CA SER F 701 38.20 -34.90 -35.33
C SER F 701 37.44 -35.30 -36.58
N VAL F 702 37.07 -34.31 -37.40
CA VAL F 702 36.36 -34.60 -38.64
C VAL F 702 37.25 -35.39 -39.59
N VAL F 703 38.53 -35.02 -39.68
CA VAL F 703 39.45 -35.74 -40.57
C VAL F 703 39.60 -37.18 -40.11
N SER F 704 39.75 -37.38 -38.80
CA SER F 704 39.89 -38.74 -38.26
C SER F 704 38.63 -39.56 -38.48
N LEU F 705 37.48 -38.89 -38.51
CA LEU F 705 36.21 -39.57 -38.76
C LEU F 705 36.03 -39.99 -40.20
N GLU F 706 36.92 -39.56 -41.09
CA GLU F 706 36.89 -39.98 -42.49
C GLU F 706 37.86 -41.11 -42.79
N GLY F 707 38.86 -41.34 -41.96
CA GLY F 707 39.79 -42.43 -42.15
C GLY F 707 39.27 -43.78 -41.73
N GLU F 708 38.21 -43.82 -40.94
CA GLU F 708 37.58 -45.08 -40.54
C GLU F 708 36.31 -45.35 -41.33
N THR F 709 36.00 -44.50 -42.31
CA THR F 709 34.78 -44.64 -43.09
C THR F 709 35.08 -44.49 -44.57
P1 POP G . -48.44 -1.84 27.61
O1 POP G . -47.97 -1.65 26.19
O2 POP G . -47.30 -1.95 28.58
O3 POP G . -49.44 -2.95 27.74
O POP G . -49.20 -0.48 28.00
P2 POP G . -50.26 -0.15 29.17
O4 POP G . -50.21 1.33 29.42
O5 POP G . -51.59 -0.60 28.64
O6 POP G . -49.81 -0.95 30.36
#